data_8YR9
#
_entry.id   8YR9
#
_cell.length_a   1.00
_cell.length_b   1.00
_cell.length_c   1.00
_cell.angle_alpha   90.00
_cell.angle_beta   90.00
_cell.angle_gamma   90.00
#
_symmetry.space_group_name_H-M   'P 1'
#
loop_
_entity.id
_entity.type
_entity.pdbx_description
1 polymer 'Chloride anion exchanger'
2 non-polymer 'CHOLESTEROL HEMISUCCINATE'
3 non-polymer CHOLESTEROL
#
_entity_poly.entity_id   1
_entity_poly.type   'polypeptide(L)'
_entity_poly.pdbx_seq_one_letter_code
;MIEPFGNQYIVARPVYSTNAFEENHKKTGRHHKTFLDHLKVCCSCSPQKAKRIVLSLFPIASWLPAYRLKEWLLSDIVSG
ISTGIVAVLQGLAFALLVDIPPVYGLYASFFPAIIYLFFGTSRHISVGPFPILSMMVGLAVSGAVSKAVPDRNATTLGLP
NNSNNSSLLDDERVRVAAAASVTVLSGIIQLAFGILRIGFVVIYLSESLISGFTTAAAVHVLVSQLKFIFQLTVPSHTDP
VSIFKVLYSVFSQIEKTNIADLVTALIVLLVVSIVKEINQRFKDKLPVPIPIEFIMTVIAAGVSYGCDFKNRFKVAVVGD
MNPGFQPPITPDVETFQNTVGDCFGIAMVAFAVAFSVASVYSLKYDYPLDGNQELIALGLGNIVCGVFRGFAGSTALSRS
AVQESTGGKTQIAGLIGAIIVLIVVLAIGFLLAPLQKSVLAALALGNLKGMLMQFAEIGRLWRKDKYDCLIWIMTFIFTI
VLGLGLGLAASVAFQLLTIVFRTQFPKCSTLANIGRTNIYKNKKDYYDMYEPEGVKIFRCPSPIYFANIGFFRRKLIDAV
GFSPLRILRKRNKALRKIRKLQKQGLLQVTPKGFICTVDTIKDSDEELDNNQIEVLDQPINTTDLPFHIDWNDDLPLNIE
VPKISLHSLILDFSAVSFLDVSSVRGLKSILQEFIRIKVDVYIVGTDDDFIEKLNRYEFFDGEVKSSIFFLTIHDAVLHI
LMKKDYSTSKFNPSQEKDGKIDFTINTNGGLRNRVYEVPVETKF
;
_entity_poly.pdbx_strand_id   A,B
#
loop_
_chem_comp.id
_chem_comp.type
_chem_comp.name
_chem_comp.formula
CLR non-polymer CHOLESTEROL 'C27 H46 O'
Y01 non-polymer 'CHOLESTEROL HEMISUCCINATE' 'C31 H50 O4'
#
# COMPACT_ATOMS: atom_id res chain seq x y z
N GLN A 8 -39.01 -24.14 -7.75
CA GLN A 8 -37.96 -24.27 -6.75
C GLN A 8 -36.59 -24.23 -7.41
N TYR A 9 -35.58 -24.72 -6.69
CA TYR A 9 -34.21 -24.79 -7.17
C TYR A 9 -33.91 -26.26 -7.44
N ILE A 10 -34.04 -26.66 -8.70
CA ILE A 10 -33.85 -28.04 -9.12
C ILE A 10 -32.69 -28.09 -10.09
N VAL A 11 -31.66 -28.87 -9.76
CA VAL A 11 -30.47 -29.02 -10.59
C VAL A 11 -30.10 -30.49 -10.65
N ALA A 12 -29.83 -30.99 -11.85
CA ALA A 12 -29.40 -32.38 -12.07
C ALA A 12 -28.32 -32.37 -13.13
N ARG A 13 -27.07 -32.34 -12.70
CA ARG A 13 -25.93 -32.25 -13.60
C ARG A 13 -24.85 -33.20 -13.12
N PRO A 14 -23.95 -33.63 -14.00
CA PRO A 14 -22.80 -34.43 -13.55
C PRO A 14 -21.82 -33.59 -12.74
N VAL A 15 -21.07 -34.27 -11.88
CA VAL A 15 -20.09 -33.61 -11.03
C VAL A 15 -18.86 -33.27 -11.87
N TYR A 16 -18.46 -32.00 -11.84
CA TYR A 16 -17.35 -31.50 -12.64
C TYR A 16 -16.16 -31.18 -11.74
N SER A 17 -14.97 -31.18 -12.34
CA SER A 17 -13.73 -30.92 -11.63
C SER A 17 -12.83 -30.00 -12.44
N THR A 18 -13.45 -29.02 -13.13
CA THR A 18 -12.80 -27.94 -13.89
C THR A 18 -11.91 -28.48 -15.00
N ASN A 19 -11.84 -29.80 -15.15
CA ASN A 19 -11.14 -30.45 -16.24
C ASN A 19 -12.08 -31.26 -17.10
N ALA A 20 -12.93 -32.09 -16.48
CA ALA A 20 -14.03 -32.70 -17.22
C ALA A 20 -14.98 -31.64 -17.75
N PHE A 21 -15.15 -30.54 -17.02
CA PHE A 21 -15.97 -29.43 -17.51
C PHE A 21 -15.41 -28.87 -18.81
N GLU A 22 -14.10 -28.62 -18.84
CA GLU A 22 -13.48 -28.10 -20.05
C GLU A 22 -13.47 -29.12 -21.17
N GLU A 23 -13.31 -30.40 -20.84
CA GLU A 23 -13.36 -31.45 -21.86
C GLU A 23 -14.74 -31.53 -22.49
N ASN A 24 -15.80 -31.45 -21.67
CA ASN A 24 -17.15 -31.56 -22.20
C ASN A 24 -17.56 -30.31 -22.97
N HIS A 25 -17.27 -29.13 -22.42
CA HIS A 25 -17.66 -27.86 -23.02
C HIS A 25 -16.43 -27.23 -23.67
N LYS A 26 -16.43 -27.17 -24.99
CA LYS A 26 -15.29 -26.64 -25.73
C LYS A 26 -15.19 -25.13 -25.52
N LYS A 27 -13.99 -24.66 -25.20
CA LYS A 27 -13.76 -23.23 -25.04
C LYS A 27 -13.66 -22.55 -26.40
N THR A 28 -13.88 -21.24 -26.40
CA THR A 28 -13.84 -20.48 -27.65
C THR A 28 -12.42 -20.27 -28.16
N GLY A 29 -11.42 -20.50 -27.33
CA GLY A 29 -10.03 -20.31 -27.74
C GLY A 29 -9.71 -18.88 -28.10
N ARG A 30 -10.12 -17.94 -27.24
CA ARG A 30 -9.87 -16.53 -27.51
C ARG A 30 -8.38 -16.24 -27.53
N HIS A 31 -7.97 -15.32 -28.41
CA HIS A 31 -6.57 -14.95 -28.57
C HIS A 31 -6.33 -13.70 -27.72
N HIS A 32 -5.57 -13.88 -26.63
CA HIS A 32 -5.20 -12.74 -25.80
C HIS A 32 -4.22 -11.83 -26.54
N LYS A 33 -4.35 -10.53 -26.33
CA LYS A 33 -3.49 -9.57 -27.01
C LYS A 33 -2.08 -9.63 -26.43
N THR A 34 -1.09 -9.72 -27.31
CA THR A 34 0.30 -9.74 -26.90
C THR A 34 0.83 -8.32 -26.83
N PHE A 35 2.16 -8.17 -26.71
CA PHE A 35 2.76 -6.85 -26.67
C PHE A 35 3.16 -6.33 -28.04
N LEU A 36 3.41 -7.23 -29.00
CA LEU A 36 3.79 -6.79 -30.34
C LEU A 36 2.66 -6.05 -31.03
N ASP A 37 1.44 -6.58 -30.95
CA ASP A 37 0.29 -5.91 -31.56
C ASP A 37 -0.17 -4.70 -30.77
N HIS A 38 0.20 -4.60 -29.48
CA HIS A 38 -0.13 -3.41 -28.70
C HIS A 38 0.53 -2.18 -29.29
N LEU A 39 1.79 -2.29 -29.69
CA LEU A 39 2.48 -1.17 -30.32
C LEU A 39 2.03 -0.96 -31.76
N LYS A 40 1.62 -2.03 -32.44
CA LYS A 40 1.20 -1.91 -33.83
C LYS A 40 -0.04 -1.05 -33.97
N VAL A 41 -1.02 -1.23 -33.08
CA VAL A 41 -2.24 -0.42 -33.15
C VAL A 41 -2.01 1.00 -32.67
N CYS A 42 -1.00 1.24 -31.82
CA CYS A 42 -0.72 2.59 -31.36
C CYS A 42 -0.06 3.43 -32.45
N CYS A 43 0.82 2.82 -33.25
CA CYS A 43 1.52 3.52 -34.31
C CYS A 43 0.78 3.50 -35.64
N SER A 44 -0.36 2.82 -35.70
CA SER A 44 -1.15 2.75 -36.94
C SER A 44 -1.88 4.07 -37.12
N CYS A 45 -1.24 5.00 -37.82
CA CYS A 45 -1.81 6.32 -38.04
C CYS A 45 -2.88 6.27 -39.12
N SER A 46 -4.04 6.85 -38.82
CA SER A 46 -5.16 6.96 -39.76
C SER A 46 -5.68 8.39 -39.74
N PRO A 47 -6.26 8.86 -40.84
CA PRO A 47 -6.83 10.22 -40.84
C PRO A 47 -7.89 10.43 -39.77
N GLN A 48 -8.75 9.43 -39.55
CA GLN A 48 -9.80 9.58 -38.54
C GLN A 48 -9.21 9.66 -37.14
N LYS A 49 -8.22 8.82 -36.84
CA LYS A 49 -7.58 8.86 -35.53
C LYS A 49 -6.82 10.16 -35.33
N ALA A 50 -6.18 10.67 -36.39
CA ALA A 50 -5.47 11.94 -36.29
C ALA A 50 -6.45 13.08 -36.03
N LYS A 51 -7.60 13.08 -36.71
CA LYS A 51 -8.61 14.10 -36.47
C LYS A 51 -9.14 14.01 -35.04
N ARG A 52 -9.37 12.80 -34.55
CA ARG A 52 -9.83 12.62 -33.17
C ARG A 52 -8.80 13.15 -32.18
N ILE A 53 -7.52 12.84 -32.41
CA ILE A 53 -6.47 13.32 -31.52
C ILE A 53 -6.39 14.84 -31.54
N VAL A 54 -6.50 15.44 -32.73
CA VAL A 54 -6.43 16.90 -32.85
C VAL A 54 -7.61 17.53 -32.12
N LEU A 55 -8.81 16.97 -32.30
CA LEU A 55 -9.99 17.53 -31.63
C LEU A 55 -9.89 17.37 -30.11
N SER A 56 -9.32 16.27 -29.64
CA SER A 56 -9.13 16.10 -28.21
C SER A 56 -8.11 17.08 -27.67
N LEU A 57 -7.05 17.35 -28.43
CA LEU A 57 -6.04 18.30 -28.00
C LEU A 57 -6.55 19.74 -28.05
N PHE A 58 -7.53 20.01 -28.91
CA PHE A 58 -8.12 21.34 -29.05
C PHE A 58 -9.63 21.22 -28.88
N PRO A 59 -10.11 21.05 -27.64
CA PRO A 59 -11.55 20.91 -27.43
C PRO A 59 -12.35 22.14 -27.79
N ILE A 60 -11.72 23.32 -27.87
CA ILE A 60 -12.44 24.52 -28.28
C ILE A 60 -12.91 24.41 -29.72
N ALA A 61 -12.11 23.79 -30.57
CA ALA A 61 -12.52 23.58 -31.96
C ALA A 61 -13.74 22.67 -32.06
N SER A 62 -14.06 21.95 -30.99
CA SER A 62 -15.24 21.07 -30.97
C SER A 62 -16.43 21.74 -30.29
N TRP A 63 -16.23 22.40 -29.15
CA TRP A 63 -17.36 22.94 -28.42
C TRP A 63 -17.74 24.36 -28.84
N LEU A 64 -16.81 25.12 -29.41
CA LEU A 64 -17.13 26.49 -29.81
C LEU A 64 -18.07 26.55 -31.01
N PRO A 65 -17.84 25.82 -32.11
CA PRO A 65 -18.80 25.92 -33.24
C PRO A 65 -20.19 25.45 -32.87
N ALA A 66 -20.34 24.59 -31.87
CA ALA A 66 -21.63 24.12 -31.42
C ALA A 66 -22.31 25.07 -30.43
N TYR A 67 -21.86 26.33 -30.37
CA TYR A 67 -22.45 27.28 -29.46
C TYR A 67 -23.89 27.62 -29.86
N ARG A 68 -24.74 27.80 -28.86
CA ARG A 68 -26.14 28.15 -29.06
C ARG A 68 -26.34 29.59 -28.58
N LEU A 69 -26.26 30.53 -29.53
CA LEU A 69 -26.30 31.95 -29.21
C LEU A 69 -27.75 32.47 -29.19
N LYS A 70 -28.60 31.72 -28.48
CA LYS A 70 -29.97 32.16 -28.25
C LYS A 70 -30.33 32.05 -26.78
N GLU A 71 -29.73 31.08 -26.08
CA GLU A 71 -30.02 30.86 -24.68
C GLU A 71 -28.76 30.75 -23.81
N TRP A 72 -27.57 30.91 -24.39
CA TRP A 72 -26.33 30.80 -23.63
C TRP A 72 -25.57 32.11 -23.50
N LEU A 73 -25.77 33.07 -24.42
CA LEU A 73 -24.95 34.26 -24.44
C LEU A 73 -25.17 35.12 -23.20
N LEU A 74 -26.43 35.42 -22.88
CA LEU A 74 -26.72 36.31 -21.76
C LEU A 74 -26.32 35.69 -20.42
N SER A 75 -26.67 34.42 -20.22
CA SER A 75 -26.30 33.74 -18.99
C SER A 75 -24.78 33.64 -18.85
N ASP A 76 -24.09 33.32 -19.95
CA ASP A 76 -22.64 33.27 -19.93
C ASP A 76 -22.04 34.62 -19.60
N ILE A 77 -22.59 35.70 -20.16
CA ILE A 77 -22.06 37.03 -19.89
C ILE A 77 -22.24 37.40 -18.42
N VAL A 78 -23.43 37.13 -17.87
CA VAL A 78 -23.69 37.46 -16.47
C VAL A 78 -22.78 36.66 -15.55
N SER A 79 -22.68 35.35 -15.80
CA SER A 79 -21.81 34.50 -14.98
C SER A 79 -20.36 34.92 -15.12
N GLY A 80 -19.95 35.32 -16.33
CA GLY A 80 -18.58 35.77 -16.51
C GLY A 80 -18.27 37.04 -15.76
N ILE A 81 -19.21 38.00 -15.76
CA ILE A 81 -19.00 39.22 -15.00
C ILE A 81 -18.88 38.91 -13.50
N SER A 82 -19.79 38.09 -12.99
CA SER A 82 -19.77 37.75 -11.57
C SER A 82 -18.48 37.02 -11.20
N THR A 83 -18.09 36.03 -12.01
CA THR A 83 -16.89 35.26 -11.70
C THR A 83 -15.63 36.08 -11.92
N GLY A 84 -15.67 37.07 -12.81
CA GLY A 84 -14.53 37.97 -12.94
C GLY A 84 -14.33 38.84 -11.72
N ILE A 85 -15.42 39.38 -11.18
CA ILE A 85 -15.32 40.16 -9.95
C ILE A 85 -14.80 39.28 -8.82
N VAL A 86 -15.38 38.07 -8.69
CA VAL A 86 -14.96 37.16 -7.62
C VAL A 86 -13.50 36.75 -7.81
N ALA A 87 -13.08 36.55 -9.06
CA ALA A 87 -11.72 36.13 -9.33
C ALA A 87 -10.73 37.25 -9.03
N VAL A 88 -11.09 38.50 -9.35
CA VAL A 88 -10.22 39.63 -8.99
C VAL A 88 -10.05 39.69 -7.48
N LEU A 89 -11.17 39.60 -6.75
CA LEU A 89 -11.09 39.68 -5.29
C LEU A 89 -10.28 38.52 -4.72
N GLN A 90 -10.50 37.31 -5.22
CA GLN A 90 -9.84 36.14 -4.68
C GLN A 90 -8.35 36.12 -5.04
N GLY A 91 -8.00 36.59 -6.24
CA GLY A 91 -6.60 36.71 -6.58
C GLY A 91 -5.88 37.73 -5.73
N LEU A 92 -6.53 38.88 -5.47
CA LEU A 92 -5.94 39.85 -4.56
C LEU A 92 -5.76 39.26 -3.16
N ALA A 93 -6.74 38.48 -2.70
CA ALA A 93 -6.65 37.89 -1.37
C ALA A 93 -5.53 36.84 -1.31
N PHE A 94 -5.46 35.97 -2.31
CA PHE A 94 -4.51 34.85 -2.27
C PHE A 94 -3.09 35.26 -2.63
N ALA A 95 -2.91 36.40 -3.30
CA ALA A 95 -1.56 36.90 -3.54
C ALA A 95 -0.84 37.25 -2.25
N LEU A 96 -1.59 37.56 -1.19
CA LEU A 96 -0.98 37.89 0.09
C LEU A 96 -0.46 36.65 0.81
N LEU A 97 -1.08 35.50 0.58
CA LEU A 97 -0.65 34.27 1.23
C LEU A 97 0.75 33.86 0.78
N VAL A 98 1.06 34.06 -0.50
CA VAL A 98 2.41 33.81 -1.01
C VAL A 98 3.39 34.87 -0.55
N ASP A 99 2.89 36.00 -0.04
CA ASP A 99 3.69 37.16 0.36
C ASP A 99 4.36 37.79 -0.86
N ILE A 100 3.55 38.16 -1.84
CA ILE A 100 4.02 38.88 -3.04
C ILE A 100 3.08 40.04 -3.29
N PRO A 101 3.49 41.00 -4.11
CA PRO A 101 2.60 42.12 -4.42
C PRO A 101 1.29 41.62 -5.01
N PRO A 102 0.18 42.29 -4.71
CA PRO A 102 -1.14 41.73 -5.08
C PRO A 102 -1.37 41.55 -6.57
N VAL A 103 -0.73 42.35 -7.43
CA VAL A 103 -1.00 42.29 -8.86
C VAL A 103 -0.66 40.93 -9.46
N TYR A 104 0.26 40.19 -8.82
CA TYR A 104 0.54 38.85 -9.28
C TYR A 104 -0.66 37.92 -9.07
N GLY A 105 -1.50 38.22 -8.08
CA GLY A 105 -2.76 37.50 -7.95
C GLY A 105 -3.67 37.71 -9.15
N LEU A 106 -3.76 38.95 -9.63
CA LEU A 106 -4.53 39.21 -10.84
C LEU A 106 -3.93 38.51 -12.05
N TYR A 107 -2.59 38.51 -12.14
CA TYR A 107 -1.94 37.82 -13.25
C TYR A 107 -2.25 36.32 -13.24
N ALA A 108 -2.21 35.72 -12.05
CA ALA A 108 -2.49 34.29 -11.90
C ALA A 108 -3.98 33.96 -11.98
N SER A 109 -4.85 34.97 -11.85
CA SER A 109 -6.26 34.77 -12.13
C SER A 109 -6.59 34.99 -13.60
N PHE A 110 -5.73 35.69 -14.33
CA PHE A 110 -5.98 35.98 -15.74
C PHE A 110 -5.40 34.91 -16.67
N PHE A 111 -4.10 34.67 -16.59
CA PHE A 111 -3.44 33.86 -17.63
C PHE A 111 -3.94 32.42 -17.71
N PRO A 112 -3.97 31.63 -16.63
CA PRO A 112 -4.44 30.25 -16.77
C PRO A 112 -5.87 30.14 -17.25
N ALA A 113 -6.73 31.09 -16.91
CA ALA A 113 -8.09 31.07 -17.44
C ALA A 113 -8.10 31.22 -18.96
N ILE A 114 -7.26 32.12 -19.48
CA ILE A 114 -7.17 32.30 -20.92
C ILE A 114 -6.65 31.04 -21.60
N ILE A 115 -5.62 30.42 -21.01
CA ILE A 115 -5.08 29.19 -21.59
C ILE A 115 -6.11 28.07 -21.56
N TYR A 116 -6.84 27.96 -20.44
CA TYR A 116 -7.83 26.91 -20.28
C TYR A 116 -9.01 27.11 -21.21
N LEU A 117 -9.36 28.36 -21.54
CA LEU A 117 -10.43 28.60 -22.50
C LEU A 117 -10.19 27.85 -23.81
N PHE A 118 -8.92 27.72 -24.21
CA PHE A 118 -8.56 26.97 -25.41
C PHE A 118 -8.35 25.49 -25.12
N PHE A 119 -7.55 25.16 -24.11
CA PHE A 119 -7.04 23.80 -23.95
C PHE A 119 -7.84 22.94 -22.96
N GLY A 120 -8.92 23.46 -22.38
CA GLY A 120 -9.65 22.76 -21.34
C GLY A 120 -10.91 22.10 -21.83
N THR A 121 -11.28 21.00 -21.17
CA THR A 121 -12.45 20.22 -21.56
C THR A 121 -13.68 20.48 -20.69
N SER A 122 -13.50 20.93 -19.45
CA SER A 122 -14.63 21.23 -18.61
C SER A 122 -15.30 22.53 -19.04
N ARG A 123 -16.53 22.73 -18.59
CA ARG A 123 -17.36 23.85 -19.04
C ARG A 123 -17.87 24.74 -17.91
N HIS A 124 -17.56 24.42 -16.65
CA HIS A 124 -18.14 25.18 -15.55
C HIS A 124 -17.09 25.70 -14.57
N ILE A 125 -15.96 25.01 -14.46
CA ILE A 125 -14.94 25.40 -13.49
C ILE A 125 -14.27 26.69 -13.93
N SER A 126 -13.79 27.46 -12.95
CA SER A 126 -13.07 28.71 -13.18
C SER A 126 -11.65 28.54 -12.69
N VAL A 127 -10.68 28.80 -13.57
CA VAL A 127 -9.28 28.55 -13.29
C VAL A 127 -8.68 29.77 -12.60
N GLY A 128 -7.81 29.51 -11.62
CA GLY A 128 -7.16 30.56 -10.88
C GLY A 128 -6.45 30.03 -9.65
N PRO A 129 -6.24 30.89 -8.66
CA PRO A 129 -5.63 30.44 -7.40
C PRO A 129 -6.68 30.06 -6.36
N PHE A 130 -6.31 29.08 -5.54
CA PHE A 130 -7.10 28.71 -4.37
C PHE A 130 -6.17 28.55 -3.18
N PRO A 131 -6.69 28.77 -1.96
CA PRO A 131 -5.79 28.96 -0.80
C PRO A 131 -4.84 27.80 -0.54
N ILE A 132 -5.27 26.55 -0.75
CA ILE A 132 -4.40 25.42 -0.46
C ILE A 132 -3.16 25.47 -1.35
N LEU A 133 -3.37 25.62 -2.66
CA LEU A 133 -2.25 25.71 -3.60
C LEU A 133 -1.44 26.97 -3.36
N SER A 134 -2.11 28.07 -3.00
CA SER A 134 -1.39 29.32 -2.76
C SER A 134 -0.42 29.18 -1.60
N MET A 135 -0.87 28.58 -0.49
CA MET A 135 0.02 28.41 0.65
C MET A 135 1.07 27.33 0.39
N MET A 136 0.74 26.29 -0.39
CA MET A 136 1.77 25.32 -0.74
C MET A 136 2.86 25.97 -1.58
N VAL A 137 2.49 26.84 -2.51
CA VAL A 137 3.46 27.59 -3.29
C VAL A 137 4.26 28.52 -2.39
N GLY A 138 3.60 29.16 -1.42
CA GLY A 138 4.33 30.02 -0.49
C GLY A 138 5.34 29.28 0.34
N LEU A 139 4.97 28.09 0.83
CA LEU A 139 5.92 27.26 1.57
C LEU A 139 7.08 26.82 0.70
N ALA A 140 6.79 26.45 -0.56
CA ALA A 140 7.86 26.09 -1.49
C ALA A 140 8.80 27.27 -1.71
N VAL A 141 8.25 28.47 -1.85
CA VAL A 141 9.08 29.66 -2.04
C VAL A 141 9.94 29.92 -0.82
N SER A 142 9.35 29.79 0.37
CA SER A 142 10.10 30.00 1.61
C SER A 142 11.24 29.00 1.74
N GLY A 143 10.99 27.74 1.35
CA GLY A 143 12.04 26.75 1.36
C GLY A 143 13.13 27.03 0.33
N ALA A 144 12.73 27.54 -0.84
CA ALA A 144 13.69 27.80 -1.90
C ALA A 144 14.61 28.97 -1.55
N VAL A 145 14.02 30.07 -1.06
CA VAL A 145 14.83 31.24 -0.75
C VAL A 145 15.70 31.02 0.48
N SER A 146 15.42 29.99 1.28
CA SER A 146 16.23 29.66 2.43
C SER A 146 17.39 28.74 2.09
N LYS A 147 17.47 28.26 0.84
CA LYS A 147 18.54 27.38 0.41
C LYS A 147 19.37 27.98 -0.73
N ALA A 148 19.06 29.19 -1.17
CA ALA A 148 19.80 29.80 -2.26
C ALA A 148 21.22 30.15 -1.81
N VAL A 149 22.18 29.90 -2.70
CA VAL A 149 23.59 30.23 -2.39
C VAL A 149 23.76 31.73 -2.40
N PRO A 150 24.32 32.34 -1.35
CA PRO A 150 24.51 33.79 -1.35
C PRO A 150 25.49 34.23 -2.42
N ASP A 151 25.26 35.43 -2.95
CA ASP A 151 26.11 35.99 -3.99
C ASP A 151 27.38 36.62 -3.39
N LEU A 168 13.54 46.37 1.73
CA LEU A 168 12.43 45.43 1.72
C LEU A 168 11.90 45.22 0.31
N LEU A 169 12.17 46.19 -0.57
CA LEU A 169 11.72 46.08 -1.95
C LEU A 169 12.39 44.91 -2.67
N ASP A 170 13.69 44.71 -2.42
CA ASP A 170 14.40 43.60 -3.05
C ASP A 170 14.05 42.26 -2.42
N ASP A 171 13.43 42.26 -1.23
CA ASP A 171 13.06 41.00 -0.59
C ASP A 171 11.89 40.34 -1.31
N GLU A 172 10.95 41.13 -1.85
CA GLU A 172 9.82 40.55 -2.56
C GLU A 172 10.16 40.15 -3.99
N ARG A 173 11.19 40.75 -4.59
CA ARG A 173 11.56 40.40 -5.95
C ARG A 173 12.05 38.95 -6.04
N VAL A 174 12.89 38.53 -5.09
CA VAL A 174 13.38 37.15 -5.10
C VAL A 174 12.24 36.19 -4.82
N ARG A 175 11.29 36.57 -3.96
CA ARG A 175 10.13 35.73 -3.71
C ARG A 175 9.28 35.58 -4.97
N VAL A 176 9.09 36.66 -5.72
CA VAL A 176 8.34 36.60 -6.96
C VAL A 176 9.04 35.70 -7.96
N ALA A 177 10.36 35.85 -8.09
CA ALA A 177 11.12 35.00 -9.02
C ALA A 177 11.04 33.52 -8.62
N ALA A 178 11.16 33.24 -7.32
CA ALA A 178 11.06 31.87 -6.85
C ALA A 178 9.67 31.29 -7.11
N ALA A 179 8.62 32.09 -6.90
CA ALA A 179 7.27 31.62 -7.18
C ALA A 179 7.09 31.33 -8.66
N ALA A 180 7.60 32.21 -9.52
CA ALA A 180 7.50 31.98 -10.96
C ALA A 180 8.23 30.70 -11.36
N SER A 181 9.43 30.49 -10.83
CA SER A 181 10.17 29.27 -11.16
C SER A 181 9.46 28.02 -10.65
N VAL A 182 8.94 28.07 -9.42
CA VAL A 182 8.27 26.91 -8.84
C VAL A 182 7.04 26.56 -9.66
N THR A 183 6.25 27.57 -10.05
CA THR A 183 5.05 27.29 -10.81
C THR A 183 5.35 26.87 -12.24
N VAL A 184 6.44 27.38 -12.83
CA VAL A 184 6.85 26.88 -14.14
C VAL A 184 7.21 25.41 -14.06
N LEU A 185 7.96 25.02 -13.03
CA LEU A 185 8.32 23.62 -12.86
C LEU A 185 7.08 22.77 -12.61
N SER A 186 6.13 23.26 -11.81
CA SER A 186 4.90 22.52 -11.55
C SER A 186 4.09 22.34 -12.84
N GLY A 187 3.99 23.39 -13.65
CA GLY A 187 3.29 23.26 -14.91
C GLY A 187 3.98 22.31 -15.87
N ILE A 188 5.31 22.32 -15.88
CA ILE A 188 6.05 21.38 -16.72
C ILE A 188 5.78 19.95 -16.26
N ILE A 189 5.76 19.72 -14.95
CA ILE A 189 5.47 18.38 -14.41
C ILE A 189 4.05 17.95 -14.79
N GLN A 190 3.09 18.86 -14.66
CA GLN A 190 1.71 18.53 -15.02
C GLN A 190 1.58 18.22 -16.50
N LEU A 191 2.26 19.00 -17.35
CA LEU A 191 2.22 18.74 -18.79
C LEU A 191 2.86 17.40 -19.13
N ALA A 192 3.96 17.06 -18.46
CA ALA A 192 4.59 15.76 -18.68
C ALA A 192 3.67 14.64 -18.25
N PHE A 193 3.00 14.80 -17.11
CA PHE A 193 2.06 13.78 -16.66
C PHE A 193 0.90 13.61 -17.65
N GLY A 194 0.39 14.72 -18.18
CA GLY A 194 -0.67 14.64 -19.17
C GLY A 194 -0.22 13.99 -20.46
N ILE A 195 1.00 14.30 -20.90
CA ILE A 195 1.54 13.69 -22.12
C ILE A 195 1.73 12.19 -21.93
N LEU A 196 2.23 11.79 -20.76
CA LEU A 196 2.45 10.38 -20.47
C LEU A 196 1.15 9.59 -20.30
N ARG A 197 0.00 10.25 -20.37
CA ARG A 197 -1.31 9.59 -20.26
C ARG A 197 -1.44 8.82 -18.95
N ILE A 198 -0.95 9.42 -17.87
CA ILE A 198 -1.04 8.81 -16.54
C ILE A 198 -1.97 9.65 -15.68
N GLY A 199 -2.94 10.31 -16.31
CA GLY A 199 -3.87 11.17 -15.60
C GLY A 199 -4.88 10.44 -14.73
N PHE A 200 -4.66 9.14 -14.53
CA PHE A 200 -5.49 8.33 -13.66
C PHE A 200 -4.97 8.27 -12.23
N VAL A 201 -3.91 9.01 -11.91
CA VAL A 201 -3.35 9.00 -10.57
C VAL A 201 -4.27 9.64 -9.53
N VAL A 202 -5.38 10.24 -9.96
CA VAL A 202 -6.34 10.82 -9.03
C VAL A 202 -7.13 9.77 -8.27
N ILE A 203 -7.06 8.51 -8.69
CA ILE A 203 -7.80 7.44 -8.02
C ILE A 203 -7.02 6.83 -6.86
N TYR A 204 -5.76 7.22 -6.65
CA TYR A 204 -4.99 6.76 -5.51
C TYR A 204 -5.29 7.58 -4.25
N LEU A 205 -6.10 8.62 -4.35
CA LEU A 205 -6.48 9.46 -3.22
C LEU A 205 -7.92 9.13 -2.84
N SER A 206 -8.10 8.52 -1.69
CA SER A 206 -9.43 8.15 -1.24
C SER A 206 -10.23 9.40 -0.86
N GLU A 207 -11.56 9.22 -0.78
CA GLU A 207 -12.41 10.32 -0.35
C GLU A 207 -12.12 10.72 1.10
N SER A 208 -11.84 9.74 1.96
CA SER A 208 -11.46 10.05 3.34
C SER A 208 -10.15 10.82 3.40
N LEU A 209 -9.17 10.41 2.59
CA LEU A 209 -7.91 11.16 2.53
C LEU A 209 -8.14 12.59 2.03
N ILE A 210 -8.99 12.75 1.02
CA ILE A 210 -9.30 14.07 0.49
C ILE A 210 -9.95 14.92 1.58
N SER A 211 -10.91 14.35 2.30
CA SER A 211 -11.59 15.11 3.35
C SER A 211 -10.63 15.52 4.46
N GLY A 212 -9.77 14.59 4.90
CA GLY A 212 -8.82 14.92 5.94
C GLY A 212 -7.84 15.99 5.51
N PHE A 213 -7.31 15.86 4.29
CA PHE A 213 -6.36 16.85 3.79
C PHE A 213 -7.03 18.22 3.64
N THR A 214 -8.28 18.25 3.17
CA THR A 214 -8.98 19.52 3.03
C THR A 214 -9.23 20.17 4.38
N THR A 215 -9.62 19.37 5.39
CA THR A 215 -9.82 19.92 6.72
C THR A 215 -8.52 20.47 7.31
N ALA A 216 -7.42 19.72 7.15
CA ALA A 216 -6.14 20.19 7.65
C ALA A 216 -5.70 21.47 6.93
N ALA A 217 -5.91 21.52 5.61
CA ALA A 217 -5.59 22.73 4.87
C ALA A 217 -6.47 23.89 5.27
N ALA A 218 -7.73 23.63 5.62
CA ALA A 218 -8.60 24.68 6.13
C ALA A 218 -8.08 25.25 7.44
N VAL A 219 -7.65 24.36 8.35
CA VAL A 219 -7.05 24.82 9.59
C VAL A 219 -5.79 25.64 9.30
N HIS A 220 -5.00 25.19 8.33
CA HIS A 220 -3.80 25.91 7.94
C HIS A 220 -4.14 27.30 7.40
N VAL A 221 -5.18 27.40 6.58
CA VAL A 221 -5.61 28.70 6.06
C VAL A 221 -6.03 29.61 7.20
N LEU A 222 -6.81 29.09 8.13
CA LEU A 222 -7.29 29.89 9.25
C LEU A 222 -6.14 30.39 10.10
N VAL A 223 -5.12 29.54 10.30
CA VAL A 223 -3.96 29.95 11.08
C VAL A 223 -3.13 30.99 10.32
N SER A 224 -2.94 30.78 9.01
CA SER A 224 -2.07 31.64 8.23
C SER A 224 -2.67 33.04 8.05
N GLN A 225 -3.99 33.14 7.91
CA GLN A 225 -4.61 34.44 7.70
C GLN A 225 -4.68 35.28 8.97
N LEU A 226 -4.28 34.72 10.12
CA LEU A 226 -4.30 35.49 11.37
C LEU A 226 -3.30 36.65 11.32
N LYS A 227 -2.13 36.42 10.71
CA LYS A 227 -1.13 37.48 10.64
C LYS A 227 -1.61 38.67 9.81
N PHE A 228 -2.58 38.46 8.91
CA PHE A 228 -3.16 39.55 8.15
C PHE A 228 -4.40 40.13 8.82
N ILE A 229 -5.17 39.30 9.52
CA ILE A 229 -6.32 39.81 10.27
C ILE A 229 -5.86 40.74 11.38
N PHE A 230 -4.82 40.34 12.12
CA PHE A 230 -4.29 41.14 13.22
C PHE A 230 -3.26 42.16 12.77
N GLN A 231 -2.82 42.12 11.50
CA GLN A 231 -1.80 43.03 10.97
C GLN A 231 -0.51 42.94 11.78
N LEU A 232 0.09 41.75 11.76
CA LEU A 232 1.33 41.47 12.46
C LEU A 232 2.37 40.95 11.48
N THR A 233 3.65 41.20 11.80
CA THR A 233 4.76 40.74 10.99
C THR A 233 5.19 39.36 11.46
N VAL A 234 5.15 38.39 10.55
CA VAL A 234 5.49 37.01 10.88
C VAL A 234 6.50 36.49 9.86
N PRO A 235 7.66 35.97 10.30
CA PRO A 235 8.63 35.42 9.35
C PRO A 235 8.08 34.17 8.67
N SER A 236 8.55 33.95 7.45
CA SER A 236 8.14 32.78 6.67
C SER A 236 8.78 31.53 7.27
N HIS A 237 7.96 30.63 7.80
CA HIS A 237 8.44 29.45 8.47
C HIS A 237 8.68 28.31 7.48
N THR A 238 9.17 27.19 8.00
CA THR A 238 9.63 26.08 7.20
C THR A 238 8.67 24.88 7.34
N ASP A 239 8.74 23.98 6.36
CA ASP A 239 7.74 22.90 6.24
C ASP A 239 7.60 22.01 7.47
N PRO A 240 8.69 21.52 8.14
CA PRO A 240 8.53 20.52 9.20
C PRO A 240 7.37 20.74 10.16
N VAL A 241 7.34 21.89 10.84
CA VAL A 241 6.21 22.28 11.69
C VAL A 241 5.93 23.74 11.38
N SER A 242 4.98 24.00 10.50
CA SER A 242 4.71 25.35 10.02
C SER A 242 3.55 26.02 10.75
N ILE A 243 2.43 25.31 10.92
CA ILE A 243 1.24 25.92 11.51
C ILE A 243 1.50 26.32 12.96
N PHE A 244 2.16 25.46 13.73
CA PHE A 244 2.41 25.77 15.14
C PHE A 244 3.42 26.92 15.27
N LYS A 245 4.44 26.94 14.40
CA LYS A 245 5.39 28.06 14.43
C LYS A 245 4.70 29.37 14.09
N VAL A 246 3.82 29.36 13.08
CA VAL A 246 3.10 30.57 12.71
C VAL A 246 2.19 31.01 13.85
N LEU A 247 1.52 30.05 14.50
CA LEU A 247 0.65 30.37 15.62
C LEU A 247 1.43 31.00 16.76
N TYR A 248 2.59 30.44 17.09
CA TYR A 248 3.42 30.99 18.15
C TYR A 248 3.90 32.40 17.79
N SER A 249 4.32 32.60 16.55
CA SER A 249 4.79 33.92 16.12
C SER A 249 3.66 34.94 16.19
N VAL A 250 2.45 34.55 15.81
CA VAL A 250 1.31 35.46 15.84
C VAL A 250 0.93 35.80 17.27
N PHE A 251 0.87 34.80 18.14
CA PHE A 251 0.37 35.02 19.50
C PHE A 251 1.44 35.52 20.46
N SER A 252 2.70 35.55 20.04
CA SER A 252 3.73 36.19 20.86
C SER A 252 3.73 37.71 20.71
N GLN A 253 3.07 38.24 19.69
CA GLN A 253 2.96 39.68 19.46
C GLN A 253 1.50 40.12 19.40
N ILE A 254 0.63 39.42 20.13
CA ILE A 254 -0.79 39.74 20.11
C ILE A 254 -1.08 41.12 20.69
N GLU A 255 -0.17 41.66 21.50
CA GLU A 255 -0.35 43.00 22.04
C GLU A 255 -0.28 44.05 20.94
N LYS A 256 0.58 43.84 19.95
CA LYS A 256 0.80 44.79 18.87
C LYS A 256 -0.27 44.72 17.78
N THR A 257 -1.42 44.09 18.06
CA THR A 257 -2.47 44.00 17.06
C THR A 257 -3.13 45.36 16.85
N ASN A 258 -3.78 45.50 15.69
CA ASN A 258 -4.50 46.71 15.33
C ASN A 258 -5.98 46.49 15.57
N ILE A 259 -6.55 47.25 16.51
CA ILE A 259 -7.94 47.03 16.91
C ILE A 259 -8.89 47.41 15.79
N ALA A 260 -8.59 48.49 15.05
CA ALA A 260 -9.45 48.88 13.93
C ALA A 260 -9.43 47.83 12.83
N ASP A 261 -8.25 47.30 12.51
CA ASP A 261 -8.15 46.25 11.49
C ASP A 261 -8.89 45.00 11.93
N LEU A 262 -8.73 44.61 13.20
CA LEU A 262 -9.41 43.43 13.72
C LEU A 262 -10.93 43.61 13.66
N VAL A 263 -11.42 44.77 14.08
CA VAL A 263 -12.87 44.98 14.13
C VAL A 263 -13.45 45.05 12.72
N THR A 264 -12.74 45.67 11.77
CA THR A 264 -13.28 45.72 10.41
C THR A 264 -13.25 44.34 9.75
N ALA A 265 -12.22 43.54 10.03
CA ALA A 265 -12.21 42.17 9.55
C ALA A 265 -13.37 41.37 10.15
N LEU A 266 -13.64 41.56 11.44
CA LEU A 266 -14.73 40.84 12.08
C LEU A 266 -16.08 41.22 11.47
N ILE A 267 -16.30 42.52 11.26
CA ILE A 267 -17.58 42.94 10.66
C ILE A 267 -17.71 42.39 9.25
N VAL A 268 -16.65 42.47 8.45
CA VAL A 268 -16.73 41.98 7.08
C VAL A 268 -17.02 40.49 7.06
N LEU A 269 -16.32 39.72 7.90
CA LEU A 269 -16.54 38.28 7.95
C LEU A 269 -17.95 37.94 8.41
N LEU A 270 -18.44 38.63 9.44
CA LEU A 270 -19.78 38.34 9.96
C LEU A 270 -20.84 38.64 8.90
N VAL A 271 -20.73 39.79 8.24
CA VAL A 271 -21.72 40.16 7.23
C VAL A 271 -21.67 39.18 6.06
N VAL A 272 -20.47 38.81 5.63
CA VAL A 272 -20.34 37.88 4.50
C VAL A 272 -20.93 36.53 4.86
N SER A 273 -20.65 36.03 6.07
CA SER A 273 -21.20 34.74 6.48
C SER A 273 -22.72 34.79 6.56
N ILE A 274 -23.27 35.86 7.14
CA ILE A 274 -24.73 35.97 7.25
C ILE A 274 -25.37 36.02 5.87
N VAL A 275 -24.80 36.80 4.96
CA VAL A 275 -25.39 36.93 3.64
C VAL A 275 -25.27 35.62 2.86
N LYS A 276 -24.14 34.92 3.02
CA LYS A 276 -24.00 33.61 2.39
C LYS A 276 -25.03 32.63 2.92
N GLU A 277 -25.28 32.66 4.24
CA GLU A 277 -26.27 31.77 4.82
C GLU A 277 -27.67 32.06 4.27
N ILE A 278 -28.05 33.34 4.23
CA ILE A 278 -29.40 33.65 3.74
C ILE A 278 -29.49 33.37 2.24
N ASN A 279 -28.40 33.56 1.49
CA ASN A 279 -28.41 33.24 0.07
C ASN A 279 -28.60 31.74 -0.16
N GLN A 280 -27.91 30.91 0.63
CA GLN A 280 -28.07 29.46 0.49
C GLN A 280 -29.47 29.03 0.91
N ARG A 281 -30.02 29.64 1.96
CA ARG A 281 -31.34 29.24 2.44
C ARG A 281 -32.44 29.66 1.47
N PHE A 282 -32.38 30.90 0.98
CA PHE A 282 -33.40 31.46 0.10
C PHE A 282 -32.85 31.40 -1.32
N LYS A 283 -33.12 30.30 -2.02
CA LYS A 283 -32.60 30.07 -3.36
C LYS A 283 -33.64 30.29 -4.45
N ASP A 284 -34.84 29.74 -4.28
CA ASP A 284 -35.87 29.86 -5.31
C ASP A 284 -36.31 31.32 -5.49
N LYS A 285 -36.45 32.06 -4.39
CA LYS A 285 -36.89 33.44 -4.47
C LYS A 285 -35.80 34.41 -4.87
N LEU A 286 -34.54 33.98 -4.92
CA LEU A 286 -33.40 34.86 -5.16
C LEU A 286 -32.65 34.41 -6.41
N PRO A 287 -33.00 34.95 -7.58
CA PRO A 287 -32.16 34.75 -8.77
C PRO A 287 -30.91 35.60 -8.70
N VAL A 288 -29.93 35.23 -9.51
CA VAL A 288 -28.61 35.89 -9.61
C VAL A 288 -28.10 36.23 -8.21
N PRO A 289 -27.60 35.24 -7.47
CA PRO A 289 -27.31 35.43 -6.04
C PRO A 289 -26.47 36.68 -5.77
N ILE A 290 -26.72 37.28 -4.61
CA ILE A 290 -26.19 38.60 -4.28
C ILE A 290 -24.66 38.57 -4.29
N PRO A 291 -23.99 39.49 -4.98
CA PRO A 291 -22.53 39.56 -4.95
C PRO A 291 -22.03 40.25 -3.67
N ILE A 292 -22.05 39.48 -2.57
CA ILE A 292 -21.69 40.06 -1.28
C ILE A 292 -20.20 40.43 -1.26
N GLU A 293 -19.35 39.61 -1.88
CA GLU A 293 -17.94 39.97 -1.99
C GLU A 293 -17.79 41.35 -2.60
N PHE A 294 -18.43 41.58 -3.75
CA PHE A 294 -18.29 42.84 -4.46
C PHE A 294 -18.85 44.01 -3.65
N ILE A 295 -20.06 43.83 -3.09
CA ILE A 295 -20.70 44.96 -2.43
C ILE A 295 -19.96 45.34 -1.15
N MET A 296 -19.52 44.35 -0.36
CA MET A 296 -18.76 44.67 0.84
C MET A 296 -17.38 45.21 0.52
N THR A 297 -16.76 44.73 -0.57
CA THR A 297 -15.46 45.27 -0.96
C THR A 297 -15.58 46.74 -1.36
N VAL A 298 -16.59 47.09 -2.17
CA VAL A 298 -16.73 48.49 -2.56
C VAL A 298 -17.13 49.34 -1.37
N ILE A 299 -17.95 48.82 -0.46
CA ILE A 299 -18.32 49.56 0.74
C ILE A 299 -17.08 49.85 1.59
N ALA A 300 -16.24 48.84 1.78
CA ALA A 300 -15.03 49.02 2.58
C ALA A 300 -14.07 49.98 1.90
N ALA A 301 -13.92 49.88 0.58
CA ALA A 301 -13.03 50.80 -0.13
C ALA A 301 -13.53 52.25 -0.03
N GLY A 302 -14.84 52.45 -0.18
CA GLY A 302 -15.38 53.79 -0.05
C GLY A 302 -15.24 54.35 1.36
N VAL A 303 -15.45 53.50 2.37
CA VAL A 303 -15.28 53.94 3.75
C VAL A 303 -13.82 54.32 4.01
N SER A 304 -12.88 53.48 3.57
CA SER A 304 -11.48 53.74 3.81
C SER A 304 -11.00 54.99 3.07
N TYR A 305 -11.43 55.18 1.83
CA TYR A 305 -11.03 56.36 1.08
C TYR A 305 -11.61 57.64 1.67
N GLY A 306 -12.91 57.61 1.98
CA GLY A 306 -13.55 58.80 2.53
C GLY A 306 -13.04 59.17 3.91
N CYS A 307 -12.88 58.18 4.79
CA CYS A 307 -12.45 58.42 6.16
C CYS A 307 -10.93 58.34 6.34
N ASP A 308 -10.19 58.07 5.26
CA ASP A 308 -8.73 58.02 5.29
C ASP A 308 -8.22 56.99 6.31
N PHE A 309 -8.54 55.73 6.02
CA PHE A 309 -8.08 54.64 6.88
C PHE A 309 -6.64 54.26 6.57
N LYS A 310 -5.76 55.25 6.52
CA LYS A 310 -4.33 55.02 6.40
C LYS A 310 -3.49 55.93 7.27
N ASN A 311 -4.04 57.02 7.80
CA ASN A 311 -3.35 57.93 8.70
C ASN A 311 -4.08 58.13 10.01
N ARG A 312 -5.42 58.13 10.00
CA ARG A 312 -6.17 58.11 11.25
C ARG A 312 -5.88 56.85 12.04
N PHE A 313 -5.84 55.71 11.35
CA PHE A 313 -5.40 54.44 11.89
C PHE A 313 -4.17 53.97 11.12
N LYS A 314 -3.53 52.92 11.63
CA LYS A 314 -2.34 52.36 11.02
C LYS A 314 -2.65 51.07 10.28
N VAL A 315 -3.81 51.02 9.62
CA VAL A 315 -4.21 49.83 8.88
C VAL A 315 -3.38 49.73 7.61
N ALA A 316 -2.77 48.57 7.39
CA ALA A 316 -2.04 48.34 6.16
C ALA A 316 -3.00 48.25 4.99
N VAL A 317 -2.62 48.85 3.85
CA VAL A 317 -3.47 48.91 2.69
C VAL A 317 -2.73 48.32 1.49
N VAL A 318 -3.51 47.92 0.49
CA VAL A 318 -2.94 47.41 -0.75
C VAL A 318 -2.29 48.57 -1.50
N GLY A 319 -1.02 48.41 -1.84
CA GLY A 319 -0.28 49.48 -2.49
C GLY A 319 -0.76 49.74 -3.90
N ASP A 320 -0.34 50.87 -4.44
CA ASP A 320 -0.71 51.28 -5.79
C ASP A 320 0.01 50.36 -6.78
N MET A 321 -0.70 49.35 -7.27
CA MET A 321 -0.11 48.41 -8.22
C MET A 321 0.16 49.10 -9.55
N ASN A 322 1.23 48.66 -10.21
CA ASN A 322 1.61 49.24 -11.49
C ASN A 322 0.60 48.83 -12.56
N PRO A 323 -0.05 49.77 -13.24
CA PRO A 323 -1.04 49.39 -14.26
C PRO A 323 -0.37 48.81 -15.50
N GLY A 324 -0.62 47.53 -15.75
CA GLY A 324 -0.05 46.85 -16.90
C GLY A 324 0.60 45.54 -16.50
N PHE A 325 0.98 44.78 -17.53
CA PHE A 325 1.61 43.49 -17.34
C PHE A 325 3.11 43.66 -17.16
N GLN A 326 3.82 42.54 -17.07
CA GLN A 326 5.26 42.55 -16.86
C GLN A 326 5.93 41.62 -17.86
N PRO A 327 7.16 41.93 -18.27
CA PRO A 327 7.84 41.09 -19.26
C PRO A 327 8.12 39.71 -18.70
N PRO A 328 8.16 38.69 -19.55
CA PRO A 328 8.44 37.33 -19.07
C PRO A 328 9.88 37.19 -18.60
N ILE A 329 10.09 36.21 -17.73
CA ILE A 329 11.41 35.94 -17.16
C ILE A 329 11.74 34.46 -17.32
N THR A 330 13.03 34.16 -17.37
CA THR A 330 13.49 32.78 -17.47
C THR A 330 13.45 32.13 -16.09
N PRO A 331 12.82 30.97 -15.95
CA PRO A 331 12.78 30.30 -14.64
C PRO A 331 14.16 29.92 -14.16
N ASP A 332 14.33 29.92 -12.84
CA ASP A 332 15.64 29.69 -12.22
C ASP A 332 15.90 28.19 -12.10
N VAL A 333 17.00 27.74 -12.71
CA VAL A 333 17.39 26.34 -12.61
C VAL A 333 17.75 25.98 -11.17
N GLU A 334 18.32 26.93 -10.43
CA GLU A 334 18.63 26.69 -9.01
C GLU A 334 17.36 26.38 -8.22
N THR A 335 16.30 27.17 -8.43
CA THR A 335 15.02 26.90 -7.78
C THR A 335 14.43 25.59 -8.26
N PHE A 336 14.56 25.30 -9.57
CA PHE A 336 14.13 24.02 -10.10
C PHE A 336 14.75 22.86 -9.34
N GLN A 337 16.06 22.92 -9.13
CA GLN A 337 16.76 21.86 -8.42
C GLN A 337 16.39 21.85 -6.94
N ASN A 338 16.15 23.02 -6.35
CA ASN A 338 15.91 23.10 -4.92
C ASN A 338 14.54 22.56 -4.54
N THR A 339 13.51 22.86 -5.33
CA THR A 339 12.13 22.59 -4.93
C THR A 339 11.45 21.53 -5.79
N VAL A 340 12.17 20.44 -6.11
CA VAL A 340 11.59 19.41 -6.96
C VAL A 340 10.41 18.72 -6.26
N GLY A 341 10.61 18.32 -5.00
CA GLY A 341 9.54 17.65 -4.29
C GLY A 341 8.34 18.56 -4.03
N ASP A 342 8.61 19.82 -3.70
CA ASP A 342 7.52 20.77 -3.49
C ASP A 342 6.74 21.00 -4.78
N CYS A 343 7.44 21.09 -5.92
CA CYS A 343 6.74 21.25 -7.19
C CYS A 343 5.93 20.02 -7.55
N PHE A 344 6.46 18.83 -7.27
CA PHE A 344 5.69 17.61 -7.50
C PHE A 344 4.42 17.60 -6.66
N GLY A 345 4.54 17.96 -5.38
CA GLY A 345 3.37 18.03 -4.53
C GLY A 345 2.36 19.06 -5.00
N ILE A 346 2.86 20.23 -5.45
CA ILE A 346 1.97 21.28 -5.94
C ILE A 346 1.21 20.79 -7.16
N ALA A 347 1.92 20.16 -8.11
CA ALA A 347 1.26 19.67 -9.31
C ALA A 347 0.22 18.61 -8.98
N MET A 348 0.56 17.66 -8.10
CA MET A 348 -0.38 16.60 -7.74
C MET A 348 -1.61 17.17 -7.05
N VAL A 349 -1.41 18.09 -6.11
CA VAL A 349 -2.52 18.67 -5.37
C VAL A 349 -3.41 19.48 -6.31
N ALA A 350 -2.80 20.26 -7.21
CA ALA A 350 -3.59 21.06 -8.15
C ALA A 350 -4.42 20.18 -9.07
N PHE A 351 -3.80 19.11 -9.61
CA PHE A 351 -4.54 18.23 -10.50
C PHE A 351 -5.68 17.53 -9.76
N ALA A 352 -5.41 17.05 -8.54
CA ALA A 352 -6.46 16.37 -7.78
C ALA A 352 -7.61 17.31 -7.45
N VAL A 353 -7.29 18.53 -7.02
CA VAL A 353 -8.34 19.50 -6.70
C VAL A 353 -9.16 19.83 -7.93
N ALA A 354 -8.48 20.06 -9.07
CA ALA A 354 -9.20 20.40 -10.29
C ALA A 354 -10.10 19.25 -10.73
N PHE A 355 -9.61 18.02 -10.69
CA PHE A 355 -10.44 16.89 -11.09
C PHE A 355 -11.62 16.71 -10.15
N SER A 356 -11.40 16.85 -8.83
CA SER A 356 -12.49 16.69 -7.88
C SER A 356 -13.55 17.76 -8.07
N VAL A 357 -13.14 19.01 -8.33
CA VAL A 357 -14.11 20.07 -8.54
C VAL A 357 -14.85 19.89 -9.85
N ALA A 358 -14.14 19.48 -10.92
CA ALA A 358 -14.76 19.39 -12.23
C ALA A 358 -15.67 18.17 -12.35
N SER A 359 -15.39 17.10 -11.59
CA SER A 359 -16.19 15.89 -11.70
C SER A 359 -17.62 16.12 -11.26
N VAL A 360 -17.82 16.95 -10.23
CA VAL A 360 -19.17 17.22 -9.74
C VAL A 360 -20.02 17.84 -10.85
N TYR A 361 -19.51 18.88 -11.49
CA TYR A 361 -20.26 19.54 -12.56
C TYR A 361 -20.38 18.66 -13.79
N SER A 362 -19.34 17.86 -14.09
CA SER A 362 -19.43 16.96 -15.24
C SER A 362 -20.52 15.93 -15.04
N LEU A 363 -20.63 15.37 -13.83
CA LEU A 363 -21.72 14.44 -13.55
C LEU A 363 -23.07 15.14 -13.51
N LYS A 364 -23.10 16.38 -13.02
CA LYS A 364 -24.36 17.12 -12.94
C LYS A 364 -24.92 17.42 -14.33
N TYR A 365 -24.06 17.80 -15.28
CA TYR A 365 -24.52 18.24 -16.59
C TYR A 365 -24.27 17.23 -17.71
N ASP A 366 -23.76 16.05 -17.39
CA ASP A 366 -23.67 14.93 -18.33
C ASP A 366 -22.84 15.30 -19.57
N TYR A 367 -21.57 15.60 -19.34
CA TYR A 367 -20.61 15.70 -20.43
C TYR A 367 -19.33 14.99 -20.03
N PRO A 368 -18.62 14.40 -20.99
CA PRO A 368 -17.42 13.63 -20.65
C PRO A 368 -16.29 14.51 -20.15
N LEU A 369 -15.45 13.93 -19.30
CA LEU A 369 -14.27 14.58 -18.77
C LEU A 369 -13.04 13.77 -19.13
N ASP A 370 -11.99 14.45 -19.55
CA ASP A 370 -10.73 13.82 -19.95
C ASP A 370 -9.66 14.22 -18.94
N GLY A 371 -9.17 13.24 -18.17
CA GLY A 371 -8.15 13.53 -17.18
C GLY A 371 -6.84 13.99 -17.79
N ASN A 372 -6.40 13.31 -18.86
CA ASN A 372 -5.16 13.68 -19.52
C ASN A 372 -5.26 15.08 -20.14
N GLN A 373 -6.40 15.38 -20.78
CA GLN A 373 -6.59 16.71 -21.35
C GLN A 373 -6.61 17.77 -20.26
N GLU A 374 -7.25 17.47 -19.13
CA GLU A 374 -7.25 18.40 -18.00
C GLU A 374 -5.83 18.63 -17.50
N LEU A 375 -5.04 17.57 -17.39
CA LEU A 375 -3.65 17.72 -16.95
C LEU A 375 -2.85 18.57 -17.91
N ILE A 376 -3.03 18.33 -19.22
CA ILE A 376 -2.30 19.11 -20.23
C ILE A 376 -2.69 20.58 -20.15
N ALA A 377 -3.98 20.87 -20.05
CA ALA A 377 -4.44 22.25 -19.97
C ALA A 377 -3.90 22.94 -18.72
N LEU A 378 -3.97 22.27 -17.57
CA LEU A 378 -3.46 22.86 -16.33
C LEU A 378 -1.96 23.10 -16.42
N GLY A 379 -1.22 22.14 -16.97
CA GLY A 379 0.21 22.32 -17.11
C GLY A 379 0.57 23.48 -18.00
N LEU A 380 -0.10 23.60 -19.15
CA LEU A 380 0.18 24.72 -20.06
C LEU A 380 -0.19 26.05 -19.42
N GLY A 381 -1.33 26.10 -18.72
CA GLY A 381 -1.71 27.34 -18.05
C GLY A 381 -0.73 27.74 -16.98
N ASN A 382 -0.29 26.79 -16.16
CA ASN A 382 0.69 27.08 -15.12
C ASN A 382 2.01 27.51 -15.71
N ILE A 383 2.43 26.88 -16.81
CA ILE A 383 3.68 27.23 -17.47
C ILE A 383 3.61 28.68 -17.96
N VAL A 384 2.51 29.03 -18.64
CA VAL A 384 2.37 30.39 -19.17
C VAL A 384 2.32 31.41 -18.03
N CYS A 385 1.56 31.09 -16.97
CA CYS A 385 1.44 32.03 -15.85
C CYS A 385 2.78 32.23 -15.15
N GLY A 386 3.54 31.15 -14.94
CA GLY A 386 4.84 31.29 -14.32
C GLY A 386 5.82 32.04 -15.20
N VAL A 387 5.74 31.84 -16.52
CA VAL A 387 6.59 32.58 -17.45
C VAL A 387 6.27 34.06 -17.36
N PHE A 388 4.99 34.41 -17.28
CA PHE A 388 4.55 35.80 -17.22
C PHE A 388 4.44 36.33 -15.79
N ARG A 389 5.23 35.79 -14.85
CA ARG A 389 5.33 36.27 -13.48
C ARG A 389 3.97 36.24 -12.78
N GLY A 390 3.49 35.01 -12.57
CA GLY A 390 2.33 34.74 -11.76
C GLY A 390 2.64 33.68 -10.72
N PHE A 391 1.62 32.88 -10.39
CA PHE A 391 1.82 31.71 -9.54
C PHE A 391 0.79 30.66 -9.92
N ALA A 392 0.72 29.59 -9.13
CA ALA A 392 0.06 28.36 -9.56
C ALA A 392 -1.44 28.60 -9.78
N GLY A 393 -1.98 27.91 -10.77
CA GLY A 393 -3.38 28.09 -11.15
C GLY A 393 -4.12 26.78 -11.26
N SER A 394 -5.34 26.76 -10.74
CA SER A 394 -6.25 25.63 -10.83
C SER A 394 -7.67 26.17 -10.62
N THR A 395 -8.62 25.30 -10.35
CA THR A 395 -9.98 25.75 -10.07
C THR A 395 -10.24 25.73 -8.58
N ALA A 396 -10.95 26.75 -8.11
CA ALA A 396 -11.36 26.86 -6.72
C ALA A 396 -12.83 26.51 -6.60
N LEU A 397 -13.20 25.82 -5.52
CA LEU A 397 -14.59 25.40 -5.34
C LEU A 397 -15.51 26.60 -5.24
N SER A 398 -15.09 27.64 -4.50
CA SER A 398 -15.94 28.82 -4.33
C SER A 398 -16.19 29.51 -5.67
N ARG A 399 -15.13 29.75 -6.44
CA ARG A 399 -15.29 30.42 -7.73
C ARG A 399 -16.10 29.56 -8.70
N SER A 400 -15.87 28.25 -8.70
CA SER A 400 -16.63 27.36 -9.57
C SER A 400 -18.11 27.37 -9.20
N ALA A 401 -18.42 27.34 -7.90
CA ALA A 401 -19.81 27.39 -7.47
C ALA A 401 -20.46 28.72 -7.85
N VAL A 402 -19.72 29.82 -7.69
CA VAL A 402 -20.27 31.13 -8.07
C VAL A 402 -20.58 31.16 -9.56
N GLN A 403 -19.63 30.67 -10.39
CA GLN A 403 -19.83 30.67 -11.83
C GLN A 403 -21.00 29.77 -12.23
N GLU A 404 -21.12 28.61 -11.59
CA GLU A 404 -22.22 27.70 -11.93
C GLU A 404 -23.57 28.26 -11.51
N SER A 405 -23.64 28.83 -10.30
CA SER A 405 -24.91 29.36 -9.81
C SER A 405 -25.35 30.59 -10.58
N THR A 406 -24.40 31.44 -10.98
CA THR A 406 -24.76 32.67 -11.68
C THR A 406 -25.34 32.39 -13.07
N GLY A 407 -25.10 31.22 -13.64
CA GLY A 407 -25.63 30.90 -14.95
C GLY A 407 -24.58 30.51 -15.96
N GLY A 408 -23.44 30.02 -15.48
CA GLY A 408 -22.38 29.60 -16.38
C GLY A 408 -22.78 28.39 -17.19
N LYS A 409 -22.63 28.49 -18.51
CA LYS A 409 -22.92 27.39 -19.43
C LYS A 409 -21.68 26.84 -20.11
N THR A 410 -20.78 27.71 -20.56
CA THR A 410 -19.55 27.29 -21.22
C THR A 410 -18.35 28.02 -20.63
N GLN A 411 -17.19 27.90 -21.26
CA GLN A 411 -16.00 28.62 -20.84
C GLN A 411 -16.00 30.07 -21.31
N ILE A 412 -17.02 30.50 -22.04
CA ILE A 412 -17.15 31.91 -22.38
C ILE A 412 -17.30 32.74 -21.11
N ALA A 413 -17.91 32.17 -20.07
CA ALA A 413 -17.92 32.83 -18.77
C ALA A 413 -16.51 33.02 -18.24
N GLY A 414 -15.65 32.01 -18.40
CA GLY A 414 -14.26 32.17 -18.01
C GLY A 414 -13.55 33.23 -18.82
N LEU A 415 -13.85 33.31 -20.12
CA LEU A 415 -13.26 34.35 -20.95
C LEU A 415 -13.70 35.74 -20.49
N ILE A 416 -14.99 35.89 -20.15
CA ILE A 416 -15.48 37.17 -19.66
C ILE A 416 -14.84 37.53 -18.33
N GLY A 417 -14.65 36.52 -17.46
CA GLY A 417 -13.95 36.77 -16.22
C GLY A 417 -12.51 37.21 -16.43
N ALA A 418 -11.83 36.58 -17.39
CA ALA A 418 -10.47 37.00 -17.74
C ALA A 418 -10.47 38.42 -18.29
N ILE A 419 -11.49 38.78 -19.07
CA ILE A 419 -11.60 40.14 -19.58
C ILE A 419 -11.78 41.14 -18.44
N ILE A 420 -12.61 40.78 -17.45
CA ILE A 420 -12.81 41.65 -16.30
C ILE A 420 -11.51 41.80 -15.51
N VAL A 421 -10.77 40.70 -15.34
CA VAL A 421 -9.48 40.77 -14.65
C VAL A 421 -8.52 41.67 -15.41
N LEU A 422 -8.50 41.55 -16.75
CA LEU A 422 -7.64 42.40 -17.57
C LEU A 422 -8.02 43.87 -17.43
N ILE A 423 -9.32 44.16 -17.39
CA ILE A 423 -9.78 45.53 -17.20
C ILE A 423 -9.33 46.06 -15.85
N VAL A 424 -9.44 45.24 -14.80
CA VAL A 424 -8.97 45.65 -13.47
C VAL A 424 -7.48 45.92 -13.50
N VAL A 425 -6.71 45.07 -14.18
CA VAL A 425 -5.26 45.24 -14.23
C VAL A 425 -4.90 46.53 -14.95
N LEU A 426 -5.56 46.80 -16.08
CA LEU A 426 -5.13 47.89 -16.96
C LEU A 426 -5.75 49.23 -16.56
N ALA A 427 -7.08 49.33 -16.58
CA ALA A 427 -7.74 50.62 -16.49
C ALA A 427 -8.00 51.03 -15.04
N ILE A 428 -8.78 50.24 -14.31
CA ILE A 428 -9.15 50.58 -12.92
C ILE A 428 -8.10 49.93 -12.02
N GLY A 429 -6.97 50.62 -11.88
CA GLY A 429 -5.90 50.16 -11.02
C GLY A 429 -5.72 51.06 -9.83
N PHE A 430 -6.09 52.33 -9.98
CA PHE A 430 -6.06 53.26 -8.85
C PHE A 430 -7.05 52.84 -7.76
N LEU A 431 -8.15 52.18 -8.14
CA LEU A 431 -9.05 51.61 -7.15
C LEU A 431 -8.41 50.40 -6.49
N LEU A 432 -9.08 49.90 -5.45
CA LEU A 432 -8.61 48.76 -4.66
C LEU A 432 -7.32 49.09 -3.93
N ALA A 433 -6.87 50.35 -4.02
CA ALA A 433 -5.72 50.83 -3.27
C ALA A 433 -6.10 51.17 -1.83
N PRO A 434 -7.25 51.83 -1.57
CA PRO A 434 -7.64 52.03 -0.16
C PRO A 434 -8.18 50.76 0.49
N LEU A 435 -8.08 49.63 -0.21
CA LEU A 435 -8.48 48.36 0.37
C LEU A 435 -7.62 48.04 1.59
N GLN A 436 -8.24 47.41 2.58
CA GLN A 436 -7.65 47.30 3.90
C GLN A 436 -6.67 46.14 4.04
N LYS A 437 -6.43 45.37 2.97
CA LYS A 437 -5.45 44.30 2.95
C LYS A 437 -5.78 43.19 3.95
N SER A 438 -6.90 43.34 4.66
CA SER A 438 -7.42 42.31 5.55
C SER A 438 -8.90 42.04 5.35
N VAL A 439 -9.64 42.93 4.69
CA VAL A 439 -10.97 42.57 4.22
C VAL A 439 -10.87 41.41 3.25
N LEU A 440 -9.78 41.36 2.47
CA LEU A 440 -9.51 40.19 1.64
C LEU A 440 -9.30 38.95 2.49
N ALA A 441 -8.58 39.10 3.61
CA ALA A 441 -8.39 37.97 4.52
C ALA A 441 -9.72 37.47 5.08
N ALA A 442 -10.60 38.40 5.46
CA ALA A 442 -11.91 38.01 5.96
C ALA A 442 -12.76 37.36 4.86
N LEU A 443 -12.65 37.84 3.62
CA LEU A 443 -13.35 37.19 2.52
C LEU A 443 -12.86 35.78 2.31
N ALA A 444 -11.54 35.57 2.40
CA ALA A 444 -11.01 34.21 2.31
C ALA A 444 -11.49 33.36 3.48
N LEU A 445 -11.58 33.94 4.67
CA LEU A 445 -12.09 33.22 5.83
C LEU A 445 -13.56 32.84 5.65
N GLY A 446 -14.31 33.66 4.90
CA GLY A 446 -15.71 33.37 4.67
C GLY A 446 -15.94 32.09 3.88
N ASN A 447 -14.96 31.66 3.10
CA ASN A 447 -15.06 30.41 2.34
C ASN A 447 -14.67 29.19 3.16
N LEU A 448 -14.27 29.39 4.41
CA LEU A 448 -13.80 28.30 5.26
C LEU A 448 -14.94 27.49 5.87
N LYS A 449 -16.18 27.95 5.76
CA LYS A 449 -17.30 27.25 6.38
C LYS A 449 -17.48 25.86 5.77
N GLY A 450 -17.45 25.78 4.44
CA GLY A 450 -17.64 24.49 3.79
C GLY A 450 -16.56 23.48 4.13
N MET A 451 -15.30 23.95 4.18
CA MET A 451 -14.19 23.06 4.52
C MET A 451 -14.26 22.63 5.97
N LEU A 452 -14.51 23.57 6.88
CA LEU A 452 -14.54 23.27 8.31
C LEU A 452 -15.78 22.46 8.71
N MET A 453 -16.83 22.46 7.88
CA MET A 453 -17.97 21.60 8.16
C MET A 453 -17.62 20.12 8.05
N GLN A 454 -16.50 19.80 7.42
CA GLN A 454 -16.07 18.41 7.28
C GLN A 454 -15.56 17.82 8.58
N PHE A 455 -15.37 18.62 9.62
CA PHE A 455 -14.99 18.09 10.92
C PHE A 455 -16.04 17.14 11.48
N ALA A 456 -17.30 17.27 11.03
CA ALA A 456 -18.34 16.33 11.45
C ALA A 456 -18.30 15.08 10.59
N GLU A 457 -17.11 14.48 10.47
CA GLU A 457 -16.93 13.24 9.73
C GLU A 457 -16.20 12.17 10.51
N ILE A 458 -15.45 12.54 11.56
CA ILE A 458 -14.76 11.54 12.38
C ILE A 458 -15.77 10.59 13.01
N GLY A 459 -16.85 11.13 13.57
CA GLY A 459 -17.86 10.28 14.17
C GLY A 459 -18.54 9.37 13.17
N ARG A 460 -18.89 9.92 11.99
CA ARG A 460 -19.54 9.10 10.96
C ARG A 460 -18.62 7.97 10.51
N LEU A 461 -17.34 8.28 10.26
CA LEU A 461 -16.41 7.25 9.83
C LEU A 461 -16.15 6.23 10.93
N TRP A 462 -16.11 6.67 12.18
CA TRP A 462 -15.95 5.74 13.29
C TRP A 462 -17.15 4.79 13.40
N ARG A 463 -18.36 5.32 13.21
CA ARG A 463 -19.54 4.47 13.25
C ARG A 463 -19.63 3.54 12.05
N LYS A 464 -19.08 3.96 10.91
CA LYS A 464 -19.25 3.19 9.67
C LYS A 464 -18.14 2.16 9.47
N ASP A 465 -16.90 2.62 9.38
CA ASP A 465 -15.80 1.81 8.87
C ASP A 465 -14.78 1.40 9.93
N LYS A 466 -14.37 2.34 10.78
CA LYS A 466 -13.29 2.21 11.77
C LYS A 466 -11.91 2.07 11.14
N TYR A 467 -11.82 2.02 9.81
CA TYR A 467 -10.55 2.09 9.09
C TYR A 467 -10.38 3.39 8.31
N ASP A 468 -11.42 3.82 7.60
CA ASP A 468 -11.37 5.13 6.96
C ASP A 468 -11.35 6.25 7.99
N CYS A 469 -11.92 6.01 9.19
CA CYS A 469 -11.74 6.96 10.28
C CYS A 469 -10.28 7.07 10.67
N LEU A 470 -9.57 5.93 10.73
CA LEU A 470 -8.15 5.96 10.99
C LEU A 470 -7.40 6.69 9.88
N ILE A 471 -7.80 6.47 8.63
CA ILE A 471 -7.17 7.17 7.51
C ILE A 471 -7.36 8.68 7.66
N TRP A 472 -8.58 9.11 7.98
CA TRP A 472 -8.87 10.53 8.15
C TRP A 472 -8.05 11.14 9.28
N ILE A 473 -8.03 10.47 10.43
CA ILE A 473 -7.31 11.00 11.58
C ILE A 473 -5.81 11.08 11.30
N MET A 474 -5.25 10.02 10.70
CA MET A 474 -3.83 10.02 10.38
C MET A 474 -3.49 11.07 9.34
N THR A 475 -4.36 11.26 8.34
CA THR A 475 -4.14 12.30 7.35
C THR A 475 -4.11 13.68 8.01
N PHE A 476 -5.09 13.94 8.88
CA PHE A 476 -5.15 15.24 9.56
C PHE A 476 -3.90 15.47 10.40
N ILE A 477 -3.50 14.46 11.18
CA ILE A 477 -2.34 14.61 12.06
C ILE A 477 -1.07 14.80 11.24
N PHE A 478 -0.90 13.98 10.20
CA PHE A 478 0.30 14.06 9.37
C PHE A 478 0.41 15.41 8.69
N THR A 479 -0.68 15.90 8.10
CA THR A 479 -0.64 17.20 7.46
C THR A 479 -0.34 18.30 8.48
N ILE A 480 -1.02 18.27 9.62
CA ILE A 480 -0.86 19.33 10.62
C ILE A 480 0.58 19.39 11.11
N VAL A 481 1.18 18.23 11.38
CA VAL A 481 2.51 18.20 11.99
C VAL A 481 3.64 18.06 10.97
N LEU A 482 3.33 18.05 9.67
CA LEU A 482 4.39 17.93 8.68
C LEU A 482 4.27 18.90 7.50
N GLY A 483 3.28 19.77 7.48
CA GLY A 483 3.12 20.66 6.34
C GLY A 483 2.37 19.99 5.20
N LEU A 484 1.81 20.83 4.33
CA LEU A 484 0.95 20.32 3.26
C LEU A 484 1.74 19.50 2.24
N GLY A 485 3.00 19.86 1.99
CA GLY A 485 3.77 19.14 1.00
C GLY A 485 4.08 17.71 1.40
N LEU A 486 4.41 17.48 2.67
CA LEU A 486 4.80 16.17 3.13
C LEU A 486 3.63 15.36 3.71
N GLY A 487 2.60 16.03 4.20
CA GLY A 487 1.45 15.32 4.74
C GLY A 487 0.71 14.52 3.69
N LEU A 488 0.64 15.05 2.46
CA LEU A 488 0.00 14.29 1.39
C LEU A 488 0.71 12.97 1.13
N ALA A 489 2.04 13.01 1.05
CA ALA A 489 2.80 11.78 0.82
C ALA A 489 2.68 10.82 1.99
N ALA A 490 2.77 11.33 3.22
CA ALA A 490 2.65 10.45 4.39
C ALA A 490 1.27 9.82 4.45
N SER A 491 0.22 10.59 4.17
CA SER A 491 -1.13 10.06 4.19
C SER A 491 -1.35 9.07 3.07
N VAL A 492 -0.76 9.31 1.90
CA VAL A 492 -0.86 8.34 0.82
C VAL A 492 -0.22 7.03 1.22
N ALA A 493 0.96 7.09 1.84
CA ALA A 493 1.63 5.87 2.30
C ALA A 493 0.78 5.14 3.33
N PHE A 494 0.20 5.87 4.29
CA PHE A 494 -0.61 5.21 5.31
C PHE A 494 -1.89 4.63 4.72
N GLN A 495 -2.48 5.32 3.75
CA GLN A 495 -3.68 4.82 3.09
C GLN A 495 -3.37 3.54 2.30
N LEU A 496 -2.20 3.49 1.65
CA LEU A 496 -1.78 2.25 1.01
C LEU A 496 -1.59 1.14 2.03
N LEU A 497 -1.01 1.48 3.18
CA LEU A 497 -0.80 0.48 4.23
C LEU A 497 -2.11 -0.03 4.82
N THR A 498 -3.16 0.80 4.79
CA THR A 498 -4.44 0.38 5.37
C THR A 498 -5.05 -0.80 4.63
N ILE A 499 -4.74 -0.97 3.34
CA ILE A 499 -5.21 -2.15 2.63
C ILE A 499 -4.59 -3.41 3.21
N VAL A 500 -3.28 -3.38 3.46
CA VAL A 500 -2.63 -4.50 4.12
C VAL A 500 -3.19 -4.70 5.52
N PHE A 501 -3.51 -3.61 6.21
CA PHE A 501 -4.16 -3.72 7.51
C PHE A 501 -5.48 -4.47 7.40
N ARG A 502 -6.25 -4.17 6.35
CA ARG A 502 -7.53 -4.85 6.14
C ARG A 502 -7.34 -6.33 5.87
N THR A 503 -6.40 -6.66 4.98
CA THR A 503 -6.18 -8.05 4.57
C THR A 503 -4.99 -8.69 5.27
N GLN A 504 -4.76 -8.35 6.55
CA GLN A 504 -3.68 -8.94 7.32
C GLN A 504 -4.13 -10.15 8.12
N PHE A 505 -5.30 -10.06 8.75
CA PHE A 505 -5.85 -11.13 9.60
C PHE A 505 -7.26 -11.45 9.12
N PRO A 506 -7.38 -12.19 8.03
CA PRO A 506 -8.72 -12.55 7.53
C PRO A 506 -9.44 -13.47 8.49
N LYS A 507 -10.77 -13.37 8.48
CA LYS A 507 -11.62 -14.18 9.36
C LYS A 507 -11.80 -15.58 8.75
N CYS A 508 -10.72 -16.35 8.81
CA CYS A 508 -10.75 -17.72 8.33
C CYS A 508 -11.67 -18.56 9.22
N SER A 509 -12.45 -19.44 8.59
CA SER A 509 -13.43 -20.24 9.32
C SER A 509 -13.63 -21.56 8.62
N THR A 510 -14.12 -22.53 9.39
CA THR A 510 -14.46 -23.85 8.86
C THR A 510 -15.90 -23.84 8.37
N LEU A 511 -16.15 -24.54 7.27
CA LEU A 511 -17.47 -24.59 6.66
C LEU A 511 -18.10 -25.97 6.86
N ALA A 512 -19.43 -26.00 6.78
CA ALA A 512 -20.19 -27.22 6.97
C ALA A 512 -21.48 -27.15 6.17
N ASN A 513 -22.04 -28.31 5.87
CA ASN A 513 -23.27 -28.41 5.10
C ASN A 513 -24.46 -28.01 5.96
N ILE A 514 -25.45 -27.38 5.32
CA ILE A 514 -26.67 -26.94 5.97
C ILE A 514 -27.85 -27.52 5.20
N GLY A 515 -28.70 -28.29 5.90
CA GLY A 515 -29.91 -28.80 5.30
C GLY A 515 -29.71 -29.87 4.25
N ARG A 516 -28.55 -30.52 4.23
CA ARG A 516 -28.25 -31.58 3.27
C ARG A 516 -28.44 -31.10 1.83
N THR A 517 -27.88 -29.94 1.53
CA THR A 517 -27.97 -29.33 0.22
C THR A 517 -26.60 -28.77 -0.15
N ASN A 518 -26.54 -27.94 -1.18
CA ASN A 518 -25.30 -27.36 -1.66
C ASN A 518 -24.99 -26.01 -1.02
N ILE A 519 -25.48 -25.77 0.20
CA ILE A 519 -25.24 -24.53 0.92
C ILE A 519 -24.24 -24.82 2.03
N TYR A 520 -23.10 -24.13 1.99
CA TYR A 520 -22.05 -24.29 2.98
C TYR A 520 -21.75 -22.93 3.62
N LYS A 521 -21.83 -22.87 4.94
CA LYS A 521 -21.59 -21.62 5.65
C LYS A 521 -20.67 -21.84 6.86
N ASN A 522 -20.53 -20.82 7.69
CA ASN A 522 -19.59 -20.88 8.81
C ASN A 522 -19.99 -21.96 9.81
N LYS A 523 -18.99 -22.53 10.49
CA LYS A 523 -19.24 -23.64 11.40
C LYS A 523 -19.87 -23.19 12.71
N LYS A 524 -19.62 -21.96 13.14
CA LYS A 524 -20.10 -21.44 14.41
C LYS A 524 -21.26 -20.47 14.22
N ASP A 525 -22.15 -20.75 13.28
CA ASP A 525 -23.23 -19.82 12.97
C ASP A 525 -24.61 -20.47 13.05
N TYR A 526 -24.72 -21.75 12.70
CA TYR A 526 -26.01 -22.42 12.61
C TYR A 526 -26.02 -23.67 13.49
N TYR A 527 -27.21 -24.26 13.60
CA TYR A 527 -27.47 -25.31 14.59
C TYR A 527 -27.45 -26.72 13.99
N ASP A 528 -28.26 -26.96 12.97
CA ASP A 528 -28.49 -28.32 12.45
C ASP A 528 -27.51 -28.70 11.36
N MET A 529 -26.30 -28.14 11.38
CA MET A 529 -25.32 -28.41 10.35
C MET A 529 -24.69 -29.80 10.54
N TYR A 530 -23.98 -30.25 9.51
CA TYR A 530 -23.38 -31.58 9.51
C TYR A 530 -22.17 -31.59 8.59
N GLU A 531 -21.02 -32.02 9.12
CA GLU A 531 -19.83 -32.13 8.30
C GLU A 531 -19.63 -33.56 7.82
N PRO A 532 -19.11 -33.75 6.61
CA PRO A 532 -18.78 -35.10 6.16
C PRO A 532 -17.70 -35.72 7.03
N GLU A 533 -17.76 -37.04 7.16
CA GLU A 533 -16.84 -37.76 8.04
C GLU A 533 -15.42 -37.64 7.50
N GLY A 534 -14.51 -37.13 8.35
CA GLY A 534 -13.12 -36.98 7.95
C GLY A 534 -12.89 -35.99 6.84
N VAL A 535 -13.71 -34.95 6.74
CA VAL A 535 -13.56 -33.91 5.73
C VAL A 535 -13.60 -32.55 6.42
N LYS A 536 -12.62 -31.71 6.11
CA LYS A 536 -12.54 -30.36 6.66
C LYS A 536 -12.53 -29.36 5.52
N ILE A 537 -13.41 -28.37 5.60
CA ILE A 537 -13.54 -27.33 4.58
C ILE A 537 -13.02 -26.03 5.17
N PHE A 538 -12.06 -25.41 4.49
CA PHE A 538 -11.41 -24.20 4.97
C PHE A 538 -11.63 -23.08 3.96
N ARG A 539 -11.94 -21.89 4.47
CA ARG A 539 -12.23 -20.72 3.64
C ARG A 539 -11.42 -19.53 4.12
N CYS A 540 -10.77 -18.85 3.17
CA CYS A 540 -10.02 -17.63 3.45
C CYS A 540 -10.71 -16.46 2.75
N PRO A 541 -11.47 -15.61 3.47
CA PRO A 541 -12.25 -14.54 2.84
C PRO A 541 -11.43 -13.28 2.56
N SER A 542 -10.25 -13.45 1.97
CA SER A 542 -9.39 -12.33 1.62
C SER A 542 -8.32 -12.81 0.64
N PRO A 543 -7.83 -11.93 -0.24
CA PRO A 543 -6.71 -12.33 -1.11
C PRO A 543 -5.47 -12.66 -0.28
N ILE A 544 -4.73 -13.65 -0.73
CA ILE A 544 -3.56 -14.15 -0.02
C ILE A 544 -2.32 -13.64 -0.75
N TYR A 545 -1.49 -12.89 -0.04
CA TYR A 545 -0.26 -12.33 -0.61
C TYR A 545 0.83 -12.43 0.46
N PHE A 546 1.91 -11.67 0.27
CA PHE A 546 3.09 -11.78 1.13
C PHE A 546 2.76 -11.60 2.61
N ALA A 547 1.77 -10.78 2.93
CA ALA A 547 1.42 -10.47 4.31
C ALA A 547 0.33 -11.37 4.87
N ASN A 548 -0.09 -12.39 4.11
CA ASN A 548 -1.20 -13.23 4.52
C ASN A 548 -0.88 -14.73 4.52
N ILE A 549 0.21 -15.16 3.90
CA ILE A 549 0.46 -16.59 3.73
C ILE A 549 0.75 -17.25 5.08
N GLY A 550 1.54 -16.60 5.94
CA GLY A 550 1.84 -17.20 7.23
C GLY A 550 0.62 -17.33 8.12
N PHE A 551 -0.19 -16.28 8.18
CA PHE A 551 -1.42 -16.33 8.96
C PHE A 551 -2.38 -17.36 8.40
N PHE A 552 -2.47 -17.46 7.07
CA PHE A 552 -3.32 -18.47 6.46
C PHE A 552 -2.87 -19.88 6.81
N ARG A 553 -1.55 -20.12 6.75
CA ARG A 553 -1.03 -21.44 7.11
C ARG A 553 -1.30 -21.76 8.57
N ARG A 554 -1.09 -20.79 9.47
CA ARG A 554 -1.34 -21.03 10.88
C ARG A 554 -2.81 -21.33 11.14
N LYS A 555 -3.71 -20.56 10.53
CA LYS A 555 -5.14 -20.80 10.72
C LYS A 555 -5.56 -22.14 10.14
N LEU A 556 -5.02 -22.51 8.97
CA LEU A 556 -5.35 -23.81 8.39
C LEU A 556 -4.88 -24.95 9.27
N ILE A 557 -3.66 -24.84 9.81
CA ILE A 557 -3.15 -25.89 10.69
C ILE A 557 -4.00 -25.98 11.95
N ASP A 558 -4.37 -24.84 12.53
CA ASP A 558 -5.20 -24.85 13.73
C ASP A 558 -6.57 -25.46 13.46
N ALA A 559 -7.18 -25.13 12.32
CA ALA A 559 -8.48 -25.69 11.98
C ALA A 559 -8.40 -27.18 11.73
N VAL A 560 -7.34 -27.64 11.05
CA VAL A 560 -7.18 -29.07 10.80
C VAL A 560 -6.98 -29.82 12.11
N GLY A 561 -6.15 -29.30 13.00
CA GLY A 561 -5.93 -29.89 14.30
C GLY A 561 -4.59 -30.55 14.50
N PHE A 562 -3.71 -30.54 13.48
CA PHE A 562 -2.39 -31.12 13.62
C PHE A 562 -1.46 -30.49 12.59
N SER A 563 -0.17 -30.75 12.74
CA SER A 563 0.83 -30.26 11.82
C SER A 563 1.16 -31.36 10.82
N PRO A 564 0.88 -31.17 9.52
CA PRO A 564 1.22 -32.21 8.55
C PRO A 564 2.71 -32.52 8.50
N LEU A 565 3.56 -31.50 8.68
CA LEU A 565 5.00 -31.74 8.71
C LEU A 565 5.38 -32.59 9.91
N ARG A 566 4.79 -32.32 11.07
CA ARG A 566 5.07 -33.12 12.26
C ARG A 566 4.62 -34.56 12.05
N ILE A 567 3.43 -34.75 11.46
CA ILE A 567 2.93 -36.10 11.22
C ILE A 567 3.84 -36.84 10.24
N LEU A 568 4.28 -36.15 9.18
CA LEU A 568 5.18 -36.78 8.21
C LEU A 568 6.51 -37.15 8.85
N ARG A 569 7.07 -36.27 9.68
CA ARG A 569 8.34 -36.56 10.33
C ARG A 569 8.23 -37.74 11.28
N LYS A 570 7.16 -37.79 12.07
CA LYS A 570 6.96 -38.91 12.99
C LYS A 570 6.75 -40.21 12.22
N ARG A 571 5.99 -40.17 11.12
CA ARG A 571 5.79 -41.36 10.32
C ARG A 571 7.10 -41.84 9.71
N ASN A 572 7.94 -40.91 9.24
CA ASN A 572 9.23 -41.30 8.67
C ASN A 572 10.14 -41.90 9.74
N LYS A 573 10.13 -41.33 10.95
CA LYS A 573 10.92 -41.90 12.03
C LYS A 573 10.45 -43.31 12.38
N ALA A 574 9.13 -43.51 12.43
CA ALA A 574 8.60 -44.84 12.71
C ALA A 574 8.98 -45.83 11.60
N LEU A 575 8.92 -45.39 10.35
CA LEU A 575 9.29 -46.25 9.24
C LEU A 575 10.77 -46.62 9.30
N ARG A 576 11.63 -45.65 9.64
CA ARG A 576 13.05 -45.95 9.75
C ARG A 576 13.32 -46.93 10.88
N LYS A 577 12.64 -46.76 12.02
CA LYS A 577 12.79 -47.71 13.11
C LYS A 577 12.32 -49.10 12.72
N ILE A 578 11.20 -49.18 11.99
CA ILE A 578 10.67 -50.47 11.54
C ILE A 578 11.66 -51.13 10.59
N ARG A 579 12.23 -50.36 9.66
CA ARG A 579 13.20 -50.91 8.72
C ARG A 579 14.45 -51.39 9.44
N LYS A 580 14.92 -50.64 10.44
CA LYS A 580 16.07 -51.07 11.22
C LYS A 580 15.77 -52.37 11.96
N LEU A 581 14.58 -52.48 12.55
CA LEU A 581 14.20 -53.72 13.23
C LEU A 581 14.11 -54.89 12.26
N GLN A 582 13.56 -54.65 11.07
CA GLN A 582 13.50 -55.71 10.05
C GLN A 582 14.90 -56.15 9.64
N LYS A 583 15.82 -55.20 9.47
CA LYS A 583 17.20 -55.56 9.16
C LYS A 583 17.82 -56.37 10.29
N GLN A 584 17.54 -56.01 11.53
CA GLN A 584 18.03 -56.77 12.67
C GLN A 584 17.31 -58.12 12.82
N GLY A 585 16.22 -58.34 12.10
CA GLY A 585 15.52 -59.61 12.12
C GLY A 585 14.38 -59.73 13.11
N LEU A 586 14.15 -58.71 13.93
CA LEU A 586 13.04 -58.77 14.89
C LEU A 586 11.68 -58.73 14.20
N LEU A 587 11.60 -58.23 12.97
CA LEU A 587 10.34 -58.09 12.25
C LEU A 587 10.44 -58.87 10.94
N GLN A 588 9.64 -59.93 10.82
CA GLN A 588 9.56 -60.70 9.58
C GLN A 588 8.35 -60.22 8.79
N VAL A 589 8.60 -59.74 7.57
CA VAL A 589 7.53 -59.18 6.76
C VAL A 589 6.69 -60.31 6.17
N THR A 590 5.37 -60.17 6.30
CA THR A 590 4.40 -61.14 5.79
C THR A 590 3.36 -60.40 4.96
N PRO A 591 2.68 -61.11 4.07
CA PRO A 591 1.60 -60.46 3.29
C PRO A 591 0.55 -59.80 4.16
N LYS A 592 0.21 -60.39 5.31
CA LYS A 592 -0.78 -59.82 6.22
C LYS A 592 -0.22 -59.87 7.63
N GLY A 593 0.16 -58.72 8.16
CA GLY A 593 0.62 -58.61 9.53
C GLY A 593 2.12 -58.81 9.68
N PHE A 594 2.61 -58.47 10.86
CA PHE A 594 4.00 -58.68 11.24
C PHE A 594 4.07 -59.69 12.38
N ILE A 595 5.04 -60.60 12.32
CA ILE A 595 5.13 -61.65 13.31
C ILE A 595 5.52 -61.08 14.67
N CYS A 596 6.54 -60.22 14.70
CA CYS A 596 7.00 -59.55 15.92
C CYS A 596 7.40 -60.57 16.99
N THR A 597 8.47 -61.31 16.69
CA THR A 597 8.92 -62.36 17.59
C THR A 597 9.70 -61.79 18.77
N VAL A 598 9.13 -60.81 19.45
CA VAL A 598 9.70 -60.22 20.67
C VAL A 598 8.54 -59.69 21.50
N ASP A 599 8.51 -60.05 22.79
CA ASP A 599 7.44 -59.59 23.67
C ASP A 599 7.50 -58.08 23.85
N THR A 600 8.68 -57.54 24.14
CA THR A 600 8.85 -56.12 24.42
C THR A 600 10.33 -55.77 24.34
N ILE A 601 10.64 -54.66 23.67
CA ILE A 601 12.00 -54.18 23.57
C ILE A 601 12.22 -53.10 24.62
N LYS A 602 13.49 -52.75 24.86
CA LYS A 602 13.85 -51.77 25.87
C LYS A 602 13.62 -50.33 25.42
N ASP A 603 12.96 -50.12 24.28
CA ASP A 603 12.67 -48.79 23.75
C ASP A 603 13.96 -47.98 23.57
N SER A 604 14.84 -48.51 22.71
CA SER A 604 16.13 -47.88 22.43
C SER A 604 15.95 -46.96 21.22
N ASP A 605 15.51 -45.74 21.48
CA ASP A 605 15.33 -44.76 20.41
C ASP A 605 16.68 -44.30 19.88
N GLU A 606 16.69 -43.89 18.62
CA GLU A 606 17.89 -43.43 17.94
C GLU A 606 17.72 -41.97 17.54
N GLU A 607 18.70 -41.15 17.85
CA GLU A 607 18.68 -39.74 17.50
C GLU A 607 19.40 -39.51 16.18
N LEU A 608 18.96 -38.50 15.45
CA LEU A 608 19.52 -38.15 14.15
C LEU A 608 20.23 -36.81 14.26
N ASP A 609 21.50 -36.77 13.84
CA ASP A 609 22.28 -35.55 13.88
C ASP A 609 21.90 -34.62 12.74
N ASN A 610 22.58 -33.48 12.66
CA ASN A 610 22.32 -32.52 11.60
C ASN A 610 22.84 -33.05 10.26
N ASN A 611 22.49 -32.34 9.20
CA ASN A 611 22.80 -32.71 7.81
C ASN A 611 22.13 -34.02 7.42
N GLN A 612 21.32 -34.58 8.32
CA GLN A 612 20.56 -35.79 8.04
C GLN A 612 19.11 -35.73 8.50
N ILE A 613 18.70 -34.70 9.25
CA ILE A 613 17.32 -34.58 9.71
C ILE A 613 16.36 -34.27 8.58
N GLU A 614 16.87 -33.89 7.40
CA GLU A 614 15.98 -33.57 6.29
C GLU A 614 15.33 -34.82 5.73
N VAL A 615 15.97 -35.99 5.89
CA VAL A 615 15.45 -37.23 5.35
C VAL A 615 14.09 -37.61 5.94
N LEU A 616 13.73 -37.04 7.09
CA LEU A 616 12.41 -37.26 7.65
C LEU A 616 11.33 -36.62 6.79
N ASP A 617 11.61 -35.46 6.20
CA ASP A 617 10.62 -34.75 5.40
C ASP A 617 10.38 -35.40 4.04
N GLN A 618 11.20 -36.37 3.65
CA GLN A 618 11.03 -37.03 2.37
C GLN A 618 9.75 -37.88 2.37
N PRO A 619 9.09 -38.00 1.23
CA PRO A 619 7.86 -38.80 1.18
C PRO A 619 8.13 -40.28 1.41
N ILE A 620 7.14 -40.97 1.95
CA ILE A 620 7.23 -42.39 2.24
C ILE A 620 6.83 -43.18 1.00
N ASN A 621 7.66 -44.15 0.62
CA ASN A 621 7.38 -45.05 -0.50
C ASN A 621 7.66 -46.47 -0.02
N THR A 622 6.64 -47.12 0.52
CA THR A 622 6.78 -48.48 1.05
C THR A 622 6.47 -49.52 -0.01
N THR A 623 7.12 -49.40 -1.17
CA THR A 623 6.94 -50.38 -2.24
C THR A 623 7.69 -51.68 -1.96
N ASP A 624 8.84 -51.59 -1.27
CA ASP A 624 9.60 -52.79 -0.94
C ASP A 624 8.88 -53.69 0.04
N LEU A 625 7.91 -53.16 0.79
CA LEU A 625 7.17 -53.95 1.76
C LEU A 625 5.85 -54.40 1.15
N PRO A 626 5.61 -55.70 1.00
CA PRO A 626 4.31 -56.14 0.48
C PRO A 626 3.14 -55.71 1.33
N PHE A 627 3.33 -55.61 2.65
CA PHE A 627 2.27 -55.11 3.53
C PHE A 627 2.08 -53.62 3.30
N HIS A 628 0.82 -53.20 3.16
CA HIS A 628 0.48 -51.79 2.98
C HIS A 628 0.22 -51.21 4.37
N ILE A 629 1.13 -50.36 4.85
CA ILE A 629 1.03 -49.82 6.19
C ILE A 629 -0.13 -48.84 6.25
N ASP A 630 -1.04 -49.05 7.21
CA ASP A 630 -2.22 -48.20 7.34
C ASP A 630 -1.88 -46.85 7.95
N TRP A 631 -0.89 -46.80 8.84
CA TRP A 631 -0.46 -45.58 9.54
C TRP A 631 -1.56 -45.01 10.44
N ASN A 632 -2.66 -45.73 10.65
CA ASN A 632 -3.75 -45.23 11.48
C ASN A 632 -4.32 -46.24 12.46
N ASP A 633 -4.03 -47.53 12.32
CA ASP A 633 -4.62 -48.54 13.20
C ASP A 633 -3.73 -48.84 14.40
N ASP A 634 -2.51 -49.33 14.14
CA ASP A 634 -1.58 -49.72 15.19
C ASP A 634 -0.24 -50.06 14.56
N LEU A 635 0.81 -49.98 15.36
CA LEU A 635 2.16 -50.34 14.95
C LEU A 635 2.81 -51.23 15.99
N PRO A 636 3.66 -52.15 15.57
CA PRO A 636 4.27 -53.09 16.51
C PRO A 636 5.36 -52.41 17.35
N LEU A 637 5.67 -53.06 18.47
CA LEU A 637 6.68 -52.59 19.42
C LEU A 637 6.36 -51.20 19.98
N ASN A 638 5.07 -50.85 20.00
CA ASN A 638 4.57 -49.65 20.69
C ASN A 638 5.27 -48.38 20.19
N ILE A 639 5.05 -48.09 18.91
CA ILE A 639 5.52 -46.85 18.30
C ILE A 639 4.37 -45.87 18.26
N GLU A 640 4.64 -44.62 18.64
CA GLU A 640 3.59 -43.62 18.81
C GLU A 640 2.80 -43.37 17.52
N VAL A 641 3.44 -42.80 16.50
CA VAL A 641 2.85 -42.55 15.18
C VAL A 641 1.44 -41.97 15.34
N PRO A 642 1.33 -40.71 15.75
CA PRO A 642 0.00 -40.12 16.03
C PRO A 642 -0.94 -40.25 14.83
N LYS A 643 -2.16 -40.70 15.10
CA LYS A 643 -3.15 -40.97 14.08
C LYS A 643 -3.91 -39.70 13.72
N ILE A 644 -4.40 -39.66 12.48
CA ILE A 644 -5.18 -38.55 11.98
C ILE A 644 -6.48 -39.08 11.39
N SER A 645 -7.60 -38.49 11.80
CA SER A 645 -8.90 -38.89 11.29
C SER A 645 -9.26 -38.19 9.99
N LEU A 646 -8.69 -37.02 9.75
CA LEU A 646 -8.96 -36.28 8.52
C LEU A 646 -8.41 -37.03 7.31
N HIS A 647 -9.26 -37.23 6.31
CA HIS A 647 -8.88 -37.98 5.11
C HIS A 647 -9.13 -37.19 3.83
N SER A 648 -9.50 -35.92 3.93
CA SER A 648 -9.67 -35.05 2.77
C SER A 648 -9.79 -33.62 3.24
N LEU A 649 -9.30 -32.69 2.42
CA LEU A 649 -9.34 -31.27 2.72
C LEU A 649 -9.82 -30.49 1.51
N ILE A 650 -10.70 -29.52 1.74
CA ILE A 650 -11.23 -28.65 0.70
C ILE A 650 -10.92 -27.21 1.07
N LEU A 651 -10.30 -26.49 0.13
CA LEU A 651 -10.05 -25.06 0.30
C LEU A 651 -11.06 -24.28 -0.53
N ASP A 652 -11.81 -23.39 0.13
CA ASP A 652 -12.83 -22.59 -0.53
C ASP A 652 -12.20 -21.29 -1.00
N PHE A 653 -11.47 -21.39 -2.11
CA PHE A 653 -10.80 -20.22 -2.71
C PHE A 653 -11.75 -19.45 -3.61
N SER A 654 -12.92 -19.08 -3.08
CA SER A 654 -13.89 -18.30 -3.83
C SER A 654 -13.64 -16.80 -3.69
N ALA A 655 -13.22 -16.35 -2.52
CA ALA A 655 -12.91 -14.94 -2.28
C ALA A 655 -11.44 -14.63 -2.45
N VAL A 656 -10.62 -15.60 -2.82
CA VAL A 656 -9.19 -15.38 -3.00
C VAL A 656 -8.97 -14.73 -4.37
N SER A 657 -8.65 -13.43 -4.36
CA SER A 657 -8.53 -12.68 -5.60
C SER A 657 -7.23 -13.01 -6.34
N PHE A 658 -6.11 -13.10 -5.64
CA PHE A 658 -4.83 -13.22 -6.33
C PHE A 658 -3.76 -13.77 -5.38
N LEU A 659 -2.80 -14.48 -5.97
CA LEU A 659 -1.56 -14.88 -5.32
C LEU A 659 -0.41 -14.45 -6.23
N ASP A 660 0.71 -14.05 -5.63
CA ASP A 660 1.79 -13.45 -6.41
C ASP A 660 3.05 -14.31 -6.45
N VAL A 661 3.78 -14.45 -5.34
CA VAL A 661 4.91 -15.38 -5.29
C VAL A 661 4.90 -16.15 -3.98
N SER A 662 4.93 -15.41 -2.87
CA SER A 662 5.07 -16.03 -1.56
C SER A 662 3.86 -16.88 -1.21
N SER A 663 2.67 -16.40 -1.55
CA SER A 663 1.46 -17.18 -1.32
C SER A 663 1.47 -18.45 -2.16
N VAL A 664 1.95 -18.37 -3.40
CA VAL A 664 2.05 -19.56 -4.25
C VAL A 664 3.01 -20.57 -3.63
N ARG A 665 4.16 -20.10 -3.17
CA ARG A 665 5.14 -21.00 -2.57
C ARG A 665 4.61 -21.63 -1.29
N GLY A 666 3.95 -20.84 -0.45
CA GLY A 666 3.38 -21.38 0.78
C GLY A 666 2.28 -22.39 0.51
N LEU A 667 1.41 -22.09 -0.47
CA LEU A 667 0.36 -23.03 -0.84
C LEU A 667 0.95 -24.32 -1.38
N LYS A 668 1.99 -24.22 -2.21
CA LYS A 668 2.64 -25.42 -2.73
C LYS A 668 3.25 -26.25 -1.61
N SER A 669 3.91 -25.58 -0.65
CA SER A 669 4.49 -26.31 0.48
C SER A 669 3.41 -27.00 1.31
N ILE A 670 2.32 -26.29 1.59
CA ILE A 670 1.24 -26.87 2.39
C ILE A 670 0.61 -28.05 1.67
N LEU A 671 0.35 -27.91 0.37
CA LEU A 671 -0.25 -29.00 -0.39
C LEU A 671 0.68 -30.20 -0.48
N GLN A 672 1.98 -29.96 -0.66
CA GLN A 672 2.94 -31.07 -0.67
C GLN A 672 2.99 -31.78 0.67
N GLU A 673 2.99 -31.02 1.77
CA GLU A 673 3.00 -31.63 3.10
C GLU A 673 1.75 -32.45 3.33
N PHE A 674 0.60 -31.95 2.87
CA PHE A 674 -0.65 -32.70 3.06
C PHE A 674 -0.66 -33.96 2.21
N ILE A 675 -0.32 -33.85 0.92
CA ILE A 675 -0.35 -35.00 0.03
C ILE A 675 0.64 -36.07 0.48
N ARG A 676 1.80 -35.65 1.01
CA ARG A 676 2.82 -36.61 1.41
C ARG A 676 2.40 -37.46 2.61
N ILE A 677 1.36 -37.06 3.34
CA ILE A 677 0.84 -37.88 4.43
C ILE A 677 -0.43 -38.62 4.01
N LYS A 678 -0.64 -38.81 2.71
CA LYS A 678 -1.75 -39.59 2.16
C LYS A 678 -3.11 -38.95 2.50
N VAL A 679 -3.24 -37.67 2.17
CA VAL A 679 -4.52 -36.97 2.22
C VAL A 679 -4.64 -36.09 0.98
N ASP A 680 -5.85 -36.00 0.45
CA ASP A 680 -6.10 -35.22 -0.76
C ASP A 680 -6.48 -33.79 -0.41
N VAL A 681 -6.12 -32.87 -1.30
CA VAL A 681 -6.41 -31.45 -1.14
C VAL A 681 -7.16 -30.97 -2.38
N TYR A 682 -8.25 -30.24 -2.17
CA TYR A 682 -9.08 -29.75 -3.25
C TYR A 682 -9.25 -28.24 -3.12
N ILE A 683 -9.04 -27.53 -4.23
CA ILE A 683 -9.24 -26.08 -4.29
C ILE A 683 -10.53 -25.83 -5.05
N VAL A 684 -11.41 -25.01 -4.46
CA VAL A 684 -12.78 -24.87 -4.93
C VAL A 684 -13.14 -23.40 -5.03
N GLY A 685 -13.85 -23.04 -6.10
CA GLY A 685 -14.40 -21.72 -6.27
C GLY A 685 -13.65 -20.82 -7.22
N THR A 686 -12.44 -21.20 -7.61
CA THR A 686 -11.64 -20.38 -8.51
C THR A 686 -12.22 -20.39 -9.92
N ASP A 687 -12.14 -19.24 -10.58
CA ASP A 687 -12.61 -19.12 -11.95
C ASP A 687 -11.51 -19.58 -12.91
N ASP A 688 -11.73 -19.41 -14.21
CA ASP A 688 -10.75 -19.85 -15.20
C ASP A 688 -9.48 -19.00 -15.15
N ASP A 689 -9.63 -17.69 -14.91
CA ASP A 689 -8.48 -16.81 -14.90
C ASP A 689 -7.51 -17.16 -13.77
N PHE A 690 -8.05 -17.54 -12.61
CA PHE A 690 -7.18 -17.85 -11.47
C PHE A 690 -6.32 -19.07 -11.76
N ILE A 691 -6.92 -20.15 -12.29
CA ILE A 691 -6.14 -21.34 -12.60
C ILE A 691 -5.18 -21.07 -13.75
N GLU A 692 -5.60 -20.24 -14.72
CA GLU A 692 -4.70 -19.88 -15.81
C GLU A 692 -3.47 -19.15 -15.29
N LYS A 693 -3.67 -18.22 -14.35
CA LYS A 693 -2.54 -17.52 -13.74
C LYS A 693 -1.68 -18.47 -12.92
N LEU A 694 -2.32 -19.38 -12.17
CA LEU A 694 -1.56 -20.32 -11.34
C LEU A 694 -0.72 -21.26 -12.18
N ASN A 695 -1.17 -21.58 -13.40
CA ASN A 695 -0.40 -22.46 -14.26
C ASN A 695 0.96 -21.86 -14.62
N ARG A 696 1.06 -20.53 -14.64
CA ARG A 696 2.32 -19.88 -14.98
C ARG A 696 3.35 -19.95 -13.86
N TYR A 697 2.92 -20.06 -12.61
CA TYR A 697 3.82 -20.08 -11.47
C TYR A 697 4.54 -21.42 -11.28
N GLU A 698 4.43 -22.34 -12.25
CA GLU A 698 4.97 -23.69 -12.13
C GLU A 698 4.42 -24.39 -10.89
N PHE A 699 3.18 -24.06 -10.52
CA PHE A 699 2.57 -24.65 -9.33
C PHE A 699 2.35 -26.15 -9.50
N PHE A 700 1.90 -26.57 -10.68
CA PHE A 700 1.57 -27.97 -10.91
C PHE A 700 2.81 -28.77 -11.26
N ASP A 701 2.86 -30.01 -10.78
CA ASP A 701 3.98 -30.91 -11.02
C ASP A 701 3.48 -32.35 -10.82
N GLY A 702 4.40 -33.30 -10.75
CA GLY A 702 4.03 -34.69 -10.61
C GLY A 702 3.26 -35.01 -9.34
N GLU A 703 3.36 -34.17 -8.32
CA GLU A 703 2.67 -34.40 -7.05
C GLU A 703 1.37 -33.61 -6.96
N VAL A 704 1.46 -32.29 -7.13
CA VAL A 704 0.28 -31.42 -7.07
C VAL A 704 -0.24 -31.30 -8.51
N LYS A 705 -1.14 -32.20 -8.87
CA LYS A 705 -1.68 -32.22 -10.23
C LYS A 705 -2.68 -31.07 -10.42
N SER A 706 -3.11 -30.91 -11.66
CA SER A 706 -4.09 -29.89 -12.02
C SER A 706 -5.51 -30.36 -11.86
N SER A 707 -5.72 -31.60 -11.43
CA SER A 707 -7.06 -32.15 -11.24
C SER A 707 -7.59 -31.92 -9.84
N ILE A 708 -6.85 -31.21 -8.98
CA ILE A 708 -7.30 -30.94 -7.62
C ILE A 708 -8.22 -29.73 -7.54
N PHE A 709 -8.51 -29.08 -8.66
CA PHE A 709 -9.39 -27.92 -8.69
C PHE A 709 -10.80 -28.35 -9.02
N PHE A 710 -11.76 -27.92 -8.22
CA PHE A 710 -13.17 -28.26 -8.43
C PHE A 710 -14.01 -27.00 -8.47
N LEU A 711 -15.19 -27.12 -9.07
CA LEU A 711 -16.04 -25.96 -9.30
C LEU A 711 -16.63 -25.44 -7.99
N THR A 712 -17.33 -26.30 -7.25
CA THR A 712 -18.07 -25.86 -6.07
C THR A 712 -17.85 -26.87 -4.95
N ILE A 713 -18.03 -26.38 -3.71
CA ILE A 713 -17.80 -27.20 -2.53
C ILE A 713 -18.65 -28.47 -2.58
N HIS A 714 -19.87 -28.37 -3.12
CA HIS A 714 -20.72 -29.55 -3.21
C HIS A 714 -20.15 -30.56 -4.20
N ASP A 715 -19.60 -30.09 -5.34
CA ASP A 715 -18.92 -31.00 -6.25
C ASP A 715 -17.74 -31.68 -5.57
N ALA A 716 -16.95 -30.92 -4.81
CA ALA A 716 -15.81 -31.51 -4.12
C ALA A 716 -16.27 -32.59 -3.13
N VAL A 717 -17.31 -32.28 -2.35
CA VAL A 717 -17.80 -33.23 -1.35
C VAL A 717 -18.36 -34.48 -2.01
N LEU A 718 -19.12 -34.30 -3.10
CA LEU A 718 -19.70 -35.44 -3.79
C LEU A 718 -18.60 -36.31 -4.41
N HIS A 719 -17.56 -35.69 -4.96
CA HIS A 719 -16.44 -36.45 -5.49
C HIS A 719 -15.73 -37.23 -4.39
N ILE A 720 -15.54 -36.61 -3.23
CA ILE A 720 -14.92 -37.31 -2.11
C ILE A 720 -15.75 -38.50 -1.68
N LEU A 721 -17.08 -38.32 -1.58
CA LEU A 721 -17.96 -39.42 -1.19
C LEU A 721 -17.94 -40.54 -2.23
N MET A 722 -17.93 -40.18 -3.51
CA MET A 722 -17.86 -41.19 -4.56
C MET A 722 -16.55 -41.97 -4.50
N LYS A 723 -15.44 -41.27 -4.28
CA LYS A 723 -14.14 -41.93 -4.20
C LYS A 723 -14.08 -42.86 -2.99
N LYS A 724 -14.61 -42.42 -1.85
CA LYS A 724 -14.60 -43.26 -0.66
C LYS A 724 -15.49 -44.49 -0.83
N ASP A 725 -16.71 -44.29 -1.34
CA ASP A 725 -17.63 -45.40 -1.56
C ASP A 725 -18.71 -45.01 -2.56
N GLN B 8 -24.24 -38.18 -8.79
CA GLN B 8 -24.41 -36.98 -9.61
C GLN B 8 -24.83 -35.80 -8.75
N TYR B 9 -24.60 -34.59 -9.26
CA TYR B 9 -24.99 -33.37 -8.56
C TYR B 9 -26.50 -33.24 -8.66
N ILE B 10 -27.21 -33.65 -7.61
CA ILE B 10 -28.66 -33.57 -7.55
C ILE B 10 -29.04 -32.80 -6.30
N VAL B 11 -29.74 -31.68 -6.48
CA VAL B 11 -30.16 -30.83 -5.38
C VAL B 11 -31.59 -30.37 -5.63
N ALA B 12 -32.43 -30.46 -4.61
CA ALA B 12 -33.83 -30.00 -4.68
C ALA B 12 -34.11 -29.24 -3.39
N ARG B 13 -33.94 -27.92 -3.44
CA ARG B 13 -34.10 -27.03 -2.31
C ARG B 13 -34.91 -25.81 -2.72
N PRO B 14 -35.56 -25.15 -1.76
CA PRO B 14 -36.25 -23.90 -2.08
C PRO B 14 -35.26 -22.78 -2.37
N VAL B 15 -35.71 -21.81 -3.15
CA VAL B 15 -34.88 -20.67 -3.54
C VAL B 15 -34.78 -19.71 -2.36
N TYR B 16 -33.56 -19.40 -1.94
CA TYR B 16 -33.30 -18.55 -0.79
C TYR B 16 -32.79 -17.19 -1.25
N SER B 17 -32.98 -16.19 -0.38
CA SER B 17 -32.56 -14.81 -0.66
C SER B 17 -31.91 -14.20 0.57
N THR B 18 -31.13 -15.01 1.30
CA THR B 18 -30.30 -14.64 2.45
C THR B 18 -31.13 -14.03 3.58
N ASN B 19 -32.44 -13.94 3.39
CA ASN B 19 -33.36 -13.52 4.44
C ASN B 19 -34.36 -14.61 4.77
N ALA B 20 -34.97 -15.23 3.77
CA ALA B 20 -35.73 -16.46 4.01
C ALA B 20 -34.83 -17.56 4.53
N PHE B 21 -33.57 -17.59 4.09
CA PHE B 21 -32.61 -18.56 4.61
C PHE B 21 -32.41 -18.37 6.12
N GLU B 22 -32.21 -17.12 6.56
CA GLU B 22 -32.03 -16.86 7.97
C GLU B 22 -33.30 -17.10 8.76
N GLU B 23 -34.46 -16.81 8.16
CA GLU B 23 -35.73 -17.07 8.83
C GLU B 23 -35.96 -18.56 9.04
N ASN B 24 -35.64 -19.37 8.02
CA ASN B 24 -35.85 -20.81 8.13
C ASN B 24 -34.82 -21.45 9.06
N HIS B 25 -33.55 -21.08 8.93
CA HIS B 25 -32.47 -21.67 9.71
C HIS B 25 -32.06 -20.69 10.80
N LYS B 26 -32.36 -21.03 12.05
CA LYS B 26 -32.06 -20.14 13.16
C LYS B 26 -30.55 -20.06 13.38
N LYS B 27 -30.03 -18.83 13.51
CA LYS B 27 -28.63 -18.64 13.79
C LYS B 27 -28.33 -18.91 15.26
N THR B 28 -27.06 -19.19 15.54
CA THR B 28 -26.63 -19.50 16.90
C THR B 28 -26.59 -18.27 17.81
N GLY B 29 -26.63 -17.07 17.26
CA GLY B 29 -26.58 -15.86 18.06
C GLY B 29 -25.29 -15.71 18.83
N ARG B 30 -24.16 -15.92 18.16
CA ARG B 30 -22.86 -15.82 18.82
C ARG B 30 -22.62 -14.39 19.30
N HIS B 31 -21.99 -14.27 20.47
CA HIS B 31 -21.70 -12.98 21.08
C HIS B 31 -20.29 -12.57 20.67
N HIS B 32 -20.19 -11.56 19.81
CA HIS B 32 -18.88 -11.04 19.42
C HIS B 32 -18.23 -10.33 20.59
N LYS B 33 -16.91 -10.46 20.69
CA LYS B 33 -16.18 -9.85 21.80
C LYS B 33 -16.11 -8.33 21.61
N THR B 34 -16.46 -7.60 22.66
CA THR B 34 -16.41 -6.15 22.64
C THR B 34 -15.02 -5.68 23.07
N PHE B 35 -14.88 -4.38 23.34
CA PHE B 35 -13.60 -3.84 23.80
C PHE B 35 -13.47 -3.85 25.31
N LEU B 36 -14.59 -3.80 26.04
CA LEU B 36 -14.53 -3.79 27.50
C LEU B 36 -13.96 -5.10 28.03
N ASP B 37 -14.42 -6.23 27.50
CA ASP B 37 -13.92 -7.53 27.94
C ASP B 37 -12.53 -7.83 27.39
N HIS B 38 -12.11 -7.14 26.33
CA HIS B 38 -10.75 -7.32 25.83
C HIS B 38 -9.72 -6.88 26.86
N LEU B 39 -9.96 -5.77 27.53
CA LEU B 39 -9.06 -5.31 28.58
C LEU B 39 -9.23 -6.11 29.87
N LYS B 40 -10.43 -6.64 30.12
CA LYS B 40 -10.67 -7.41 31.33
C LYS B 40 -9.83 -8.69 31.36
N VAL B 41 -9.75 -9.40 30.24
CA VAL B 41 -8.96 -10.63 30.20
C VAL B 41 -7.47 -10.34 30.17
N CYS B 42 -7.05 -9.17 29.70
CA CYS B 42 -5.64 -8.83 29.69
C CYS B 42 -5.14 -8.50 31.09
N CYS B 43 -5.96 -7.82 31.89
CA CYS B 43 -5.58 -7.44 33.25
C CYS B 43 -5.92 -8.51 34.28
N SER B 44 -6.55 -9.60 33.88
CA SER B 44 -6.90 -10.68 34.80
C SER B 44 -5.64 -11.46 35.16
N CYS B 45 -5.02 -11.11 36.28
CA CYS B 45 -3.78 -11.73 36.70
C CYS B 45 -4.05 -13.04 37.41
N SER B 46 -3.39 -14.10 36.96
CA SER B 46 -3.49 -15.43 37.54
C SER B 46 -2.09 -16.00 37.71
N PRO B 47 -1.88 -16.86 38.73
CA PRO B 47 -0.55 -17.46 38.90
C PRO B 47 -0.07 -18.25 37.69
N GLN B 48 -0.98 -18.98 37.03
CA GLN B 48 -0.59 -19.75 35.86
C GLN B 48 -0.14 -18.84 34.72
N LYS B 49 -0.89 -17.77 34.47
CA LYS B 49 -0.51 -16.83 33.42
C LYS B 49 0.78 -16.10 33.77
N ALA B 50 0.98 -15.78 35.05
CA ALA B 50 2.23 -15.14 35.47
C ALA B 50 3.42 -16.07 35.25
N LYS B 51 3.27 -17.35 35.59
CA LYS B 51 4.34 -18.31 35.33
C LYS B 51 4.61 -18.46 33.84
N ARG B 52 3.55 -18.49 33.03
CA ARG B 52 3.73 -18.57 31.58
C ARG B 52 4.48 -17.36 31.05
N ILE B 53 4.11 -16.16 31.52
CA ILE B 53 4.78 -14.94 31.08
C ILE B 53 6.24 -14.94 31.51
N VAL B 54 6.52 -15.36 32.74
CA VAL B 54 7.89 -15.40 33.22
C VAL B 54 8.72 -16.39 32.41
N LEU B 55 8.17 -17.57 32.13
CA LEU B 55 8.90 -18.55 31.34
C LEU B 55 9.12 -18.08 29.90
N SER B 56 8.16 -17.35 29.34
CA SER B 56 8.35 -16.80 28.00
C SER B 56 9.43 -15.72 28.00
N LEU B 57 9.48 -14.90 29.06
CA LEU B 57 10.49 -13.86 29.16
C LEU B 57 11.87 -14.43 29.43
N PHE B 58 11.93 -15.60 30.07
CA PHE B 58 13.21 -16.26 30.39
C PHE B 58 13.17 -17.66 29.81
N PRO B 59 13.36 -17.80 28.50
CA PRO B 59 13.32 -19.14 27.88
C PRO B 59 14.44 -20.06 28.33
N ILE B 60 15.52 -19.52 28.90
CA ILE B 60 16.60 -20.37 29.39
C ILE B 60 16.13 -21.19 30.57
N ALA B 61 15.30 -20.59 31.43
CA ALA B 61 14.74 -21.34 32.56
C ALA B 61 13.88 -22.51 32.11
N SER B 62 13.45 -22.52 30.84
CA SER B 62 12.66 -23.61 30.28
C SER B 62 13.52 -24.62 29.53
N TRP B 63 14.42 -24.16 28.67
CA TRP B 63 15.18 -25.09 27.84
C TRP B 63 16.44 -25.62 28.49
N LEU B 64 16.97 -24.93 29.52
CA LEU B 64 18.20 -25.40 30.14
C LEU B 64 17.99 -26.61 31.04
N PRO B 65 17.01 -26.64 31.95
CA PRO B 65 16.82 -27.86 32.76
C PRO B 65 16.49 -29.10 31.94
N ALA B 66 15.93 -28.93 30.73
CA ALA B 66 15.62 -30.04 29.85
C ALA B 66 16.81 -30.47 29.00
N TYR B 67 18.01 -30.07 29.37
CA TYR B 67 19.20 -30.43 28.62
C TYR B 67 19.46 -31.93 28.70
N ARG B 68 19.90 -32.51 27.60
CA ARG B 68 20.20 -33.94 27.50
C ARG B 68 21.72 -34.07 27.38
N LEU B 69 22.38 -34.22 28.52
CA LEU B 69 23.84 -34.27 28.58
C LEU B 69 24.36 -35.69 28.36
N LYS B 70 23.91 -36.30 27.26
CA LYS B 70 24.43 -37.60 26.85
C LYS B 70 24.69 -37.62 25.34
N GLU B 71 23.94 -36.81 24.59
CA GLU B 71 24.12 -36.73 23.15
C GLU B 71 24.18 -35.30 22.64
N TRP B 72 24.15 -34.29 23.51
CA TRP B 72 24.20 -32.90 23.09
C TRP B 72 25.48 -32.18 23.50
N LEU B 73 26.18 -32.66 24.54
CA LEU B 73 27.31 -31.91 25.08
C LEU B 73 28.46 -31.85 24.08
N LEU B 74 28.86 -33.00 23.53
CA LEU B 74 30.02 -33.04 22.65
C LEU B 74 29.75 -32.27 21.35
N SER B 75 28.58 -32.49 20.74
CA SER B 75 28.22 -31.79 19.53
C SER B 75 28.14 -30.29 19.77
N ASP B 76 27.53 -29.89 20.90
CA ASP B 76 27.44 -28.47 21.23
C ASP B 76 28.83 -27.87 21.43
N ILE B 77 29.73 -28.60 22.07
CA ILE B 77 31.09 -28.07 22.30
C ILE B 77 31.82 -27.89 20.98
N VAL B 78 31.73 -28.88 20.09
CA VAL B 78 32.43 -28.78 18.81
C VAL B 78 31.86 -27.64 17.98
N SER B 79 30.53 -27.55 17.91
CA SER B 79 29.90 -26.48 17.16
C SER B 79 30.23 -25.12 17.76
N GLY B 80 30.30 -25.04 19.09
CA GLY B 80 30.65 -23.79 19.73
C GLY B 80 32.08 -23.36 19.44
N ILE B 81 33.02 -24.31 19.44
CA ILE B 81 34.40 -23.98 19.09
C ILE B 81 34.48 -23.45 17.66
N SER B 82 33.83 -24.17 16.73
CA SER B 82 33.88 -23.76 15.33
C SER B 82 33.24 -22.39 15.14
N THR B 83 32.06 -22.18 15.73
CA THR B 83 31.37 -20.91 15.55
C THR B 83 32.07 -19.78 16.29
N GLY B 84 32.80 -20.09 17.37
CA GLY B 84 33.59 -19.06 18.02
C GLY B 84 34.75 -18.61 17.17
N ILE B 85 35.44 -19.54 16.53
CA ILE B 85 36.52 -19.16 15.61
C ILE B 85 35.95 -18.34 14.46
N VAL B 86 34.84 -18.79 13.88
CA VAL B 86 34.23 -18.08 12.76
C VAL B 86 33.74 -16.71 13.21
N ALA B 87 33.22 -16.61 14.42
CA ALA B 87 32.72 -15.34 14.93
C ALA B 87 33.85 -14.35 15.19
N VAL B 88 34.98 -14.84 15.71
CA VAL B 88 36.13 -13.97 15.90
C VAL B 88 36.59 -13.42 14.55
N LEU B 89 36.73 -14.31 13.55
CA LEU B 89 37.17 -13.87 12.23
C LEU B 89 36.20 -12.88 11.61
N GLN B 90 34.89 -13.17 11.72
CA GLN B 90 33.89 -12.33 11.08
C GLN B 90 33.75 -10.99 11.79
N GLY B 91 33.88 -10.98 13.12
CA GLY B 91 33.88 -9.72 13.84
C GLY B 91 35.07 -8.85 13.49
N LEU B 92 36.25 -9.47 13.38
CA LEU B 92 37.42 -8.72 12.93
C LEU B 92 37.22 -8.16 11.52
N ALA B 93 36.61 -8.95 10.63
CA ALA B 93 36.36 -8.49 9.27
C ALA B 93 35.35 -7.35 9.23
N PHE B 94 34.25 -7.49 9.96
CA PHE B 94 33.16 -6.51 9.89
C PHE B 94 33.43 -5.26 10.70
N ALA B 95 34.37 -5.30 11.65
CA ALA B 95 34.74 -4.09 12.36
C ALA B 95 35.39 -3.07 11.44
N LEU B 96 35.98 -3.54 10.34
CA LEU B 96 36.62 -2.64 9.38
C LEU B 96 35.59 -1.91 8.53
N LEU B 97 34.43 -2.52 8.28
CA LEU B 97 33.41 -1.86 7.47
C LEU B 97 32.88 -0.60 8.15
N VAL B 98 32.71 -0.66 9.47
CA VAL B 98 32.30 0.52 10.23
C VAL B 98 33.43 1.53 10.34
N ASP B 99 34.66 1.12 10.03
CA ASP B 99 35.87 1.95 10.17
C ASP B 99 36.14 2.29 11.64
N ILE B 100 36.26 1.24 12.44
CA ILE B 100 36.62 1.35 13.85
C ILE B 100 37.72 0.32 14.13
N PRO B 101 38.42 0.45 15.26
CA PRO B 101 39.43 -0.54 15.61
C PRO B 101 38.83 -1.92 15.68
N PRO B 102 39.57 -2.96 15.28
CA PRO B 102 38.99 -4.29 15.14
C PRO B 102 38.42 -4.89 16.42
N VAL B 103 38.95 -4.53 17.59
CA VAL B 103 38.53 -5.16 18.84
C VAL B 103 37.06 -4.91 19.14
N TYR B 104 36.50 -3.83 18.60
CA TYR B 104 35.06 -3.61 18.76
C TYR B 104 34.25 -4.66 18.03
N GLY B 105 34.79 -5.22 16.95
CA GLY B 105 34.15 -6.35 16.31
C GLY B 105 34.07 -7.56 17.22
N LEU B 106 35.14 -7.84 17.96
CA LEU B 106 35.12 -8.91 18.95
C LEU B 106 34.12 -8.61 20.06
N TYR B 107 34.06 -7.36 20.50
CA TYR B 107 33.11 -6.98 21.54
C TYR B 107 31.67 -7.21 21.07
N ALA B 108 31.37 -6.84 19.82
CA ALA B 108 30.04 -7.02 19.25
C ALA B 108 29.75 -8.46 18.86
N SER B 109 30.78 -9.29 18.74
CA SER B 109 30.55 -10.72 18.58
C SER B 109 30.37 -11.42 19.93
N PHE B 110 30.86 -10.82 21.01
CA PHE B 110 30.78 -11.43 22.33
C PHE B 110 29.49 -11.07 23.07
N PHE B 111 29.24 -9.78 23.28
CA PHE B 111 28.19 -9.37 24.21
C PHE B 111 26.78 -9.80 23.80
N PRO B 112 26.31 -9.53 22.57
CA PRO B 112 24.93 -9.95 22.23
C PRO B 112 24.74 -11.45 22.28
N ALA B 113 25.78 -12.24 21.98
CA ALA B 113 25.64 -13.68 22.11
C ALA B 113 25.39 -14.09 23.56
N ILE B 114 26.11 -13.46 24.49
CA ILE B 114 25.91 -13.75 25.91
C ILE B 114 24.51 -13.36 26.35
N ILE B 115 24.04 -12.18 25.91
CA ILE B 115 22.69 -11.76 26.29
C ILE B 115 21.64 -12.70 25.69
N TYR B 116 21.84 -13.11 24.43
CA TYR B 116 20.89 -13.99 23.76
C TYR B 116 20.87 -15.37 24.37
N LEU B 117 22.00 -15.84 24.92
CA LEU B 117 22.01 -17.14 25.59
C LEU B 117 20.94 -17.19 26.68
N PHE B 118 20.67 -16.07 27.34
CA PHE B 118 19.63 -16.00 28.36
C PHE B 118 18.27 -15.65 27.77
N PHE B 119 18.20 -14.60 26.95
CA PHE B 119 16.91 -14.02 26.58
C PHE B 119 16.38 -14.49 25.23
N GLY B 120 17.05 -15.42 24.55
CA GLY B 120 16.68 -15.81 23.21
C GLY B 120 15.94 -17.14 23.16
N THR B 121 15.04 -17.27 22.18
CA THR B 121 14.21 -18.46 22.05
C THR B 121 14.70 -19.43 20.99
N SER B 122 15.47 -18.96 20.00
CA SER B 122 16.00 -19.86 18.99
C SER B 122 17.17 -20.67 19.56
N ARG B 123 17.50 -21.76 18.86
CA ARG B 123 18.48 -22.71 19.35
C ARG B 123 19.64 -22.96 18.40
N HIS B 124 19.66 -22.33 17.22
CA HIS B 124 20.68 -22.64 16.24
C HIS B 124 21.42 -21.40 15.75
N ILE B 125 20.75 -20.24 15.74
CA ILE B 125 21.36 -19.03 15.20
C ILE B 125 22.49 -18.56 16.12
N SER B 126 23.46 -17.87 15.52
CA SER B 126 24.58 -17.29 16.24
C SER B 126 24.52 -15.78 16.12
N VAL B 127 24.53 -15.09 17.25
CA VAL B 127 24.33 -13.64 17.29
C VAL B 127 25.67 -12.93 17.14
N GLY B 128 25.67 -11.85 16.35
CA GLY B 128 26.87 -11.08 16.11
C GLY B 128 26.65 -10.05 15.01
N PRO B 129 27.74 -9.63 14.36
CA PRO B 129 27.61 -8.70 13.25
C PRO B 129 27.54 -9.42 11.91
N PHE B 130 26.78 -8.82 10.99
CA PHE B 130 26.75 -9.27 9.61
C PHE B 130 26.88 -8.07 8.69
N PRO B 131 27.41 -8.27 7.47
CA PRO B 131 27.87 -7.10 6.67
C PRO B 131 26.81 -6.07 6.38
N ILE B 132 25.56 -6.48 6.15
CA ILE B 132 24.52 -5.52 5.81
C ILE B 132 24.31 -4.55 6.98
N LEU B 133 24.12 -5.10 8.18
CA LEU B 133 23.93 -4.26 9.37
C LEU B 133 25.19 -3.47 9.68
N SER B 134 26.37 -4.07 9.47
CA SER B 134 27.62 -3.37 9.73
C SER B 134 27.75 -2.13 8.87
N MET B 135 27.47 -2.26 7.57
CA MET B 135 27.58 -1.10 6.69
C MET B 135 26.46 -0.10 6.92
N MET B 136 25.26 -0.57 7.30
CA MET B 136 24.20 0.37 7.64
C MET B 136 24.58 1.20 8.87
N VAL B 137 25.19 0.55 9.86
CA VAL B 137 25.69 1.25 11.04
C VAL B 137 26.80 2.22 10.63
N GLY B 138 27.68 1.80 9.74
CA GLY B 138 28.74 2.69 9.28
C GLY B 138 28.21 3.93 8.57
N LEU B 139 27.20 3.75 7.71
CA LEU B 139 26.57 4.88 7.05
C LEU B 139 25.90 5.80 8.06
N ALA B 140 25.22 5.22 9.06
CA ALA B 140 24.61 6.03 10.10
C ALA B 140 25.67 6.83 10.86
N VAL B 141 26.81 6.22 11.15
CA VAL B 141 27.89 6.91 11.85
C VAL B 141 28.44 8.04 11.00
N SER B 142 28.63 7.77 9.71
CA SER B 142 29.13 8.81 8.81
C SER B 142 28.16 9.99 8.73
N GLY B 143 26.86 9.70 8.69
CA GLY B 143 25.88 10.78 8.71
C GLY B 143 25.87 11.54 10.02
N ALA B 144 26.05 10.84 11.14
CA ALA B 144 26.00 11.48 12.44
C ALA B 144 27.20 12.39 12.66
N VAL B 145 28.41 11.91 12.33
CA VAL B 145 29.60 12.72 12.55
C VAL B 145 29.69 13.88 11.58
N SER B 146 28.91 13.85 10.49
CA SER B 146 28.87 14.95 9.55
C SER B 146 27.86 16.03 9.93
N LYS B 147 27.10 15.82 11.01
CA LYS B 147 26.12 16.78 11.48
C LYS B 147 26.38 17.26 12.89
N ALA B 148 27.45 16.79 13.54
CA ALA B 148 27.74 17.20 14.90
C ALA B 148 28.15 18.66 14.95
N VAL B 149 27.67 19.37 15.94
CA VAL B 149 28.04 20.79 16.11
C VAL B 149 29.48 20.88 16.61
N PRO B 150 30.36 21.65 15.95
CA PRO B 150 31.76 21.80 16.35
C PRO B 150 31.91 22.47 17.71
N SER B 167 42.90 14.72 14.51
CA SER B 167 43.89 13.66 14.49
C SER B 167 43.25 12.31 14.17
N LEU B 168 44.08 11.33 13.82
CA LEU B 168 43.58 10.00 13.52
C LEU B 168 42.95 9.35 14.74
N LEU B 169 43.57 9.51 15.91
CA LEU B 169 43.04 8.91 17.13
C LEU B 169 41.69 9.52 17.50
N ASP B 170 41.55 10.84 17.37
CA ASP B 170 40.29 11.50 17.72
C ASP B 170 39.16 11.06 16.80
N ASP B 171 39.43 10.93 15.51
CA ASP B 171 38.41 10.51 14.57
C ASP B 171 37.92 9.10 14.88
N GLU B 172 38.85 8.18 15.19
CA GLU B 172 38.46 6.83 15.55
C GLU B 172 37.61 6.82 16.82
N ARG B 173 37.99 7.63 17.81
CA ARG B 173 37.23 7.67 19.06
C ARG B 173 35.82 8.22 18.84
N VAL B 174 35.70 9.28 18.04
CA VAL B 174 34.38 9.85 17.79
C VAL B 174 33.53 8.89 16.96
N ARG B 175 34.14 8.16 16.03
CA ARG B 175 33.40 7.16 15.27
C ARG B 175 32.91 6.03 16.18
N VAL B 176 33.77 5.60 17.11
CA VAL B 176 33.37 4.55 18.06
C VAL B 176 32.21 5.04 18.92
N ALA B 177 32.29 6.27 19.42
CA ALA B 177 31.21 6.81 20.24
C ALA B 177 29.91 6.91 19.45
N ALA B 178 30.00 7.37 18.20
CA ALA B 178 28.80 7.46 17.36
C ALA B 178 28.19 6.09 17.10
N ALA B 179 29.04 5.09 16.84
CA ALA B 179 28.54 3.73 16.64
C ALA B 179 27.87 3.19 17.89
N ALA B 180 28.47 3.42 19.05
CA ALA B 180 27.87 2.97 20.31
C ALA B 180 26.52 3.63 20.53
N SER B 181 26.43 4.94 20.29
CA SER B 181 25.15 5.63 20.47
C SER B 181 24.11 5.12 19.49
N VAL B 182 24.48 4.93 18.23
CA VAL B 182 23.53 4.49 17.22
C VAL B 182 23.02 3.10 17.55
N THR B 183 23.91 2.19 17.95
CA THR B 183 23.46 0.83 18.27
C THR B 183 22.68 0.79 19.58
N VAL B 184 22.98 1.68 20.54
CA VAL B 184 22.17 1.76 21.74
C VAL B 184 20.75 2.20 21.41
N LEU B 185 20.62 3.21 20.55
CA LEU B 185 19.29 3.66 20.14
C LEU B 185 18.56 2.57 19.37
N SER B 186 19.28 1.84 18.50
CA SER B 186 18.65 0.75 17.76
C SER B 186 18.17 -0.34 18.70
N GLY B 187 18.97 -0.69 19.71
CA GLY B 187 18.55 -1.68 20.69
C GLY B 187 17.35 -1.21 21.49
N ILE B 188 17.33 0.08 21.85
CA ILE B 188 16.18 0.63 22.57
C ILE B 188 14.93 0.53 21.71
N ILE B 189 15.04 0.85 20.42
CA ILE B 189 13.90 0.76 19.52
C ILE B 189 13.41 -0.67 19.40
N GLN B 190 14.35 -1.62 19.26
CA GLN B 190 13.98 -3.02 19.16
C GLN B 190 13.30 -3.51 20.43
N LEU B 191 13.81 -3.11 21.60
CA LEU B 191 13.20 -3.50 22.86
C LEU B 191 11.80 -2.91 23.00
N ALA B 192 11.62 -1.65 22.58
CA ALA B 192 10.29 -1.06 22.62
C ALA B 192 9.32 -1.78 21.69
N PHE B 193 9.79 -2.15 20.50
CA PHE B 193 8.94 -2.90 19.58
C PHE B 193 8.56 -4.26 20.16
N GLY B 194 9.51 -4.94 20.80
CA GLY B 194 9.21 -6.21 21.41
C GLY B 194 8.24 -6.09 22.57
N ILE B 195 8.39 -5.03 23.38
CA ILE B 195 7.48 -4.81 24.49
C ILE B 195 6.07 -4.52 23.98
N LEU B 196 5.96 -3.71 22.92
CA LEU B 196 4.67 -3.37 22.35
C LEU B 196 3.99 -4.54 21.66
N ARG B 197 4.64 -5.71 21.59
CA ARG B 197 4.06 -6.91 20.97
C ARG B 197 3.66 -6.66 19.52
N ILE B 198 4.50 -5.92 18.79
CA ILE B 198 4.25 -5.64 17.38
C ILE B 198 5.30 -6.36 16.55
N GLY B 199 5.80 -7.48 17.05
CA GLY B 199 6.84 -8.23 16.37
C GLY B 199 6.37 -8.95 15.11
N PHE B 200 5.16 -8.64 14.66
CA PHE B 200 4.62 -9.18 13.43
C PHE B 200 4.91 -8.31 12.22
N VAL B 201 5.69 -7.23 12.39
CA VAL B 201 6.01 -6.34 11.27
C VAL B 201 6.92 -6.99 10.24
N VAL B 202 7.40 -8.21 10.50
CA VAL B 202 8.23 -8.92 9.54
C VAL B 202 7.44 -9.44 8.35
N ILE B 203 6.10 -9.43 8.43
CA ILE B 203 5.26 -9.92 7.34
C ILE B 203 4.96 -8.84 6.31
N TYR B 204 5.37 -7.60 6.56
CA TYR B 204 5.21 -6.54 5.57
C TYR B 204 6.32 -6.54 4.53
N LEU B 205 7.31 -7.41 4.68
CA LEU B 205 8.43 -7.52 3.75
C LEU B 205 8.24 -8.80 2.94
N SER B 206 7.95 -8.63 1.65
CA SER B 206 7.74 -9.78 0.78
C SER B 206 9.05 -10.52 0.55
N GLU B 207 8.94 -11.77 0.09
CA GLU B 207 10.13 -12.54 -0.25
C GLU B 207 10.87 -11.91 -1.42
N SER B 208 10.15 -11.38 -2.41
CA SER B 208 10.80 -10.70 -3.51
C SER B 208 11.53 -9.44 -3.05
N LEU B 209 10.91 -8.66 -2.15
CA LEU B 209 11.59 -7.50 -1.59
C LEU B 209 12.82 -7.90 -0.81
N ILE B 210 12.73 -8.99 -0.04
CA ILE B 210 13.89 -9.48 0.71
C ILE B 210 15.01 -9.85 -0.24
N SER B 211 14.68 -10.56 -1.32
CA SER B 211 15.69 -10.97 -2.29
C SER B 211 16.34 -9.77 -2.96
N GLY B 212 15.53 -8.80 -3.38
CA GLY B 212 16.10 -7.61 -4.02
C GLY B 212 16.99 -6.82 -3.09
N PHE B 213 16.54 -6.61 -1.85
CA PHE B 213 17.35 -5.88 -0.89
C PHE B 213 18.64 -6.62 -0.56
N THR B 214 18.57 -7.94 -0.40
CA THR B 214 19.77 -8.71 -0.11
C THR B 214 20.76 -8.66 -1.27
N THR B 215 20.27 -8.74 -2.51
CA THR B 215 21.18 -8.66 -3.65
C THR B 215 21.82 -7.28 -3.76
N ALA B 216 21.04 -6.22 -3.52
CA ALA B 216 21.61 -4.87 -3.52
C ALA B 216 22.63 -4.70 -2.41
N ALA B 217 22.35 -5.26 -1.23
CA ALA B 217 23.31 -5.19 -0.13
C ALA B 217 24.56 -6.01 -0.43
N ALA B 218 24.41 -7.11 -1.17
CA ALA B 218 25.58 -7.89 -1.58
C ALA B 218 26.46 -7.08 -2.52
N VAL B 219 25.84 -6.39 -3.48
CA VAL B 219 26.60 -5.51 -4.37
C VAL B 219 27.28 -4.41 -3.57
N HIS B 220 26.58 -3.86 -2.58
CA HIS B 220 27.17 -2.83 -1.73
C HIS B 220 28.38 -3.36 -0.96
N VAL B 221 28.27 -4.58 -0.44
CA VAL B 221 29.39 -5.20 0.28
C VAL B 221 30.58 -5.37 -0.66
N LEU B 222 30.33 -5.87 -1.88
CA LEU B 222 31.41 -6.09 -2.82
C LEU B 222 32.09 -4.78 -3.20
N VAL B 223 31.31 -3.71 -3.34
CA VAL B 223 31.88 -2.41 -3.65
C VAL B 223 32.68 -1.87 -2.47
N SER B 224 32.15 -2.02 -1.26
CA SER B 224 32.79 -1.43 -0.09
C SER B 224 34.10 -2.14 0.27
N GLN B 225 34.17 -3.46 0.07
CA GLN B 225 35.39 -4.18 0.42
C GLN B 225 36.54 -3.91 -0.56
N LEU B 226 36.28 -3.21 -1.66
CA LEU B 226 37.35 -2.90 -2.62
C LEU B 226 38.40 -1.98 -2.00
N LYS B 227 37.97 -1.00 -1.20
CA LYS B 227 38.93 -0.09 -0.58
C LYS B 227 39.88 -0.79 0.37
N PHE B 228 39.49 -1.96 0.89
CA PHE B 228 40.36 -2.74 1.75
C PHE B 228 41.16 -3.77 0.97
N ILE B 229 40.59 -4.32 -0.10
CA ILE B 229 41.34 -5.25 -0.95
C ILE B 229 42.50 -4.53 -1.62
N PHE B 230 42.24 -3.33 -2.15
CA PHE B 230 43.27 -2.55 -2.84
C PHE B 230 44.12 -1.71 -1.90
N GLN B 231 43.75 -1.62 -0.62
CA GLN B 231 44.46 -0.81 0.38
C GLN B 231 44.54 0.65 -0.07
N LEU B 232 43.37 1.26 -0.18
CA LEU B 232 43.25 2.66 -0.58
C LEU B 232 42.47 3.44 0.47
N THR B 233 42.75 4.73 0.55
CA THR B 233 42.06 5.62 1.47
C THR B 233 40.84 6.21 0.78
N VAL B 234 39.66 5.97 1.35
CA VAL B 234 38.40 6.42 0.78
C VAL B 234 37.61 7.16 1.86
N PRO B 235 37.20 8.41 1.62
CA PRO B 235 36.41 9.12 2.63
C PRO B 235 35.03 8.48 2.80
N SER B 236 34.49 8.63 4.01
CA SER B 236 33.17 8.08 4.32
C SER B 236 32.11 8.92 3.61
N HIS B 237 31.40 8.30 2.67
CA HIS B 237 30.41 8.99 1.86
C HIS B 237 29.05 9.01 2.55
N THR B 238 28.10 9.67 1.91
CA THR B 238 26.80 9.96 2.49
C THR B 238 25.71 9.13 1.80
N ASP B 239 24.58 8.98 2.49
CA ASP B 239 23.53 8.04 2.08
C ASP B 239 23.00 8.26 0.67
N PRO B 240 22.68 9.50 0.20
CA PRO B 240 21.98 9.66 -1.09
C PRO B 240 22.47 8.78 -2.22
N VAL B 241 23.76 8.88 -2.57
CA VAL B 241 24.38 8.00 -3.56
C VAL B 241 25.72 7.58 -2.96
N SER B 242 25.76 6.41 -2.32
CA SER B 242 26.94 5.96 -1.60
C SER B 242 27.81 5.00 -2.41
N ILE B 243 27.19 4.00 -3.05
CA ILE B 243 27.97 2.98 -3.74
C ILE B 243 28.73 3.58 -4.91
N PHE B 244 28.07 4.44 -5.69
CA PHE B 244 28.73 5.05 -6.85
C PHE B 244 29.85 6.00 -6.42
N LYS B 245 29.63 6.77 -5.34
CA LYS B 245 30.69 7.63 -4.84
C LYS B 245 31.88 6.82 -4.36
N VAL B 246 31.63 5.72 -3.65
CA VAL B 246 32.72 4.87 -3.18
C VAL B 246 33.46 4.26 -4.37
N LEU B 247 32.72 3.83 -5.39
CA LEU B 247 33.35 3.25 -6.57
C LEU B 247 34.23 4.27 -7.28
N TYR B 248 33.74 5.50 -7.43
CA TYR B 248 34.54 6.54 -8.07
C TYR B 248 35.78 6.86 -7.25
N SER B 249 35.64 6.95 -5.93
CA SER B 249 36.80 7.23 -5.08
C SER B 249 37.83 6.11 -5.17
N VAL B 250 37.37 4.85 -5.23
CA VAL B 250 38.29 3.73 -5.30
C VAL B 250 39.01 3.71 -6.65
N PHE B 251 38.26 3.91 -7.74
CA PHE B 251 38.84 3.77 -9.07
C PHE B 251 39.55 5.03 -9.56
N SER B 252 39.44 6.15 -8.84
CA SER B 252 40.25 7.32 -9.17
C SER B 252 41.67 7.21 -8.63
N GLN B 253 41.93 6.28 -7.72
CA GLN B 253 43.26 6.05 -7.17
C GLN B 253 43.70 4.60 -7.38
N ILE B 254 43.25 3.98 -8.48
CA ILE B 254 43.57 2.59 -8.74
C ILE B 254 45.06 2.40 -9.00
N GLU B 255 45.78 3.47 -9.36
CA GLU B 255 47.22 3.35 -9.57
C GLU B 255 47.95 3.12 -8.26
N LYS B 256 47.47 3.70 -7.16
CA LYS B 256 48.11 3.59 -5.86
C LYS B 256 47.78 2.28 -5.14
N THR B 257 47.27 1.28 -5.86
CA THR B 257 46.95 0.01 -5.23
C THR B 257 48.23 -0.74 -4.85
N ASN B 258 48.08 -1.66 -3.90
CA ASN B 258 49.19 -2.50 -3.43
C ASN B 258 49.06 -3.86 -4.10
N ILE B 259 50.06 -4.21 -4.92
CA ILE B 259 49.97 -5.43 -5.72
C ILE B 259 50.07 -6.67 -4.84
N ALA B 260 50.91 -6.62 -3.80
CA ALA B 260 51.03 -7.76 -2.89
C ALA B 260 49.72 -7.99 -2.14
N ASP B 261 49.11 -6.91 -1.64
CA ASP B 261 47.84 -7.03 -0.95
C ASP B 261 46.76 -7.55 -1.89
N LEU B 262 46.74 -7.05 -3.13
CA LEU B 262 45.75 -7.49 -4.10
C LEU B 262 45.90 -8.98 -4.39
N VAL B 263 47.15 -9.44 -4.62
CA VAL B 263 47.36 -10.83 -4.99
C VAL B 263 47.07 -11.75 -3.81
N THR B 264 47.41 -11.34 -2.59
CA THR B 264 47.12 -12.20 -1.44
C THR B 264 45.61 -12.27 -1.20
N ALA B 265 44.89 -11.16 -1.43
CA ALA B 265 43.44 -11.20 -1.33
C ALA B 265 42.85 -12.15 -2.37
N LEU B 266 43.36 -12.10 -3.61
CA LEU B 266 42.86 -13.01 -4.63
C LEU B 266 43.14 -14.47 -4.28
N ILE B 267 44.34 -14.77 -3.79
CA ILE B 267 44.65 -16.15 -3.43
C ILE B 267 43.75 -16.63 -2.31
N VAL B 268 43.57 -15.81 -1.27
CA VAL B 268 42.73 -16.22 -0.14
C VAL B 268 41.30 -16.44 -0.61
N LEU B 269 40.77 -15.53 -1.42
CA LEU B 269 39.40 -15.66 -1.90
C LEU B 269 39.23 -16.91 -2.77
N LEU B 270 40.18 -17.15 -3.67
CA LEU B 270 40.08 -18.33 -4.54
C LEU B 270 40.13 -19.62 -3.74
N VAL B 271 41.07 -19.71 -2.79
CA VAL B 271 41.19 -20.91 -1.97
C VAL B 271 39.92 -21.14 -1.16
N VAL B 272 39.40 -20.07 -0.55
CA VAL B 272 38.21 -20.19 0.29
C VAL B 272 37.01 -20.61 -0.56
N SER B 273 36.84 -20.02 -1.74
CA SER B 273 35.72 -20.37 -2.59
C SER B 273 35.82 -21.83 -3.06
N ILE B 274 37.02 -22.26 -3.46
CA ILE B 274 37.20 -23.63 -3.92
C ILE B 274 36.90 -24.62 -2.79
N VAL B 275 37.40 -24.34 -1.60
CA VAL B 275 37.20 -25.25 -0.48
C VAL B 275 35.73 -25.27 -0.07
N LYS B 276 35.07 -24.11 -0.12
CA LYS B 276 33.64 -24.07 0.18
C LYS B 276 32.85 -24.89 -0.84
N GLU B 277 33.22 -24.79 -2.12
CA GLU B 277 32.53 -25.55 -3.15
C GLU B 277 32.70 -27.05 -2.93
N ILE B 278 33.93 -27.50 -2.66
CA ILE B 278 34.13 -28.93 -2.47
C ILE B 278 33.48 -29.40 -1.17
N ASN B 279 33.44 -28.55 -0.15
CA ASN B 279 32.76 -28.90 1.09
C ASN B 279 31.26 -29.07 0.87
N GLN B 280 30.65 -28.17 0.10
CA GLN B 280 29.22 -28.28 -0.18
C GLN B 280 28.94 -29.52 -1.05
N ARG B 281 29.81 -29.80 -2.02
CA ARG B 281 29.58 -30.94 -2.91
C ARG B 281 29.75 -32.26 -2.16
N PHE B 282 30.82 -32.39 -1.38
CA PHE B 282 31.15 -33.63 -0.68
C PHE B 282 30.71 -33.47 0.77
N LYS B 283 29.47 -33.84 1.06
CA LYS B 283 28.90 -33.67 2.38
C LYS B 283 28.86 -34.96 3.19
N ASP B 284 28.40 -36.06 2.58
CA ASP B 284 28.28 -37.32 3.30
C ASP B 284 29.63 -37.86 3.73
N LYS B 285 30.65 -37.75 2.87
CA LYS B 285 31.97 -38.28 3.16
C LYS B 285 32.78 -37.36 4.07
N LEU B 286 32.31 -36.15 4.34
CA LEU B 286 33.06 -35.15 5.10
C LEU B 286 32.30 -34.73 6.34
N PRO B 287 32.53 -35.39 7.48
CA PRO B 287 32.01 -34.89 8.75
C PRO B 287 32.83 -33.69 9.23
N VAL B 288 32.24 -32.94 10.15
CA VAL B 288 32.81 -31.73 10.74
C VAL B 288 33.48 -30.89 9.65
N PRO B 289 32.70 -30.18 8.83
CA PRO B 289 33.24 -29.56 7.61
C PRO B 289 34.50 -28.74 7.88
N ILE B 290 35.37 -28.72 6.88
CA ILE B 290 36.73 -28.17 7.04
C ILE B 290 36.65 -26.69 7.42
N PRO B 291 37.33 -26.25 8.48
CA PRO B 291 37.36 -24.82 8.83
C PRO B 291 38.36 -24.05 7.97
N ILE B 292 37.94 -23.75 6.75
CA ILE B 292 38.83 -23.08 5.80
C ILE B 292 39.16 -21.67 6.29
N GLU B 293 38.20 -20.99 6.92
CA GLU B 293 38.48 -19.66 7.44
C GLU B 293 39.63 -19.70 8.42
N PHE B 294 39.55 -20.58 9.42
CA PHE B 294 40.61 -20.69 10.42
C PHE B 294 41.92 -21.12 9.78
N ILE B 295 41.87 -22.10 8.88
CA ILE B 295 43.10 -22.68 8.34
C ILE B 295 43.83 -21.64 7.49
N MET B 296 43.10 -20.98 6.57
CA MET B 296 43.72 -19.95 5.74
C MET B 296 44.11 -18.73 6.57
N THR B 297 43.39 -18.43 7.64
CA THR B 297 43.76 -17.28 8.46
C THR B 297 45.07 -17.53 9.18
N VAL B 298 45.22 -18.72 9.79
CA VAL B 298 46.48 -18.99 10.48
C VAL B 298 47.62 -19.13 9.47
N ILE B 299 47.34 -19.67 8.29
CA ILE B 299 48.37 -19.75 7.25
C ILE B 299 48.83 -18.33 6.86
N ALA B 300 47.86 -17.43 6.65
CA ALA B 300 48.21 -16.06 6.26
C ALA B 300 48.98 -15.36 7.38
N ALA B 301 48.57 -15.56 8.63
CA ALA B 301 49.28 -14.93 9.74
C ALA B 301 50.71 -15.45 9.86
N GLY B 302 50.89 -16.77 9.70
CA GLY B 302 52.23 -17.33 9.75
C GLY B 302 53.10 -16.87 8.59
N VAL B 303 52.49 -16.70 7.42
CA VAL B 303 53.24 -16.20 6.27
C VAL B 303 53.65 -14.75 6.48
N SER B 304 52.74 -13.92 7.00
CA SER B 304 53.07 -12.53 7.26
C SER B 304 54.15 -12.40 8.33
N TYR B 305 54.06 -13.21 9.39
CA TYR B 305 55.14 -13.25 10.36
C TYR B 305 56.35 -13.96 9.77
N GLY B 306 57.53 -13.65 10.32
CA GLY B 306 58.75 -14.20 9.80
C GLY B 306 59.17 -13.54 8.51
N CYS B 307 58.35 -13.68 7.47
CA CYS B 307 58.59 -12.99 6.21
C CYS B 307 58.40 -11.48 6.34
N ASP B 308 57.78 -11.01 7.42
CA ASP B 308 57.65 -9.58 7.72
C ASP B 308 56.90 -8.84 6.59
N PHE B 309 55.63 -9.21 6.44
CA PHE B 309 54.78 -8.53 5.46
C PHE B 309 54.27 -7.21 6.02
N LYS B 310 55.16 -6.41 6.59
CA LYS B 310 54.85 -5.05 7.01
C LYS B 310 55.94 -4.05 6.66
N ASN B 311 57.14 -4.49 6.32
CA ASN B 311 58.23 -3.63 5.89
C ASN B 311 58.78 -4.01 4.53
N ARG B 312 58.82 -5.29 4.20
CA ARG B 312 59.15 -5.70 2.84
C ARG B 312 58.11 -5.18 1.85
N PHE B 313 56.84 -5.27 2.21
CA PHE B 313 55.74 -4.66 1.48
C PHE B 313 55.06 -3.63 2.39
N LYS B 314 54.16 -2.84 1.80
CA LYS B 314 53.43 -1.82 2.52
C LYS B 314 51.99 -2.25 2.82
N VAL B 315 51.81 -3.53 3.13
CA VAL B 315 50.49 -4.06 3.43
C VAL B 315 50.05 -3.58 4.81
N ALA B 316 48.86 -2.98 4.87
CA ALA B 316 48.30 -2.58 6.15
C ALA B 316 47.94 -3.81 6.97
N VAL B 317 48.22 -3.76 8.27
CA VAL B 317 47.99 -4.89 9.15
C VAL B 317 47.09 -4.45 10.31
N VAL B 318 46.46 -5.44 10.93
CA VAL B 318 45.63 -5.18 12.10
C VAL B 318 46.53 -4.79 13.27
N GLY B 319 46.27 -3.65 13.87
CA GLY B 319 47.11 -3.15 14.94
C GLY B 319 47.00 -3.99 16.20
N ASP B 320 47.95 -3.77 17.10
CA ASP B 320 47.99 -4.49 18.37
C ASP B 320 46.84 -4.01 19.24
N MET B 321 45.76 -4.78 19.25
CA MET B 321 44.59 -4.41 20.05
C MET B 321 44.90 -4.52 21.54
N ASN B 322 44.29 -3.64 22.31
CA ASN B 322 44.50 -3.63 23.76
C ASN B 322 43.84 -4.86 24.38
N PRO B 323 44.59 -5.70 25.08
CA PRO B 323 43.99 -6.90 25.69
C PRO B 323 43.10 -6.52 26.87
N GLY B 324 41.81 -6.81 26.74
CA GLY B 324 40.85 -6.50 27.77
C GLY B 324 39.66 -5.73 27.21
N PHE B 325 38.65 -5.58 28.07
CA PHE B 325 37.44 -4.86 27.72
C PHE B 325 37.63 -3.37 27.98
N GLN B 326 36.56 -2.61 27.80
CA GLN B 326 36.59 -1.17 27.97
C GLN B 326 35.42 -0.73 28.85
N PRO B 327 35.58 0.34 29.62
CA PRO B 327 34.51 0.78 30.51
C PRO B 327 33.30 1.26 29.72
N PRO B 328 32.11 1.13 30.28
CA PRO B 328 30.91 1.58 29.56
C PRO B 328 30.86 3.11 29.44
N ILE B 329 30.13 3.57 28.43
CA ILE B 329 29.97 4.99 28.17
C ILE B 329 28.49 5.33 28.03
N THR B 330 28.16 6.58 28.32
CA THR B 330 26.79 7.06 28.17
C THR B 330 26.52 7.41 26.71
N PRO B 331 25.45 6.89 26.12
CA PRO B 331 25.15 7.22 24.72
C PRO B 331 24.87 8.71 24.53
N ASP B 332 25.23 9.20 23.35
CA ASP B 332 25.12 10.63 23.06
C ASP B 332 23.70 10.98 22.62
N VAL B 333 23.07 11.89 23.36
CA VAL B 333 21.73 12.36 23.00
C VAL B 333 21.75 13.10 21.67
N GLU B 334 22.86 13.78 21.36
CA GLU B 334 22.97 14.46 20.07
C GLU B 334 22.92 13.46 18.93
N THR B 335 23.66 12.36 19.05
CA THR B 335 23.60 11.30 18.04
C THR B 335 22.22 10.66 18.00
N PHE B 336 21.60 10.47 19.17
CA PHE B 336 20.24 9.97 19.24
C PHE B 336 19.30 10.81 18.38
N GLN B 337 19.35 12.13 18.56
CA GLN B 337 18.51 13.03 17.80
C GLN B 337 18.88 13.03 16.32
N ASN B 338 20.18 12.93 16.02
CA ASN B 338 20.63 13.06 14.63
C ASN B 338 20.23 11.85 13.78
N THR B 339 20.33 10.64 14.34
CA THR B 339 20.20 9.42 13.56
C THR B 339 18.96 8.60 13.91
N VAL B 340 17.82 9.25 14.12
CA VAL B 340 16.60 8.54 14.48
C VAL B 340 16.17 7.60 13.36
N GLY B 341 16.10 8.13 12.13
CA GLY B 341 15.68 7.31 11.01
C GLY B 341 16.65 6.20 10.71
N ASP B 342 17.95 6.48 10.78
CA ASP B 342 18.95 5.45 10.55
C ASP B 342 18.86 4.34 11.60
N CYS B 343 18.62 4.72 12.86
CA CYS B 343 18.47 3.71 13.91
C CYS B 343 17.20 2.89 13.71
N PHE B 344 16.12 3.53 13.28
CA PHE B 344 14.89 2.78 12.98
C PHE B 344 15.14 1.78 11.87
N GLY B 345 15.82 2.20 10.80
CA GLY B 345 16.14 1.28 9.72
C GLY B 345 17.03 0.15 10.17
N ILE B 346 18.03 0.45 11.01
CA ILE B 346 18.93 -0.58 11.51
C ILE B 346 18.18 -1.61 12.32
N ALA B 347 17.29 -1.14 13.21
CA ALA B 347 16.52 -2.06 14.04
C ALA B 347 15.61 -2.93 13.19
N MET B 348 14.92 -2.32 12.22
CA MET B 348 14.02 -3.09 11.37
C MET B 348 14.78 -4.13 10.55
N VAL B 349 15.91 -3.73 9.96
CA VAL B 349 16.69 -4.66 9.14
C VAL B 349 17.24 -5.79 10.00
N ALA B 350 17.74 -5.47 11.19
CA ALA B 350 18.28 -6.50 12.07
C ALA B 350 17.21 -7.49 12.48
N PHE B 351 16.03 -7.00 12.87
CA PHE B 351 14.97 -7.90 13.27
C PHE B 351 14.51 -8.77 12.12
N ALA B 352 14.36 -8.18 10.93
CA ALA B 352 13.92 -8.96 9.77
C ALA B 352 14.94 -10.03 9.40
N VAL B 353 16.23 -9.67 9.40
CA VAL B 353 17.27 -10.63 9.07
C VAL B 353 17.29 -11.77 10.10
N ALA B 354 17.20 -11.41 11.38
CA ALA B 354 17.22 -12.44 12.42
C ALA B 354 16.03 -13.38 12.31
N PHE B 355 14.84 -12.83 12.08
CA PHE B 355 13.66 -13.68 11.94
C PHE B 355 13.76 -14.57 10.72
N SER B 356 14.23 -14.02 9.59
CA SER B 356 14.35 -14.83 8.38
C SER B 356 15.36 -15.96 8.55
N VAL B 357 16.48 -15.68 9.22
CA VAL B 357 17.49 -16.71 9.44
C VAL B 357 16.98 -17.76 10.42
N ALA B 358 16.31 -17.33 11.49
CA ALA B 358 15.88 -18.26 12.53
C ALA B 358 14.70 -19.12 12.08
N SER B 359 13.86 -18.61 11.18
CA SER B 359 12.68 -19.35 10.76
C SER B 359 13.05 -20.63 10.03
N VAL B 360 14.13 -20.60 9.24
CA VAL B 360 14.55 -21.79 8.50
C VAL B 360 14.89 -22.92 9.47
N TYR B 361 15.73 -22.62 10.46
CA TYR B 361 16.11 -23.65 11.43
C TYR B 361 14.95 -24.04 12.33
N SER B 362 14.06 -23.10 12.66
CA SER B 362 12.89 -23.43 13.47
C SER B 362 11.99 -24.41 12.73
N LEU B 363 11.76 -24.19 11.43
CA LEU B 363 10.96 -25.13 10.66
C LEU B 363 11.69 -26.45 10.47
N LYS B 364 13.02 -26.40 10.34
CA LYS B 364 13.79 -27.63 10.13
C LYS B 364 13.75 -28.53 11.36
N TYR B 365 13.89 -27.95 12.56
CA TYR B 365 13.99 -28.73 13.78
C TYR B 365 12.72 -28.76 14.62
N ASP B 366 11.65 -28.13 14.14
CA ASP B 366 10.32 -28.25 14.74
C ASP B 366 10.30 -27.79 16.21
N TYR B 367 10.59 -26.50 16.40
CA TYR B 367 10.36 -25.87 17.69
C TYR B 367 9.72 -24.52 17.47
N PRO B 368 8.91 -24.05 18.42
CA PRO B 368 8.22 -22.76 18.23
C PRO B 368 9.17 -21.59 18.25
N LEU B 369 8.78 -20.53 17.54
CA LEU B 369 9.52 -19.28 17.49
C LEU B 369 8.62 -18.15 17.95
N ASP B 370 9.16 -17.26 18.78
CA ASP B 370 8.42 -16.12 19.32
C ASP B 370 9.04 -14.84 18.78
N GLY B 371 8.30 -14.14 17.92
CA GLY B 371 8.81 -12.92 17.33
C GLY B 371 9.06 -11.82 18.35
N ASN B 372 8.11 -11.62 19.28
CA ASN B 372 8.28 -10.60 20.29
C ASN B 372 9.43 -10.91 21.24
N GLN B 373 9.58 -12.18 21.62
CA GLN B 373 10.72 -12.58 22.45
C GLN B 373 12.03 -12.37 21.71
N GLU B 374 12.05 -12.70 20.41
CA GLU B 374 13.25 -12.44 19.60
C GLU B 374 13.59 -10.97 19.56
N LEU B 375 12.57 -10.12 19.39
CA LEU B 375 12.79 -8.67 19.36
C LEU B 375 13.34 -8.19 20.70
N ILE B 376 12.78 -8.67 21.81
CA ILE B 376 13.24 -8.26 23.13
C ILE B 376 14.69 -8.69 23.34
N ALA B 377 15.03 -9.93 22.98
CA ALA B 377 16.39 -10.41 23.15
C ALA B 377 17.36 -9.61 22.31
N LEU B 378 17.02 -9.34 21.04
CA LEU B 378 17.90 -8.56 20.18
C LEU B 378 18.09 -7.14 20.71
N GLY B 379 16.99 -6.52 21.17
CA GLY B 379 17.11 -5.18 21.72
C GLY B 379 17.99 -5.13 22.95
N LEU B 380 17.81 -6.08 23.87
CA LEU B 380 18.64 -6.09 25.07
C LEU B 380 20.11 -6.36 24.73
N GLY B 381 20.36 -7.28 23.80
CA GLY B 381 21.73 -7.54 23.39
C GLY B 381 22.40 -6.33 22.76
N ASN B 382 21.68 -5.65 21.86
CA ASN B 382 22.22 -4.46 21.23
C ASN B 382 22.45 -3.35 22.25
N ILE B 383 21.53 -3.20 23.21
CA ILE B 383 21.69 -2.18 24.24
C ILE B 383 22.94 -2.44 25.07
N VAL B 384 23.12 -3.70 25.50
CA VAL B 384 24.30 -4.04 26.31
C VAL B 384 25.58 -3.85 25.50
N CYS B 385 25.58 -4.29 24.24
CA CYS B 385 26.76 -4.17 23.41
C CYS B 385 27.13 -2.71 23.18
N GLY B 386 26.13 -1.85 22.92
CA GLY B 386 26.41 -0.44 22.75
C GLY B 386 26.88 0.23 24.03
N VAL B 387 26.31 -0.17 25.16
CA VAL B 387 26.77 0.35 26.44
C VAL B 387 28.23 -0.01 26.65
N PHE B 388 28.62 -1.23 26.27
CA PHE B 388 29.99 -1.69 26.42
C PHE B 388 30.85 -1.43 25.17
N ARG B 389 30.53 -0.38 24.40
CA ARG B 389 31.33 0.06 23.26
C ARG B 389 31.47 -1.05 22.21
N GLY B 390 30.33 -1.37 21.59
CA GLY B 390 30.28 -2.25 20.45
C GLY B 390 29.50 -1.61 19.31
N PHE B 391 28.78 -2.45 18.58
CA PHE B 391 27.87 -1.97 17.54
C PHE B 391 26.77 -3.01 17.34
N ALA B 392 25.97 -2.81 16.30
CA ALA B 392 24.73 -3.58 16.15
C ALA B 392 25.01 -5.07 16.00
N GLY B 393 24.14 -5.88 16.59
CA GLY B 393 24.31 -7.32 16.59
C GLY B 393 23.04 -8.04 16.21
N SER B 394 23.19 -9.10 15.43
CA SER B 394 22.09 -9.98 15.01
C SER B 394 22.71 -11.30 14.59
N THR B 395 21.95 -12.12 13.88
CA THR B 395 22.48 -13.40 13.39
C THR B 395 22.85 -13.26 11.92
N ALA B 396 23.99 -13.86 11.56
CA ALA B 396 24.47 -13.90 10.19
C ALA B 396 24.21 -15.29 9.61
N LEU B 397 23.83 -15.32 8.32
CA LEU B 397 23.50 -16.59 7.70
C LEU B 397 24.71 -17.52 7.65
N SER B 398 25.88 -16.99 7.33
CA SER B 398 27.07 -17.83 7.25
C SER B 398 27.42 -18.44 8.60
N ARG B 399 27.43 -17.62 9.66
CA ARG B 399 27.74 -18.12 10.99
C ARG B 399 26.70 -19.12 11.47
N SER B 400 25.42 -18.83 11.20
CA SER B 400 24.35 -19.75 11.60
C SER B 400 24.48 -21.08 10.88
N ALA B 401 24.79 -21.04 9.58
CA ALA B 401 24.98 -22.27 8.82
C ALA B 401 26.18 -23.07 9.34
N VAL B 402 27.27 -22.37 9.67
CA VAL B 402 28.43 -23.06 10.22
C VAL B 402 28.08 -23.74 11.54
N GLN B 403 27.39 -23.01 12.42
CA GLN B 403 27.01 -23.58 13.70
C GLN B 403 26.07 -24.76 13.55
N GLU B 404 25.11 -24.67 12.63
CA GLU B 404 24.16 -25.76 12.43
C GLU B 404 24.84 -26.98 11.82
N SER B 405 25.69 -26.78 10.83
CA SER B 405 26.35 -27.90 10.17
C SER B 405 27.36 -28.59 11.09
N THR B 406 28.05 -27.80 11.93
CA THR B 406 29.03 -28.39 12.84
C THR B 406 28.39 -29.29 13.88
N GLY B 407 27.10 -29.14 14.14
CA GLY B 407 26.42 -29.99 15.10
C GLY B 407 25.78 -29.22 16.24
N GLY B 408 25.44 -27.96 16.00
CA GLY B 408 24.80 -27.16 17.03
C GLY B 408 23.43 -27.70 17.38
N LYS B 409 23.18 -27.88 18.68
CA LYS B 409 21.90 -28.34 19.19
C LYS B 409 21.17 -27.30 20.01
N THR B 410 21.88 -26.59 20.88
CA THR B 410 21.28 -25.55 21.71
C THR B 410 22.11 -24.27 21.65
N GLN B 411 21.80 -23.31 22.52
CA GLN B 411 22.59 -22.09 22.60
C GLN B 411 23.86 -22.26 23.41
N ILE B 412 24.11 -23.45 23.94
CA ILE B 412 25.39 -23.75 24.58
C ILE B 412 26.52 -23.60 23.57
N ALA B 413 26.25 -23.90 22.30
CA ALA B 413 27.23 -23.61 21.26
C ALA B 413 27.52 -22.11 21.18
N GLY B 414 26.48 -21.28 21.30
CA GLY B 414 26.70 -19.84 21.33
C GLY B 414 27.50 -19.40 22.54
N LEU B 415 27.25 -20.03 23.69
CA LEU B 415 28.03 -19.73 24.89
C LEU B 415 29.50 -20.11 24.71
N ILE B 416 29.76 -21.26 24.08
CA ILE B 416 31.14 -21.68 23.84
C ILE B 416 31.81 -20.73 22.85
N GLY B 417 31.06 -20.28 21.83
CA GLY B 417 31.60 -19.29 20.92
C GLY B 417 31.94 -17.98 21.60
N ALA B 418 31.07 -17.54 22.51
CA ALA B 418 31.36 -16.34 23.30
C ALA B 418 32.58 -16.54 24.17
N ILE B 419 32.75 -17.74 24.72
CA ILE B 419 33.93 -18.04 25.53
C ILE B 419 35.19 -17.97 24.67
N ILE B 420 35.12 -18.50 23.45
CA ILE B 420 36.26 -18.43 22.54
C ILE B 420 36.58 -16.99 22.18
N VAL B 421 35.55 -16.18 21.93
CA VAL B 421 35.76 -14.76 21.64
C VAL B 421 36.41 -14.06 22.83
N LEU B 422 35.95 -14.39 24.05
CA LEU B 422 36.54 -13.80 25.25
C LEU B 422 38.00 -14.21 25.40
N ILE B 423 38.33 -15.46 25.10
CA ILE B 423 39.71 -15.92 25.16
C ILE B 423 40.57 -15.16 24.15
N VAL B 424 40.04 -14.95 22.94
CA VAL B 424 40.77 -14.19 21.93
C VAL B 424 41.00 -12.76 22.40
N VAL B 425 39.98 -12.16 23.01
CA VAL B 425 40.09 -10.78 23.48
C VAL B 425 41.14 -10.67 24.59
N LEU B 426 41.12 -11.60 25.54
CA LEU B 426 41.94 -11.47 26.74
C LEU B 426 43.36 -12.03 26.56
N ALA B 427 43.47 -13.32 26.26
CA ALA B 427 44.76 -13.99 26.33
C ALA B 427 45.54 -13.90 25.02
N ILE B 428 44.98 -14.43 23.94
CA ILE B 428 45.68 -14.44 22.64
C ILE B 428 45.27 -13.17 21.90
N GLY B 429 45.94 -12.08 22.25
CA GLY B 429 45.70 -10.79 21.62
C GLY B 429 46.87 -10.35 20.77
N PHE B 430 48.07 -10.82 21.13
CA PHE B 430 49.25 -10.54 20.33
C PHE B 430 49.16 -11.20 18.97
N LEU B 431 48.45 -12.32 18.87
CA LEU B 431 48.17 -12.92 17.57
C LEU B 431 47.16 -12.08 16.80
N LEU B 432 46.97 -12.42 15.53
CA LEU B 432 46.08 -11.71 14.62
C LEU B 432 46.55 -10.29 14.37
N ALA B 433 47.72 -9.94 14.90
CA ALA B 433 48.35 -8.65 14.63
C ALA B 433 49.06 -8.66 13.28
N PRO B 434 49.78 -9.72 12.90
CA PRO B 434 50.31 -9.78 11.53
C PRO B 434 49.25 -10.04 10.47
N LEU B 435 47.97 -10.08 10.83
CA LEU B 435 46.93 -10.28 9.85
C LEU B 435 46.90 -9.13 8.87
N GLN B 436 46.59 -9.44 7.61
CA GLN B 436 46.83 -8.51 6.50
C GLN B 436 45.71 -7.49 6.33
N LYS B 437 44.69 -7.49 7.17
CA LYS B 437 43.62 -6.49 7.17
C LYS B 437 42.84 -6.51 5.87
N SER B 438 43.18 -7.41 4.96
CA SER B 438 42.43 -7.63 3.73
C SER B 438 42.15 -9.11 3.47
N VAL B 439 42.86 -10.03 4.11
CA VAL B 439 42.42 -11.41 4.14
C VAL B 439 41.05 -11.50 4.79
N LEU B 440 40.78 -10.65 5.77
CA LEU B 440 39.45 -10.54 6.34
C LEU B 440 38.44 -10.08 5.30
N ALA B 441 38.83 -9.11 4.46
CA ALA B 441 37.95 -8.64 3.39
C ALA B 441 37.65 -9.75 2.40
N ALA B 442 38.67 -10.54 2.04
CA ALA B 442 38.46 -11.66 1.13
C ALA B 442 37.59 -12.74 1.75
N LEU B 443 37.74 -12.98 3.06
CA LEU B 443 36.88 -13.93 3.75
C LEU B 443 35.43 -13.44 3.74
N ALA B 444 35.22 -12.15 3.97
CA ALA B 444 33.88 -11.60 3.91
C ALA B 444 33.29 -11.73 2.50
N LEU B 445 34.11 -11.46 1.48
CA LEU B 445 33.63 -11.61 0.10
C LEU B 445 33.39 -13.07 -0.26
N GLY B 446 34.03 -14.00 0.45
CA GLY B 446 33.78 -15.41 0.20
C GLY B 446 32.40 -15.86 0.58
N ASN B 447 31.72 -15.13 1.47
CA ASN B 447 30.35 -15.41 1.86
C ASN B 447 29.34 -14.78 0.91
N LEU B 448 29.81 -14.10 -0.13
CA LEU B 448 28.96 -13.36 -1.05
C LEU B 448 28.39 -14.23 -2.17
N LYS B 449 28.81 -15.50 -2.26
CA LYS B 449 28.37 -16.33 -3.38
C LYS B 449 26.88 -16.60 -3.32
N GLY B 450 26.38 -17.04 -2.16
CA GLY B 450 24.95 -17.29 -2.03
C GLY B 450 24.12 -16.03 -2.19
N MET B 451 24.66 -14.90 -1.74
CA MET B 451 23.97 -13.63 -1.89
C MET B 451 23.86 -13.24 -3.37
N LEU B 452 24.97 -13.35 -4.10
CA LEU B 452 25.01 -12.92 -5.50
C LEU B 452 24.32 -13.92 -6.43
N MET B 453 24.17 -15.17 -6.01
CA MET B 453 23.44 -16.13 -6.84
C MET B 453 21.96 -15.80 -6.97
N GLN B 454 21.45 -14.89 -6.15
CA GLN B 454 20.06 -14.46 -6.24
C GLN B 454 19.79 -13.59 -7.47
N PHE B 455 20.84 -13.16 -8.18
CA PHE B 455 20.64 -12.41 -9.41
C PHE B 455 19.92 -13.23 -10.47
N ALA B 456 19.98 -14.55 -10.40
CA ALA B 456 19.24 -15.41 -11.33
C ALA B 456 17.81 -15.59 -10.83
N GLU B 457 17.15 -14.48 -10.51
CA GLU B 457 15.75 -14.49 -10.09
C GLU B 457 14.88 -13.52 -10.88
N ILE B 458 15.47 -12.54 -11.57
CA ILE B 458 14.69 -11.62 -12.39
C ILE B 458 13.96 -12.38 -13.49
N GLY B 459 14.65 -13.30 -14.15
CA GLY B 459 14.01 -14.09 -15.19
C GLY B 459 12.89 -14.96 -14.67
N ARG B 460 13.11 -15.61 -13.53
CA ARG B 460 12.08 -16.46 -12.94
C ARG B 460 10.85 -15.64 -12.56
N LEU B 461 11.06 -14.49 -11.93
CA LEU B 461 9.94 -13.65 -11.53
C LEU B 461 9.22 -13.07 -12.74
N TRP B 462 9.97 -12.73 -13.80
CA TRP B 462 9.34 -12.25 -15.03
C TRP B 462 8.48 -13.33 -15.68
N ARG B 463 8.97 -14.57 -15.69
CA ARG B 463 8.20 -15.66 -16.26
C ARG B 463 6.99 -16.01 -15.39
N LYS B 464 7.09 -15.81 -14.07
CA LYS B 464 6.02 -16.25 -13.17
C LYS B 464 4.96 -15.19 -12.95
N ASP B 465 5.35 -14.03 -12.43
CA ASP B 465 4.40 -13.06 -11.88
C ASP B 465 4.26 -11.79 -12.72
N LYS B 466 5.38 -11.20 -13.14
CA LYS B 466 5.48 -9.91 -13.83
C LYS B 466 5.15 -8.73 -12.91
N TYR B 467 4.75 -8.98 -11.66
CA TYR B 467 4.60 -7.94 -10.65
C TYR B 467 5.63 -8.04 -9.55
N ASP B 468 5.89 -9.25 -9.04
CA ASP B 468 6.99 -9.43 -8.10
C ASP B 468 8.34 -9.18 -8.77
N CYS B 469 8.44 -9.42 -10.08
CA CYS B 469 9.62 -9.02 -10.81
C CYS B 469 9.81 -7.51 -10.78
N LEU B 470 8.71 -6.77 -10.94
CA LEU B 470 8.76 -5.31 -10.81
C LEU B 470 9.16 -4.91 -9.39
N ILE B 471 8.64 -5.60 -8.39
CA ILE B 471 9.00 -5.31 -7.00
C ILE B 471 10.50 -5.52 -6.80
N TRP B 472 11.02 -6.64 -7.30
CA TRP B 472 12.44 -6.95 -7.15
C TRP B 472 13.30 -5.89 -7.84
N ILE B 473 12.96 -5.55 -9.09
CA ILE B 473 13.77 -4.59 -9.84
C ILE B 473 13.73 -3.22 -9.17
N MET B 474 12.54 -2.77 -8.76
CA MET B 474 12.42 -1.47 -8.13
C MET B 474 13.14 -1.44 -6.79
N THR B 475 13.06 -2.53 -6.01
CA THR B 475 13.78 -2.59 -4.75
C THR B 475 15.28 -2.50 -4.97
N PHE B 476 15.80 -3.25 -5.95
CA PHE B 476 17.23 -3.22 -6.23
C PHE B 476 17.67 -1.83 -6.66
N ILE B 477 16.91 -1.19 -7.56
CA ILE B 477 17.27 0.13 -8.05
C ILE B 477 17.22 1.16 -6.92
N PHE B 478 16.15 1.11 -6.12
CA PHE B 478 15.99 2.07 -5.03
C PHE B 478 17.11 1.93 -4.02
N THR B 479 17.44 0.70 -3.62
CA THR B 479 18.53 0.50 -2.67
C THR B 479 19.85 0.99 -3.26
N ILE B 480 20.13 0.63 -4.51
CA ILE B 480 21.41 0.98 -5.12
C ILE B 480 21.57 2.49 -5.20
N VAL B 481 20.51 3.22 -5.59
CA VAL B 481 20.62 4.64 -5.82
C VAL B 481 20.19 5.48 -4.63
N LEU B 482 19.86 4.87 -3.49
CA LEU B 482 19.47 5.63 -2.33
C LEU B 482 20.10 5.18 -1.02
N GLY B 483 20.96 4.17 -1.02
CA GLY B 483 21.52 3.69 0.22
C GLY B 483 20.60 2.71 0.91
N LEU B 484 21.18 1.90 1.80
CA LEU B 484 20.44 0.83 2.44
C LEU B 484 19.37 1.37 3.38
N GLY B 485 19.61 2.52 4.02
CA GLY B 485 18.64 3.06 4.95
C GLY B 485 17.35 3.50 4.29
N LEU B 486 17.44 4.15 3.13
CA LEU B 486 16.27 4.68 2.46
C LEU B 486 15.70 3.73 1.42
N GLY B 487 16.50 2.81 0.88
CA GLY B 487 16.00 1.88 -0.10
C GLY B 487 14.95 0.94 0.49
N LEU B 488 15.13 0.55 1.75
CA LEU B 488 14.14 -0.30 2.40
C LEU B 488 12.79 0.40 2.48
N ALA B 489 12.77 1.67 2.88
CA ALA B 489 11.52 2.40 2.98
C ALA B 489 10.88 2.60 1.60
N ALA B 490 11.69 2.97 0.61
CA ALA B 490 11.15 3.18 -0.74
C ALA B 490 10.60 1.87 -1.31
N SER B 491 11.31 0.76 -1.09
CA SER B 491 10.85 -0.53 -1.57
C SER B 491 9.58 -0.97 -0.86
N VAL B 492 9.47 -0.70 0.44
CA VAL B 492 8.26 -1.03 1.17
C VAL B 492 7.08 -0.23 0.62
N ALA B 493 7.29 1.06 0.35
CA ALA B 493 6.23 1.88 -0.23
C ALA B 493 5.80 1.35 -1.59
N PHE B 494 6.77 1.01 -2.45
CA PHE B 494 6.42 0.50 -3.78
C PHE B 494 5.73 -0.85 -3.69
N GLN B 495 6.16 -1.71 -2.76
CA GLN B 495 5.51 -3.00 -2.58
C GLN B 495 4.08 -2.84 -2.10
N LEU B 496 3.83 -1.87 -1.22
CA LEU B 496 2.46 -1.57 -0.82
C LEU B 496 1.65 -1.07 -2.02
N LEU B 497 2.26 -0.23 -2.86
CA LEU B 497 1.57 0.29 -4.03
C LEU B 497 1.26 -0.80 -5.05
N THR B 498 2.07 -1.87 -5.07
CA THR B 498 1.84 -2.92 -6.06
C THR B 498 0.52 -3.65 -5.83
N ILE B 499 0.02 -3.66 -4.59
CA ILE B 499 -1.29 -4.26 -4.35
C ILE B 499 -2.38 -3.45 -5.05
N VAL B 500 -2.30 -2.12 -4.94
CA VAL B 500 -3.24 -1.26 -5.67
C VAL B 500 -3.06 -1.43 -7.17
N PHE B 501 -1.82 -1.62 -7.62
CA PHE B 501 -1.56 -1.91 -9.03
C PHE B 501 -2.30 -3.19 -9.45
N ARG B 502 -2.26 -4.22 -8.61
CA ARG B 502 -2.93 -5.47 -8.91
C ARG B 502 -4.44 -5.28 -8.99
N THR B 503 -5.02 -4.59 -7.99
CA THR B 503 -6.47 -4.42 -7.91
C THR B 503 -6.93 -3.06 -8.42
N GLN B 504 -6.27 -2.54 -9.45
CA GLN B 504 -6.67 -1.26 -10.05
C GLN B 504 -7.62 -1.45 -11.22
N PHE B 505 -7.34 -2.41 -12.10
CA PHE B 505 -8.14 -2.66 -13.30
C PHE B 505 -8.53 -4.14 -13.32
N PRO B 506 -9.53 -4.51 -12.51
CA PRO B 506 -9.96 -5.92 -12.50
C PRO B 506 -10.60 -6.33 -13.81
N LYS B 507 -10.47 -7.62 -14.13
CA LYS B 507 -11.00 -8.16 -15.37
C LYS B 507 -12.50 -8.43 -15.20
N CYS B 508 -13.26 -7.34 -15.17
CA CYS B 508 -14.70 -7.43 -15.09
C CYS B 508 -15.27 -8.05 -16.36
N SER B 509 -16.26 -8.92 -16.21
CA SER B 509 -16.82 -9.64 -17.35
C SER B 509 -18.28 -9.95 -17.08
N THR B 510 -19.02 -10.19 -18.18
CA THR B 510 -20.41 -10.59 -18.10
C THR B 510 -20.49 -12.11 -18.02
N LEU B 511 -21.45 -12.60 -17.23
CA LEU B 511 -21.63 -14.02 -17.03
C LEU B 511 -22.88 -14.51 -17.74
N ALA B 512 -22.90 -15.83 -18.00
CA ALA B 512 -24.01 -16.46 -18.70
C ALA B 512 -24.12 -17.91 -18.27
N ASN B 513 -25.31 -18.47 -18.46
CA ASN B 513 -25.57 -19.85 -18.08
C ASN B 513 -24.94 -20.81 -19.08
N ILE B 514 -24.48 -21.95 -18.58
CA ILE B 514 -23.87 -22.99 -19.38
C ILE B 514 -24.59 -24.31 -19.11
N GLY B 515 -25.13 -24.90 -20.17
CA GLY B 515 -25.76 -26.21 -20.05
C GLY B 515 -27.06 -26.23 -19.29
N ARG B 516 -27.72 -25.08 -19.14
CA ARG B 516 -29.00 -24.97 -18.43
C ARG B 516 -28.90 -25.54 -17.02
N THR B 517 -27.84 -25.15 -16.31
CA THR B 517 -27.59 -25.59 -14.94
C THR B 517 -27.18 -24.37 -14.12
N ASN B 518 -26.69 -24.61 -12.90
CA ASN B 518 -26.28 -23.54 -12.01
C ASN B 518 -24.82 -23.14 -12.19
N ILE B 519 -24.26 -23.34 -13.39
CA ILE B 519 -22.88 -22.98 -13.69
C ILE B 519 -22.89 -21.73 -14.53
N TYR B 520 -22.26 -20.66 -14.03
CA TYR B 520 -22.17 -19.39 -14.72
C TYR B 520 -20.72 -19.01 -14.88
N LYS B 521 -20.30 -18.75 -16.12
CA LYS B 521 -18.92 -18.39 -16.41
C LYS B 521 -18.85 -17.18 -17.35
N ASN B 522 -17.64 -16.87 -17.83
CA ASN B 522 -17.43 -15.67 -18.63
C ASN B 522 -18.21 -15.75 -19.94
N LYS B 523 -18.60 -14.59 -20.46
CA LYS B 523 -19.43 -14.54 -21.65
C LYS B 523 -18.65 -14.85 -22.92
N LYS B 524 -17.35 -14.55 -22.93
CA LYS B 524 -16.51 -14.73 -24.12
C LYS B 524 -15.60 -15.94 -24.01
N ASP B 525 -16.09 -17.03 -23.43
CA ASP B 525 -15.25 -18.20 -23.20
C ASP B 525 -15.81 -19.47 -23.82
N TYR B 526 -17.14 -19.63 -23.80
CA TYR B 526 -17.78 -20.86 -24.23
C TYR B 526 -18.76 -20.59 -25.37
N TYR B 527 -19.27 -21.68 -25.94
CA TYR B 527 -20.03 -21.63 -27.20
C TYR B 527 -21.53 -21.69 -26.99
N ASP B 528 -22.02 -22.72 -26.31
CA ASP B 528 -23.46 -23.01 -26.24
C ASP B 528 -24.14 -22.32 -25.06
N MET B 529 -23.61 -21.18 -24.62
CA MET B 529 -24.17 -20.47 -23.48
C MET B 529 -25.47 -19.76 -23.85
N TYR B 530 -26.19 -19.32 -22.83
CA TYR B 530 -27.49 -18.68 -23.01
C TYR B 530 -27.76 -17.75 -21.84
N GLU B 531 -28.07 -16.49 -22.15
CA GLU B 531 -28.42 -15.54 -21.10
C GLU B 531 -29.93 -15.41 -20.97
N PRO B 532 -30.44 -15.20 -19.76
CA PRO B 532 -31.87 -14.94 -19.60
C PRO B 532 -32.27 -13.66 -20.29
N GLU B 533 -33.51 -13.62 -20.78
CA GLU B 533 -33.99 -12.46 -21.53
C GLU B 533 -34.05 -11.24 -20.63
N GLY B 534 -33.36 -10.18 -21.04
CA GLY B 534 -33.36 -8.94 -20.28
C GLY B 534 -32.71 -9.05 -18.92
N VAL B 535 -31.69 -9.91 -18.79
CA VAL B 535 -30.96 -10.08 -17.54
C VAL B 535 -29.47 -9.99 -17.84
N LYS B 536 -28.75 -9.17 -17.09
CA LYS B 536 -27.31 -9.02 -17.23
C LYS B 536 -26.64 -9.35 -15.91
N ILE B 537 -25.64 -10.21 -15.96
CA ILE B 537 -24.90 -10.64 -14.78
C ILE B 537 -23.50 -10.05 -14.86
N PHE B 538 -23.10 -9.33 -13.82
CA PHE B 538 -21.83 -8.62 -13.78
C PHE B 538 -21.00 -9.14 -12.61
N ARG B 539 -19.71 -9.37 -12.87
CA ARG B 539 -18.80 -9.91 -11.87
C ARG B 539 -17.55 -9.06 -11.79
N CYS B 540 -17.15 -8.70 -10.58
CA CYS B 540 -15.90 -7.98 -10.33
C CYS B 540 -14.95 -8.88 -9.56
N PRO B 541 -13.93 -9.46 -10.21
CA PRO B 541 -13.03 -10.42 -9.55
C PRO B 541 -11.91 -9.77 -8.75
N SER B 542 -12.25 -8.76 -7.95
CA SER B 542 -11.28 -8.08 -7.10
C SER B 542 -12.02 -7.27 -6.04
N PRO B 543 -11.42 -7.07 -4.86
CA PRO B 543 -12.05 -6.20 -3.87
C PRO B 543 -12.18 -4.77 -4.41
N ILE B 544 -13.28 -4.12 -4.04
CA ILE B 544 -13.60 -2.79 -4.52
C ILE B 544 -13.33 -1.81 -3.39
N TYR B 545 -12.43 -0.86 -3.64
CA TYR B 545 -12.09 0.15 -2.65
C TYR B 545 -11.93 1.48 -3.38
N PHE B 546 -11.28 2.45 -2.73
CA PHE B 546 -11.21 3.82 -3.24
C PHE B 546 -10.62 3.88 -4.64
N ALA B 547 -9.70 2.98 -4.97
CA ALA B 547 -9.02 2.99 -6.26
C ALA B 547 -9.71 2.13 -7.31
N ASN B 548 -10.89 1.59 -7.00
CA ASN B 548 -11.57 0.67 -7.90
C ASN B 548 -13.02 1.02 -8.19
N ILE B 549 -13.64 1.93 -7.44
CA ILE B 549 -15.07 2.17 -7.60
C ILE B 549 -15.37 2.83 -8.95
N GLY B 550 -14.54 3.77 -9.37
CA GLY B 550 -14.78 4.43 -10.64
C GLY B 550 -14.65 3.49 -11.82
N PHE B 551 -13.59 2.68 -11.82
CA PHE B 551 -13.41 1.70 -12.89
C PHE B 551 -14.54 0.67 -12.88
N PHE B 552 -14.97 0.24 -11.68
CA PHE B 552 -16.08 -0.70 -11.59
C PHE B 552 -17.36 -0.11 -12.16
N ARG B 553 -17.64 1.16 -11.84
CA ARG B 553 -18.84 1.81 -12.37
C ARG B 553 -18.77 1.95 -13.89
N ARG B 554 -17.60 2.34 -14.41
CA ARG B 554 -17.45 2.47 -15.85
C ARG B 554 -17.65 1.13 -16.55
N LYS B 555 -17.04 0.07 -16.02
CA LYS B 555 -17.19 -1.25 -16.62
C LYS B 555 -18.62 -1.75 -16.54
N LEU B 556 -19.29 -1.50 -15.41
CA LEU B 556 -20.69 -1.92 -15.28
C LEU B 556 -21.58 -1.19 -16.28
N ILE B 557 -21.36 0.13 -16.44
CA ILE B 557 -22.15 0.89 -17.40
C ILE B 557 -21.90 0.39 -18.82
N ASP B 558 -20.63 0.14 -19.16
CA ASP B 558 -20.31 -0.35 -20.50
C ASP B 558 -20.94 -1.71 -20.76
N ALA B 559 -20.89 -2.61 -19.76
CA ALA B 559 -21.48 -3.93 -19.93
C ALA B 559 -23.00 -3.85 -20.07
N VAL B 560 -23.64 -2.99 -19.27
CA VAL B 560 -25.09 -2.83 -19.35
C VAL B 560 -25.49 -2.27 -20.71
N GLY B 561 -24.76 -1.26 -21.20
CA GLY B 561 -25.02 -0.70 -22.51
C GLY B 561 -25.64 0.68 -22.50
N PHE B 562 -25.91 1.27 -21.34
CA PHE B 562 -26.48 2.61 -21.27
C PHE B 562 -26.15 3.20 -19.91
N SER B 563 -26.40 4.51 -19.79
CA SER B 563 -26.19 5.21 -18.53
C SER B 563 -27.52 5.33 -17.80
N PRO B 564 -27.67 4.72 -16.62
CA PRO B 564 -28.93 4.85 -15.89
C PRO B 564 -29.26 6.29 -15.54
N LEU B 565 -28.26 7.11 -15.22
CA LEU B 565 -28.50 8.52 -14.94
C LEU B 565 -29.03 9.23 -16.18
N ARG B 566 -28.45 8.94 -17.35
CA ARG B 566 -28.94 9.54 -18.59
C ARG B 566 -30.36 9.12 -18.88
N ILE B 567 -30.67 7.84 -18.69
CA ILE B 567 -32.03 7.35 -18.94
C ILE B 567 -33.01 8.03 -17.98
N LEU B 568 -32.64 8.15 -16.70
CA LEU B 568 -33.50 8.79 -15.72
C LEU B 568 -33.73 10.26 -16.07
N ARG B 569 -32.68 10.96 -16.47
CA ARG B 569 -32.82 12.38 -16.81
C ARG B 569 -33.71 12.56 -18.04
N LYS B 570 -33.52 11.73 -19.07
CA LYS B 570 -34.36 11.84 -20.25
C LYS B 570 -35.81 11.49 -19.94
N ARG B 571 -36.03 10.48 -19.10
CA ARG B 571 -37.40 10.13 -18.70
C ARG B 571 -38.05 11.26 -17.93
N ASN B 572 -37.30 11.91 -17.03
CA ASN B 572 -37.85 13.03 -16.27
C ASN B 572 -38.17 14.21 -17.19
N LYS B 573 -37.31 14.49 -18.16
CA LYS B 573 -37.60 15.55 -19.12
C LYS B 573 -38.85 15.25 -19.92
N ALA B 574 -38.99 14.00 -20.38
CA ALA B 574 -40.19 13.61 -21.11
C ALA B 574 -41.44 13.73 -20.24
N LEU B 575 -41.34 13.33 -18.97
CA LEU B 575 -42.47 13.46 -18.06
C LEU B 575 -42.86 14.91 -17.83
N ARG B 576 -41.86 15.78 -17.68
CA ARG B 576 -42.14 17.21 -17.49
C ARG B 576 -42.81 17.80 -18.73
N LYS B 577 -42.34 17.42 -19.92
CA LYS B 577 -42.97 17.89 -21.15
C LYS B 577 -44.40 17.39 -21.25
N ILE B 578 -44.63 16.13 -20.90
CA ILE B 578 -45.98 15.56 -20.94
C ILE B 578 -46.90 16.29 -19.97
N ARG B 579 -46.40 16.58 -18.77
CA ARG B 579 -47.20 17.30 -17.78
C ARG B 579 -47.51 18.71 -18.24
N LYS B 580 -46.54 19.38 -18.87
CA LYS B 580 -46.80 20.71 -19.41
C LYS B 580 -47.86 20.67 -20.51
N LEU B 581 -47.77 19.67 -21.39
CA LEU B 581 -48.78 19.52 -22.44
C LEU B 581 -50.16 19.25 -21.85
N GLN B 582 -50.22 18.41 -20.81
CA GLN B 582 -51.50 18.14 -20.15
C GLN B 582 -52.07 19.41 -19.51
N LYS B 583 -51.21 20.21 -18.88
CA LYS B 583 -51.66 21.49 -18.32
C LYS B 583 -52.19 22.40 -19.42
N GLN B 584 -51.51 22.44 -20.57
CA GLN B 584 -51.97 23.24 -21.70
C GLN B 584 -53.21 22.65 -22.36
N GLY B 585 -53.58 21.41 -22.02
CA GLY B 585 -54.79 20.81 -22.54
C GLY B 585 -54.61 19.95 -23.79
N LEU B 586 -53.42 19.89 -24.36
CA LEU B 586 -53.20 19.06 -25.55
C LEU B 586 -53.31 17.57 -25.24
N LEU B 587 -53.13 17.16 -23.99
CA LEU B 587 -53.16 15.76 -23.60
C LEU B 587 -54.26 15.54 -22.57
N GLN B 588 -55.29 14.79 -22.96
CA GLN B 588 -56.36 14.43 -22.05
C GLN B 588 -56.08 13.05 -21.47
N VAL B 589 -55.92 12.98 -20.15
CA VAL B 589 -55.57 11.72 -19.51
C VAL B 589 -56.79 10.80 -19.48
N THR B 590 -56.60 9.56 -19.90
CA THR B 590 -57.62 8.54 -19.94
C THR B 590 -57.10 7.29 -19.24
N PRO B 591 -58.01 6.43 -18.75
CA PRO B 591 -57.55 5.17 -18.14
C PRO B 591 -56.66 4.34 -19.06
N LYS B 592 -56.93 4.33 -20.36
CA LYS B 592 -56.14 3.58 -21.32
C LYS B 592 -55.83 4.49 -22.51
N GLY B 593 -54.56 4.90 -22.62
CA GLY B 593 -54.10 5.69 -23.73
C GLY B 593 -54.30 7.19 -23.53
N PHE B 594 -53.70 7.97 -24.43
CA PHE B 594 -53.84 9.41 -24.46
C PHE B 594 -54.51 9.81 -25.77
N ILE B 595 -55.43 10.77 -25.70
CA ILE B 595 -56.19 11.17 -26.88
C ILE B 595 -55.29 11.86 -27.89
N CYS B 596 -54.48 12.81 -27.42
CA CYS B 596 -53.52 13.54 -28.27
C CYS B 596 -54.23 14.24 -29.43
N THR B 597 -55.05 15.23 -29.06
CA THR B 597 -55.85 15.95 -30.05
C THR B 597 -55.02 16.99 -30.80
N VAL B 598 -53.87 16.56 -31.33
CA VAL B 598 -53.01 17.39 -32.17
C VAL B 598 -52.24 16.47 -33.10
N ASP B 599 -52.25 16.81 -34.40
CA ASP B 599 -51.55 15.97 -35.38
C ASP B 599 -50.04 16.01 -35.16
N THR B 600 -49.48 17.20 -34.98
CA THR B 600 -48.05 17.37 -34.82
C THR B 600 -47.77 18.76 -34.27
N ILE B 601 -46.88 18.84 -33.29
CA ILE B 601 -46.47 20.10 -32.71
C ILE B 601 -45.16 20.53 -33.34
N LYS B 602 -44.79 21.80 -33.14
CA LYS B 602 -43.58 22.37 -33.74
C LYS B 602 -42.31 21.98 -33.00
N ASP B 603 -42.39 21.04 -32.05
CA ASP B 603 -41.23 20.56 -31.30
C ASP B 603 -40.53 21.71 -30.58
N SER B 604 -41.27 22.37 -29.69
CA SER B 604 -40.77 23.50 -28.92
C SER B 604 -40.18 22.98 -27.61
N ASP B 605 -38.91 22.60 -27.66
CA ASP B 605 -38.24 22.11 -26.46
C ASP B 605 -37.98 23.25 -25.48
N GLU B 606 -37.86 22.89 -24.21
CA GLU B 606 -37.63 23.86 -23.14
C GLU B 606 -36.33 23.51 -22.41
N GLU B 607 -35.52 24.53 -22.16
CA GLU B 607 -34.26 24.37 -21.46
C GLU B 607 -34.41 24.74 -19.99
N LEU B 608 -33.57 24.15 -19.16
CA LEU B 608 -33.58 24.37 -17.72
C LEU B 608 -32.32 25.11 -17.30
N ASP B 609 -32.48 26.08 -16.40
CA ASP B 609 -31.35 26.88 -15.94
C ASP B 609 -30.47 26.07 -15.01
N ASN B 610 -29.43 26.73 -14.48
CA ASN B 610 -28.38 26.01 -13.76
C ASN B 610 -28.87 25.46 -12.43
N ASN B 611 -29.70 26.23 -11.72
CA ASN B 611 -30.11 25.87 -10.36
C ASN B 611 -31.34 24.98 -10.32
N GLN B 612 -31.87 24.57 -11.47
CA GLN B 612 -33.02 23.69 -11.52
C GLN B 612 -32.78 22.38 -12.25
N ILE B 613 -31.55 22.15 -12.72
CA ILE B 613 -31.25 20.90 -13.44
C ILE B 613 -31.22 19.69 -12.53
N GLU B 614 -31.20 19.89 -11.21
CA GLU B 614 -31.16 18.76 -10.29
C GLU B 614 -32.47 18.00 -10.29
N VAL B 615 -33.59 18.69 -10.54
CA VAL B 615 -34.90 18.07 -10.45
C VAL B 615 -35.05 16.91 -11.43
N LEU B 616 -34.22 16.85 -12.47
CA LEU B 616 -34.28 15.72 -13.39
C LEU B 616 -33.87 14.42 -12.73
N ASP B 617 -32.89 14.46 -11.82
CA ASP B 617 -32.41 13.26 -11.16
C ASP B 617 -33.38 12.70 -10.14
N GLN B 618 -34.44 13.43 -9.80
CA GLN B 618 -35.40 12.96 -8.82
C GLN B 618 -36.18 11.78 -9.38
N PRO B 619 -36.57 10.83 -8.51
CA PRO B 619 -37.34 9.67 -8.99
C PRO B 619 -38.70 10.08 -9.51
N ILE B 620 -39.18 9.32 -10.49
CA ILE B 620 -40.47 9.58 -11.12
C ILE B 620 -41.56 8.96 -10.25
N ASN B 621 -42.61 9.73 -9.95
CA ASN B 621 -43.81 9.21 -9.31
C ASN B 621 -45.03 9.67 -10.11
N THR B 622 -45.62 8.71 -10.83
CA THR B 622 -46.79 8.99 -11.67
C THR B 622 -48.06 8.49 -11.00
N THR B 623 -48.25 8.85 -9.73
CA THR B 623 -49.46 8.44 -9.03
C THR B 623 -50.66 9.29 -9.41
N ASP B 624 -50.43 10.57 -9.73
CA ASP B 624 -51.50 11.45 -10.17
C ASP B 624 -52.08 11.03 -11.52
N LEU B 625 -51.33 10.29 -12.33
CA LEU B 625 -51.82 9.84 -13.62
C LEU B 625 -52.35 8.43 -13.51
N PRO B 626 -53.65 8.20 -13.75
CA PRO B 626 -54.17 6.82 -13.71
C PRO B 626 -53.49 5.89 -14.70
N PHE B 627 -53.07 6.40 -15.85
CA PHE B 627 -52.34 5.58 -16.81
C PHE B 627 -50.95 5.29 -16.28
N HIS B 628 -50.56 4.02 -16.33
CA HIS B 628 -49.23 3.59 -15.92
C HIS B 628 -48.30 3.66 -17.13
N ILE B 629 -47.40 4.65 -17.13
CA ILE B 629 -46.53 4.87 -18.26
C ILE B 629 -45.53 3.72 -18.38
N ASP B 630 -45.47 3.11 -19.56
CA ASP B 630 -44.59 1.97 -19.77
C ASP B 630 -43.13 2.39 -19.93
N TRP B 631 -42.88 3.57 -20.49
CA TRP B 631 -41.54 4.11 -20.73
C TRP B 631 -40.73 3.26 -21.70
N ASN B 632 -41.36 2.29 -22.37
CA ASN B 632 -40.66 1.40 -23.30
C ASN B 632 -41.36 1.19 -24.62
N ASP B 633 -42.66 1.46 -24.74
CA ASP B 633 -43.39 1.17 -25.96
C ASP B 633 -43.42 2.36 -26.93
N ASP B 634 -44.01 3.48 -26.49
CA ASP B 634 -44.18 4.65 -27.34
C ASP B 634 -44.68 5.80 -26.49
N LEU B 635 -44.32 7.02 -26.88
CA LEU B 635 -44.75 8.22 -26.21
C LEU B 635 -45.41 9.17 -27.22
N PRO B 636 -46.42 9.92 -26.80
CA PRO B 636 -47.10 10.82 -27.71
C PRO B 636 -46.23 12.02 -28.10
N LEU B 637 -46.56 12.59 -29.25
CA LEU B 637 -45.92 13.81 -29.77
C LEU B 637 -44.44 13.61 -30.06
N ASN B 638 -44.03 12.36 -30.31
CA ASN B 638 -42.69 12.02 -30.78
C ASN B 638 -41.62 12.52 -29.81
N ILE B 639 -41.65 11.96 -28.60
CA ILE B 639 -40.62 12.20 -27.59
C ILE B 639 -39.65 11.03 -27.62
N GLU B 640 -38.35 11.33 -27.58
CA GLU B 640 -37.34 10.29 -27.78
C GLU B 640 -37.43 9.20 -26.71
N VAL B 641 -37.16 9.56 -25.45
CA VAL B 641 -37.23 8.64 -24.30
C VAL B 641 -36.59 7.29 -24.66
N PRO B 642 -35.26 7.23 -24.74
CA PRO B 642 -34.60 5.99 -25.18
C PRO B 642 -35.00 4.79 -24.34
N LYS B 643 -35.27 3.67 -25.02
CA LYS B 643 -35.79 2.47 -24.40
C LYS B 643 -34.65 1.58 -23.92
N ILE B 644 -34.94 0.78 -22.90
CA ILE B 644 -33.98 -0.17 -22.33
C ILE B 644 -34.64 -1.54 -22.27
N SER B 645 -33.94 -2.55 -22.78
CA SER B 645 -34.43 -3.92 -22.74
C SER B 645 -34.00 -4.67 -21.50
N LEU B 646 -33.15 -4.08 -20.66
CA LEU B 646 -32.66 -4.73 -19.45
C LEU B 646 -33.66 -4.50 -18.32
N HIS B 647 -34.20 -5.59 -17.78
CA HIS B 647 -35.20 -5.52 -16.73
C HIS B 647 -34.73 -6.16 -15.42
N SER B 648 -33.46 -6.51 -15.32
CA SER B 648 -32.90 -7.07 -14.09
C SER B 648 -31.39 -7.07 -14.20
N LEU B 649 -30.73 -6.88 -13.05
CA LEU B 649 -29.27 -6.88 -12.97
C LEU B 649 -28.83 -7.69 -11.76
N ILE B 650 -27.81 -8.52 -11.96
CA ILE B 650 -27.25 -9.35 -10.89
C ILE B 650 -25.76 -9.04 -10.79
N LEU B 651 -25.31 -8.70 -9.59
CA LEU B 651 -23.90 -8.47 -9.30
C LEU B 651 -23.33 -9.70 -8.60
N ASP B 652 -22.30 -10.30 -9.19
CA ASP B 652 -21.67 -11.50 -8.63
C ASP B 652 -20.55 -11.06 -7.69
N PHE B 653 -20.95 -10.64 -6.49
CA PHE B 653 -20.00 -10.19 -5.47
C PHE B 653 -19.46 -11.37 -4.67
N SER B 654 -18.93 -12.38 -5.38
CA SER B 654 -18.35 -13.54 -4.72
C SER B 654 -16.87 -13.33 -4.40
N ALA B 655 -16.13 -12.65 -5.28
CA ALA B 655 -14.72 -12.35 -5.06
C ALA B 655 -14.50 -10.98 -4.42
N VAL B 656 -15.56 -10.25 -4.11
CA VAL B 656 -15.43 -8.92 -3.52
C VAL B 656 -15.16 -9.09 -2.03
N SER B 657 -13.92 -8.85 -1.62
CA SER B 657 -13.53 -9.08 -0.23
C SER B 657 -14.06 -8.00 0.70
N PHE B 658 -13.98 -6.73 0.32
CA PHE B 658 -14.31 -5.66 1.25
C PHE B 658 -14.62 -4.37 0.51
N LEU B 659 -15.49 -3.56 1.12
CA LEU B 659 -15.72 -2.17 0.74
C LEU B 659 -15.56 -1.32 1.98
N ASP B 660 -15.05 -0.09 1.82
CA ASP B 660 -14.71 0.71 2.99
C ASP B 660 -15.58 1.96 3.14
N VAL B 661 -15.44 2.96 2.26
CA VAL B 661 -16.34 4.10 2.27
C VAL B 661 -16.75 4.46 0.85
N SER B 662 -15.75 4.74 0.01
CA SER B 662 -16.01 5.24 -1.34
C SER B 662 -16.72 4.20 -2.20
N SER B 663 -16.30 2.93 -2.06
CA SER B 663 -16.99 1.87 -2.79
C SER B 663 -18.43 1.73 -2.34
N VAL B 664 -18.68 1.86 -1.03
CA VAL B 664 -20.05 1.79 -0.53
C VAL B 664 -20.88 2.92 -1.11
N ARG B 665 -20.34 4.15 -1.12
CA ARG B 665 -21.08 5.28 -1.65
C ARG B 665 -21.34 5.12 -3.15
N GLY B 666 -20.34 4.66 -3.91
CA GLY B 666 -20.53 4.46 -5.33
C GLY B 666 -21.55 3.36 -5.62
N LEU B 667 -21.50 2.27 -4.87
CA LEU B 667 -22.47 1.20 -5.02
C LEU B 667 -23.87 1.69 -4.70
N LYS B 668 -24.01 2.48 -3.63
CA LYS B 668 -25.32 3.03 -3.29
C LYS B 668 -25.84 3.94 -4.39
N SER B 669 -24.98 4.80 -4.95
CA SER B 669 -25.40 5.67 -6.03
C SER B 669 -25.82 4.87 -7.26
N ILE B 670 -25.04 3.86 -7.62
CA ILE B 670 -25.37 3.04 -8.80
C ILE B 670 -26.69 2.31 -8.58
N LEU B 671 -26.88 1.72 -7.40
CA LEU B 671 -28.11 0.99 -7.12
C LEU B 671 -29.31 1.92 -7.11
N GLN B 672 -29.16 3.12 -6.54
CA GLN B 672 -30.25 4.08 -6.55
C GLN B 672 -30.60 4.50 -7.98
N GLU B 673 -29.59 4.75 -8.81
CA GLU B 673 -29.84 5.13 -10.19
C GLU B 673 -30.54 4.01 -10.94
N PHE B 674 -30.14 2.77 -10.70
CA PHE B 674 -30.78 1.64 -11.37
C PHE B 674 -32.22 1.46 -10.91
N ILE B 675 -32.45 1.47 -9.59
CA ILE B 675 -33.79 1.24 -9.08
C ILE B 675 -34.74 2.36 -9.51
N ARG B 676 -34.22 3.60 -9.59
CA ARG B 676 -35.07 4.73 -9.96
C ARG B 676 -35.56 4.67 -11.40
N ILE B 677 -34.96 3.83 -12.25
CA ILE B 677 -35.46 3.64 -13.61
C ILE B 677 -36.24 2.34 -13.75
N LYS B 678 -36.75 1.80 -12.64
CA LYS B 678 -37.63 0.64 -12.62
C LYS B 678 -36.91 -0.62 -13.12
N VAL B 679 -35.71 -0.85 -12.60
CA VAL B 679 -35.00 -2.11 -12.80
C VAL B 679 -34.44 -2.56 -11.45
N ASP B 680 -34.55 -3.85 -11.17
CA ASP B 680 -34.09 -4.39 -9.90
C ASP B 680 -32.60 -4.72 -9.96
N VAL B 681 -31.96 -4.70 -8.80
CA VAL B 681 -30.54 -5.02 -8.66
C VAL B 681 -30.40 -6.10 -7.59
N TYR B 682 -29.60 -7.12 -7.88
CA TYR B 682 -29.39 -8.23 -6.96
C TYR B 682 -27.89 -8.42 -6.73
N ILE B 683 -27.50 -8.54 -5.48
CA ILE B 683 -26.12 -8.80 -5.09
C ILE B 683 -26.03 -10.27 -4.65
N VAL B 684 -25.08 -10.99 -5.22
CA VAL B 684 -25.03 -12.45 -5.10
C VAL B 684 -23.63 -12.89 -4.72
N GLY B 685 -23.53 -13.86 -3.82
CA GLY B 685 -22.28 -14.50 -3.47
C GLY B 685 -21.68 -14.04 -2.16
N THR B 686 -22.19 -12.98 -1.56
CA THR B 686 -21.63 -12.47 -0.31
C THR B 686 -21.99 -13.39 0.84
N ASP B 687 -21.06 -13.56 1.77
CA ASP B 687 -21.29 -14.35 2.97
C ASP B 687 -21.99 -13.52 4.02
N ASP B 688 -22.16 -14.07 5.22
CA ASP B 688 -22.87 -13.36 6.28
C ASP B 688 -22.06 -12.17 6.78
N ASP B 689 -20.74 -12.31 6.85
CA ASP B 689 -19.90 -11.22 7.37
C ASP B 689 -19.96 -9.99 6.48
N PHE B 690 -20.03 -10.19 5.16
CA PHE B 690 -20.06 -9.05 4.25
C PHE B 690 -21.33 -8.23 4.43
N ILE B 691 -22.48 -8.90 4.49
CA ILE B 691 -23.74 -8.17 4.68
C ILE B 691 -23.80 -7.56 6.07
N GLU B 692 -23.25 -8.25 7.07
CA GLU B 692 -23.20 -7.67 8.41
C GLU B 692 -22.38 -6.39 8.43
N LYS B 693 -21.24 -6.38 7.75
CA LYS B 693 -20.43 -5.17 7.65
C LYS B 693 -21.15 -4.08 6.86
N LEU B 694 -21.82 -4.46 5.77
CA LEU B 694 -22.53 -3.48 4.95
C LEU B 694 -23.68 -2.84 5.70
N ASN B 695 -24.29 -3.57 6.64
CA ASN B 695 -25.39 -3.01 7.43
C ASN B 695 -24.93 -1.82 8.26
N ARG B 696 -23.65 -1.78 8.65
CA ARG B 696 -23.14 -0.69 9.46
C ARG B 696 -22.95 0.61 8.67
N TYR B 697 -22.72 0.51 7.36
CA TYR B 697 -22.47 1.68 6.52
C TYR B 697 -23.72 2.48 6.20
N GLU B 698 -24.85 2.17 6.84
CA GLU B 698 -26.14 2.78 6.51
C GLU B 698 -26.49 2.60 5.04
N PHE B 699 -26.05 1.48 4.46
CA PHE B 699 -26.29 1.23 3.05
C PHE B 699 -27.77 1.04 2.76
N PHE B 700 -28.48 0.32 3.62
CA PHE B 700 -29.88 0.02 3.38
C PHE B 700 -30.78 1.15 3.84
N ASP B 701 -31.86 1.37 3.10
CA ASP B 701 -32.82 2.43 3.38
C ASP B 701 -34.14 2.07 2.69
N GLY B 702 -35.06 3.03 2.62
CA GLY B 702 -36.36 2.77 2.03
C GLY B 702 -36.33 2.36 0.58
N GLU B 703 -35.25 2.69 -0.14
CA GLU B 703 -35.13 2.36 -1.56
C GLU B 703 -34.30 1.09 -1.77
N VAL B 704 -33.08 1.06 -1.26
CA VAL B 704 -32.19 -0.09 -1.39
C VAL B 704 -32.43 -0.98 -0.16
N LYS B 705 -33.39 -1.89 -0.29
CA LYS B 705 -33.74 -2.76 0.83
C LYS B 705 -32.66 -3.82 1.05
N SER B 706 -32.81 -4.57 2.13
CA SER B 706 -31.89 -5.65 2.48
C SER B 706 -32.27 -6.98 1.84
N SER B 707 -33.36 -7.00 1.07
CA SER B 707 -33.80 -8.22 0.39
C SER B 707 -33.20 -8.39 -1.00
N ILE B 708 -32.32 -7.47 -1.42
CA ILE B 708 -31.69 -7.57 -2.74
C ILE B 708 -30.48 -8.49 -2.74
N PHE B 709 -30.15 -9.10 -1.60
CA PHE B 709 -29.01 -10.00 -1.50
C PHE B 709 -29.49 -11.44 -1.67
N PHE B 710 -28.84 -12.18 -2.55
CA PHE B 710 -29.19 -13.56 -2.81
C PHE B 710 -27.96 -14.44 -2.66
N LEU B 711 -28.20 -15.73 -2.45
CA LEU B 711 -27.11 -16.67 -2.16
C LEU B 711 -26.25 -16.93 -3.40
N THR B 712 -26.87 -17.41 -4.48
CA THR B 712 -26.12 -17.83 -5.65
C THR B 712 -26.82 -17.32 -6.90
N ILE B 713 -26.04 -17.16 -7.97
CA ILE B 713 -26.53 -16.60 -9.23
C ILE B 713 -27.75 -17.36 -9.73
N HIS B 714 -27.76 -18.69 -9.54
CA HIS B 714 -28.89 -19.48 -10.02
C HIS B 714 -30.15 -19.19 -9.21
N ASP B 715 -30.02 -19.01 -7.90
CA ASP B 715 -31.18 -18.60 -7.11
C ASP B 715 -31.67 -17.22 -7.54
N ALA B 716 -30.75 -16.30 -7.82
CA ALA B 716 -31.16 -14.98 -8.29
C ALA B 716 -31.93 -15.08 -9.59
N VAL B 717 -31.40 -15.85 -10.54
CA VAL B 717 -32.05 -15.99 -11.85
C VAL B 717 -33.41 -16.66 -11.71
N LEU B 718 -33.48 -17.69 -10.87
CA LEU B 718 -34.76 -18.39 -10.67
C LEU B 718 -35.78 -17.48 -10.04
N HIS B 719 -35.37 -16.65 -9.07
CA HIS B 719 -36.28 -15.68 -8.48
C HIS B 719 -36.77 -14.67 -9.51
N ILE B 720 -35.86 -14.20 -10.38
CA ILE B 720 -36.25 -13.26 -11.41
C ILE B 720 -37.28 -13.89 -12.35
N LEU B 721 -37.02 -15.14 -12.77
CA LEU B 721 -37.96 -15.82 -13.66
C LEU B 721 -39.30 -16.05 -12.98
N MET B 722 -39.30 -16.42 -11.69
CA MET B 722 -40.53 -16.62 -10.96
C MET B 722 -41.33 -15.33 -10.85
N LYS B 723 -40.66 -14.22 -10.57
CA LYS B 723 -41.37 -12.94 -10.43
C LYS B 723 -41.86 -12.43 -11.78
N LYS B 724 -41.16 -12.76 -12.86
CA LYS B 724 -41.62 -12.36 -14.18
C LYS B 724 -42.82 -13.18 -14.63
N ASP B 725 -42.76 -14.49 -14.43
CA ASP B 725 -43.85 -15.38 -14.82
C ASP B 725 -43.72 -16.73 -14.12
CAA Y01 C . 3.59 9.66 14.24
CBA Y01 C . 2.93 11.00 13.93
CAB Y01 C . 2.52 11.71 15.21
CAN Y01 C . 3.82 11.90 13.08
CAJ Y01 C . 5.30 11.93 13.47
CAO Y01 C . 5.66 13.23 14.20
CBB Y01 C . 6.97 13.89 13.75
CAC Y01 C . 7.14 13.77 12.24
CBE Y01 C . 7.03 15.34 14.27
CAP Y01 C . 6.46 15.45 15.71
CAQ Y01 C . 7.39 16.37 16.52
CBG Y01 C . 8.13 17.12 15.42
CBI Y01 C . 8.39 16.07 14.34
CAE Y01 C . 9.49 15.08 14.76
CAU Y01 C . 8.82 16.86 13.10
CAS Y01 C . 10.03 17.76 13.38
CBF Y01 C . 9.84 18.72 14.57
CBD Y01 C . 9.32 17.97 15.80
CAK Y01 C . 8.95 18.96 16.90
CAI Y01 C . 9.94 20.08 17.03
CAZ Y01 C . 10.90 20.34 16.16
CAV Y01 C . 11.91 21.42 16.46
CBH Y01 C . 11.09 19.57 14.87
CAD Y01 C . 12.36 18.70 14.99
CAT Y01 C . 11.29 20.60 13.74
CAR Y01 C . 12.36 21.65 14.01
CBC Y01 C . 12.06 22.40 15.29
OAW Y01 C . 13.16 23.29 15.53
CAY Y01 C . 12.93 24.59 15.69
OAG Y01 C . 12.68 25.10 16.76
CAM Y01 C . 13.02 25.33 14.39
CAL Y01 C . 13.03 26.84 14.54
CAX Y01 C . 13.25 27.61 13.23
OAH Y01 C . 14.23 27.24 12.54
OAF Y01 C . 12.46 28.54 12.95
CAA Y01 D . 7.42 8.91 -12.69
CBA Y01 D . 8.24 9.23 -11.43
CAB Y01 D . 7.43 10.07 -10.46
CAN Y01 D . 9.56 9.92 -11.76
CAJ Y01 D . 10.35 10.42 -10.56
CAO Y01 D . 11.75 10.90 -10.95
CBB Y01 D . 12.43 11.84 -9.94
CAC Y01 D . 12.25 11.32 -8.52
CBE Y01 D . 13.89 12.11 -10.33
CAP Y01 D . 14.12 12.01 -11.87
CAQ Y01 D . 15.07 13.15 -12.26
CBG Y01 D . 15.69 13.55 -10.93
CBI Y01 D . 14.53 13.46 -9.93
CAE Y01 D . 13.51 14.57 -10.12
CAU Y01 D . 15.18 13.53 -8.54
CAS Y01 D . 16.00 14.81 -8.38
CBF Y01 D . 17.08 15.00 -9.46
CBD Y01 D . 16.49 14.84 -10.86
CAK Y01 D . 17.61 14.83 -11.90
CAI Y01 D . 18.66 15.85 -11.64
CAZ Y01 D . 18.79 16.52 -10.49
CAV Y01 D . 20.00 17.40 -10.27
CBH Y01 D . 17.89 16.31 -9.29
CAD Y01 D . 16.98 17.54 -9.15
CAT Y01 D . 18.79 16.19 -8.04
CAR Y01 D . 20.24 15.80 -8.33
CBC Y01 D . 20.94 16.82 -9.21
OAW Y01 D . 21.45 17.85 -8.35
CAY Y01 D . 22.71 18.25 -8.51
OAG Y01 D . 23.34 18.08 -9.53
CAM Y01 D . 23.21 18.95 -7.27
CAL Y01 D . 24.48 19.75 -7.51
CAX Y01 D . 25.04 20.44 -6.24
OAH Y01 D . 25.86 21.36 -6.46
OAF Y01 D . 24.64 20.04 -5.14
CAA Y01 E . -23.34 18.85 9.85
CBA Y01 E . -23.30 18.92 11.36
CAB Y01 E . -23.31 17.52 11.96
CAN Y01 E . -22.09 19.71 11.87
CAJ Y01 E . -21.73 19.48 13.34
CAO Y01 E . -21.01 20.69 13.95
CBB Y01 E . -19.57 20.46 14.46
CAC Y01 E . -19.19 18.99 14.42
CBE Y01 E . -18.58 21.37 13.72
CAP Y01 E . -19.28 22.50 12.92
CAQ Y01 E . -18.40 23.77 13.04
CBG Y01 E . -17.08 23.22 13.57
CBI Y01 E . -17.49 22.11 14.54
CAE Y01 E . -18.10 22.67 15.83
CAU Y01 E . -16.20 21.32 14.84
CAS Y01 E . -15.09 22.22 15.37
CBF Y01 E . -14.78 23.44 14.49
CBD Y01 E . -16.05 24.19 14.11
CAK Y01 E . -15.73 25.26 13.06
CAI Y01 E . -14.50 26.02 13.38
CAZ Y01 E . -13.57 25.65 14.27
CAV Y01 E . -12.38 26.53 14.54
CBH Y01 E . -13.70 24.38 15.10
CAD Y01 E . -14.03 24.76 16.55
CAT Y01 E . -12.33 23.66 15.05
CAR Y01 E . -11.15 24.54 15.41
CBC Y01 E . -11.09 25.74 14.48
OAW Y01 E . -9.99 26.57 14.90
CAY Y01 E . -8.76 26.06 15.00
OAG Y01 E . -8.26 25.33 14.17
CAM Y01 E . -8.11 26.48 16.29
CAL Y01 E . -8.13 27.99 16.50
CAX Y01 E . -6.96 28.75 15.84
OAH Y01 E . -6.50 28.23 14.81
OAF Y01 E . -6.57 29.81 16.37
C1 CLR F . 11.16 15.86 -16.25
C2 CLR F . 9.84 15.15 -16.50
C3 CLR F . 9.42 14.36 -15.29
C4 CLR F . 9.31 15.28 -14.08
C5 CLR F . 10.59 16.05 -13.84
C6 CLR F . 11.02 16.26 -12.60
C7 CLR F . 12.18 17.12 -12.22
C8 CLR F . 12.73 17.98 -13.38
C9 CLR F . 12.62 17.23 -14.70
C10 CLR F . 11.16 16.80 -15.02
C11 CLR F . 13.29 18.02 -15.84
C12 CLR F . 14.73 18.44 -15.52
C13 CLR F . 14.84 19.20 -14.20
C14 CLR F . 14.18 18.32 -13.13
C15 CLR F . 14.56 18.97 -11.80
C16 CLR F . 15.98 19.51 -12.06
C17 CLR F . 16.25 19.34 -13.59
C18 CLR F . 14.17 20.58 -14.30
C19 CLR F . 10.27 18.02 -15.30
C20 CLR F . 17.20 20.43 -14.14
C21 CLR F . 18.10 19.92 -15.26
C22 CLR F . 18.04 21.04 -12.99
C23 CLR F . 19.54 20.76 -13.01
C24 CLR F . 20.26 21.53 -11.90
C25 CLR F . 21.76 21.66 -12.07
C26 CLR F . 22.45 20.31 -11.85
C27 CLR F . 22.36 22.71 -11.14
O1 CLR F . 8.19 13.72 -15.57
C1 CLR G . 2.41 21.22 19.73
C2 CLR G . 1.58 19.97 19.97
C3 CLR G . 1.84 18.93 18.90
C4 CLR G . 3.32 18.60 18.86
C5 CLR G . 4.18 19.83 18.67
C6 CLR G . 5.06 19.88 17.68
C7 CLR G . 5.98 21.04 17.41
C8 CLR G . 6.02 22.02 18.59
C9 CLR G . 4.62 22.27 19.12
C10 CLR G . 3.93 20.97 19.64
C11 CLR G . 4.60 23.42 20.14
C12 CLR G . 5.33 24.69 19.68
C13 CLR G . 6.77 24.39 19.24
C14 CLR G . 6.65 23.33 18.14
C15 CLR G . 8.03 23.30 17.49
C16 CLR G . 8.41 24.79 17.46
C17 CLR G . 7.51 25.53 18.48
C18 CLR G . 7.61 23.91 20.42
C19 CLR G . 4.46 20.57 21.02
C20 CLR G . 8.30 26.57 19.29
C21 CLR G . 7.42 27.68 19.87
C22 CLR G . 9.44 27.16 18.44
C23 CLR G . 9.19 28.54 17.83
C24 CLR G . 10.37 28.98 16.98
C25 CLR G . 10.27 30.41 16.41
C26 CLR G . 11.48 30.72 15.54
C27 CLR G . 10.13 31.46 17.51
O1 CLR G . 1.05 17.79 19.17
CAA Y01 H . 4.50 2.53 16.15
CBA Y01 H . 5.20 3.54 15.24
CAB Y01 H . 6.35 2.86 14.48
CAN Y01 H . 5.74 4.75 16.02
CAJ Y01 H . 6.56 5.74 15.21
CAO Y01 H . 6.84 7.03 15.98
CBB Y01 H . 7.95 7.91 15.40
CAC Y01 H . 7.73 8.10 13.90
CBE Y01 H . 8.05 9.24 16.17
CAP Y01 H . 7.47 9.14 17.61
CAQ Y01 H . 8.29 10.07 18.51
CBG Y01 H . 9.12 10.88 17.51
CBI Y01 H . 9.44 9.88 16.40
CAE Y01 H . 10.43 8.80 16.85
CAU Y01 H . 10.02 10.70 15.24
CAS Y01 H . 11.24 11.51 15.68
CBF Y01 H . 10.98 12.43 16.87
CBD Y01 H . 10.30 11.68 18.03
CAK Y01 H . 9.85 12.67 19.09
CAI Y01 H . 10.85 13.75 19.35
CAZ Y01 H . 11.91 14.01 18.58
CAV Y01 H . 12.91 15.06 19.00
CBH Y01 H . 12.24 13.20 17.34
CAD Y01 H . 13.39 12.25 17.69
CAT Y01 H . 12.69 14.17 16.23
CAR Y01 H . 13.75 15.17 16.66
CBC Y01 H . 13.26 15.98 17.84
OAW Y01 H . 14.32 16.88 18.22
CAY Y01 H . 14.02 18.08 18.71
OAG Y01 H . 13.35 18.25 19.70
CAM Y01 H . 14.62 19.18 17.87
CAL Y01 H . 15.81 19.87 18.52
CAX Y01 H . 16.60 20.78 17.57
OAH Y01 H . 17.53 21.44 18.11
OAF Y01 H . 16.30 20.79 16.37
CAA Y01 I . 13.20 7.06 -9.50
CBA Y01 I . 14.40 6.33 -8.90
CAB Y01 I . 15.46 6.06 -9.96
CAN Y01 I . 15.00 7.10 -7.71
CAJ Y01 I . 15.23 8.60 -7.94
CAO Y01 I . 16.71 8.94 -8.10
CBB Y01 I . 17.22 10.06 -7.20
CAC Y01 I . 16.70 9.88 -5.78
CBE Y01 I . 18.76 10.15 -7.28
CAP Y01 I . 19.24 10.00 -8.75
CAQ Y01 I . 20.35 11.04 -8.98
CBG Y01 I . 20.79 11.37 -7.57
CBI Y01 I . 19.50 11.41 -6.76
CAE Y01 I . 18.66 12.66 -7.06
CAU Y01 I . 19.93 11.40 -5.28
CAS Y01 I . 20.88 12.55 -4.96
CBF Y01 I . 22.11 12.63 -5.87
CBD Y01 I . 21.72 12.56 -7.36
CAK Y01 I . 22.96 12.43 -8.22
CAI Y01 I . 24.04 13.38 -7.81
CAZ Y01 I . 24.04 14.06 -6.67
CAV Y01 I . 25.16 15.03 -6.39
CBH Y01 I . 23.03 13.83 -5.55
CAD Y01 I . 22.22 15.14 -5.36
CAT Y01 I . 23.83 13.54 -4.26
CAR Y01 I . 24.88 14.58 -3.93
CBC Y01 I . 25.88 14.71 -5.08
OAW Y01 I . 26.79 15.76 -4.74
CAY Y01 I . 28.09 15.49 -4.56
OAG Y01 I . 28.90 15.50 -5.46
CAM Y01 I . 28.38 15.16 -3.11
CAL Y01 I . 29.86 15.04 -2.80
CAX Y01 I . 30.19 14.79 -1.32
OAH Y01 I . 29.65 15.58 -0.51
OAF Y01 I . 30.94 13.84 -1.04
CAA Y01 J . 21.77 -22.33 -10.07
CBA Y01 J . 20.83 -21.22 -10.50
CAB Y01 J . 19.88 -21.70 -11.59
CAN Y01 J . 21.58 -19.97 -10.98
CAJ Y01 J . 22.28 -20.11 -12.32
CAO Y01 J . 22.79 -18.77 -12.85
CBB Y01 J . 23.97 -18.15 -12.09
CAC Y01 J . 25.12 -19.17 -12.02
CBE Y01 J . 24.40 -16.81 -12.70
CAP Y01 J . 23.24 -16.13 -13.49
CAQ Y01 J . 23.46 -14.61 -13.39
CBG Y01 J . 24.84 -14.50 -12.74
CBI Y01 J . 24.92 -15.69 -11.77
CAE Y01 J . 23.98 -15.52 -10.57
CAU Y01 J . 26.38 -15.78 -11.33
CAS Y01 J . 26.86 -14.47 -10.70
CBF Y01 J . 26.67 -13.23 -11.57
CBD Y01 J . 25.24 -13.15 -12.14
CAK Y01 J . 25.16 -12.05 -13.19
CAI Y01 J . 25.87 -10.81 -12.77
CAZ Y01 J . 26.66 -10.71 -11.71
CAV Y01 J . 27.18 -9.37 -11.28
CBH Y01 J . 27.10 -11.91 -10.88
CAD Y01 J . 26.46 -11.78 -9.48
CAT Y01 J . 28.63 -11.87 -10.76
CAR Y01 J . 29.32 -10.70 -11.46
CBC Y01 J . 28.69 -9.36 -11.14
OAW Y01 J . 29.07 -9.01 -9.78
CAY Y01 J . 29.78 -7.90 -9.56
OAG Y01 J . 30.94 -7.90 -9.23
CAM Y01 J . 28.95 -6.67 -9.79
CAL Y01 J . 29.32 -5.48 -8.92
CAX Y01 J . 30.48 -4.61 -9.47
OAH Y01 J . 31.61 -5.13 -9.45
OAF Y01 J . 30.19 -3.46 -9.87
C1 CLR K . 25.42 6.47 -12.44
C2 CLR K . 24.28 5.77 -13.19
C3 CLR K . 23.04 5.71 -12.32
C4 CLR K . 22.64 7.12 -11.90
C5 CLR K . 23.75 7.86 -11.22
C6 CLR K . 23.55 8.47 -10.06
C7 CLR K . 24.57 9.24 -9.30
C8 CLR K . 25.82 9.55 -10.13
C9 CLR K . 26.21 8.34 -10.97
C10 CLR K . 25.09 7.90 -11.95
C11 CLR K . 27.57 8.57 -11.67
C12 CLR K . 28.67 9.02 -10.72
C13 CLR K . 28.29 10.27 -9.92
C14 CLR K . 26.98 9.93 -9.21
C15 CLR K . 26.78 11.06 -8.21
C16 CLR K . 28.20 11.30 -7.69
C17 CLR K . 29.18 10.63 -8.70
C18 CLR K . 28.15 11.48 -10.84
C19 CLR K . 24.96 8.84 -13.15
C20 CLR K . 30.45 11.48 -8.90
C21 CLR K . 31.57 10.77 -9.66
C22 CLR K . 30.97 11.96 -7.54
C23 CLR K . 32.35 12.62 -7.56
C24 CLR K . 33.02 12.58 -6.19
C25 CLR K . 32.47 13.56 -5.15
C26 CLR K . 32.64 14.99 -5.63
C27 CLR K . 33.12 13.38 -3.79
O1 CLR K . 22.02 5.05 -13.03
C1 CLR L . 10.24 5.96 21.70
C2 CLR L . 9.48 4.67 21.45
C3 CLR L . 9.36 4.40 19.96
C4 CLR L . 10.75 4.34 19.34
C5 CLR L . 11.56 5.58 19.63
C6 CLR L . 12.25 6.19 18.67
C7 CLR L . 13.14 7.36 18.87
C8 CLR L . 13.45 7.66 20.32
C9 CLR L . 12.22 7.44 21.21
C10 CLR L . 11.66 5.99 21.09
C11 CLR L . 12.47 7.89 22.65
C12 CLR L . 13.01 9.31 22.76
C13 CLR L . 14.29 9.51 21.92
C14 CLR L . 13.94 9.09 20.49
C15 CLR L . 15.12 9.55 19.66
C16 CLR L . 15.54 10.87 20.34
C17 CLR L . 14.74 10.97 21.67
C18 CLR L . 15.45 8.69 22.50
C19 CLR L . 12.56 4.98 21.82
C20 CLR L . 15.52 11.74 22.75
C21 CLR L . 14.66 12.25 23.89
C22 CLR L . 16.30 12.91 22.11
C23 CLR L . 15.48 14.17 21.84
C24 CLR L . 16.35 15.36 21.47
C25 CLR L . 17.15 15.98 22.62
C26 CLR L . 16.22 16.29 23.79
C27 CLR L . 17.89 17.24 22.20
O1 CLR L . 8.65 3.19 19.77
#